data_5S95
# 
_entry.id   5S95 
# 
_audit_conform.dict_name       mmcif_pdbx.dic 
_audit_conform.dict_version    5.387 
_audit_conform.dict_location   http://mmcif.pdb.org/dictionaries/ascii/mmcif_pdbx.dic 
# 
loop_
_database_2.database_id 
_database_2.database_code 
_database_2.pdbx_database_accession 
_database_2.pdbx_DOI 
PDB   5S95         pdb_00005s95 10.2210/pdb5s95/pdb 
WWPDB D_1001404214 ?            ?                   
# 
loop_
_pdbx_audit_revision_history.ordinal 
_pdbx_audit_revision_history.data_content_type 
_pdbx_audit_revision_history.major_revision 
_pdbx_audit_revision_history.minor_revision 
_pdbx_audit_revision_history.revision_date 
1 'Structure model' 1 0 2021-02-17 
2 'Structure model' 1 1 2024-03-06 
# 
_pdbx_audit_revision_details.ordinal             1 
_pdbx_audit_revision_details.revision_ordinal    1 
_pdbx_audit_revision_details.data_content_type   'Structure model' 
_pdbx_audit_revision_details.provider            repository 
_pdbx_audit_revision_details.type                'Initial release' 
_pdbx_audit_revision_details.description         ? 
_pdbx_audit_revision_details.details             ? 
# 
loop_
_pdbx_audit_revision_group.ordinal 
_pdbx_audit_revision_group.revision_ordinal 
_pdbx_audit_revision_group.data_content_type 
_pdbx_audit_revision_group.group 
1 2 'Structure model' 'Data collection'     
2 2 'Structure model' 'Database references' 
# 
loop_
_pdbx_audit_revision_category.ordinal 
_pdbx_audit_revision_category.revision_ordinal 
_pdbx_audit_revision_category.data_content_type 
_pdbx_audit_revision_category.category 
1 2 'Structure model' chem_comp_atom 
2 2 'Structure model' chem_comp_bond 
3 2 'Structure model' database_2     
# 
loop_
_pdbx_audit_revision_item.ordinal 
_pdbx_audit_revision_item.revision_ordinal 
_pdbx_audit_revision_item.data_content_type 
_pdbx_audit_revision_item.item 
1 2 'Structure model' '_database_2.pdbx_DOI'                
2 2 'Structure model' '_database_2.pdbx_database_accession' 
# 
_pdbx_database_status.entry_id                        5S95 
_pdbx_database_status.status_code                     REL 
_pdbx_database_status.status_code_sf                  REL 
_pdbx_database_status.status_code_mr                  ? 
_pdbx_database_status.status_code_cs                  ? 
_pdbx_database_status.recvd_initial_deposition_date   2021-01-22 
_pdbx_database_status.status_code_nmr_data            ? 
_pdbx_database_status.deposit_site                    RCSB 
_pdbx_database_status.process_site                    RCSB 
_pdbx_database_status.SG_entry                        ? 
_pdbx_database_status.pdb_format_compatible           Y 
_pdbx_database_status.methods_development_category    ? 
# 
loop_
_audit_author.name 
_audit_author.pdbx_ordinal 
_audit_author.identifier_ORCID 
'Grosjean, H.'     1  ? 
'Aimon, A.'        2  ? 
'Hassel-Hart , S.' 3  ? 
'Krojer, T.'       4  ? 
'Talon, R.'        5  ? 
'Douangamath, A.'  6  ? 
'Koekemoer, L.'    7  ? 
'Biggin, P.C.'     8  ? 
'Spencer, J.'      9  ? 
'von Delft, F.'    10 ? 
# 
_citation.id                        primary 
_citation.title                     
;Crystal Structures of the second bromodomain of Pleckstrin homology domain interacting protein (PHIP) in space group C2 soaked with crude reaction mixtures
;
_citation.journal_abbrev            'To Be Published' 
_citation.journal_volume            ? 
_citation.page_first                ? 
_citation.page_last                 ? 
_citation.year                      ? 
_citation.journal_id_ASTM           ? 
_citation.country                   ? 
_citation.journal_id_ISSN           ? 
_citation.journal_id_CSD            0353 
_citation.book_publisher            ? 
_citation.pdbx_database_id_PubMed   ? 
_citation.pdbx_database_id_DOI      ? 
# 
loop_
_citation_author.citation_id 
_citation_author.name 
_citation_author.identifier_ORCID 
_citation_author.ordinal 
primary 'Grosjean, H.'    ? 1  
primary 'Aimon, A.'       ? 2  
primary 'Hart , S.'       ? 3  
primary 'Krojer, T.'      ? 4  
primary 'Talon, R.'       ? 5  
primary 'Douangamath, A.' ? 6  
primary 'Koekemoer, L.'   ? 7  
primary 'Biggin, P.C.'    ? 8  
primary 'Spencer, J.'     ? 9  
primary 'von Delft, F.'   ? 10 
# 
loop_
_entity.id 
_entity.type 
_entity.src_method 
_entity.pdbx_description 
_entity.formula_weight 
_entity.pdbx_number_of_molecules 
_entity.pdbx_ec 
_entity.pdbx_mutation 
_entity.pdbx_fragment 
_entity.details 
1 polymer     man 'PH-interacting protein'                                                     17627.859 1   ? ? ? ? 
2 non-polymer syn '4-(5-chlorofuran-2-carbonyl)-N-(cyclopropylmethyl)piperazine-1-carboxamide' 311.764   1   ? ? ? ? 
3 water       nat water                                                                        18.015    191 ? ? ? ? 
# 
_entity_name_com.entity_id   1 
_entity_name_com.name        
'PHIP,DDB1- and CUL4-associated factor 14,IRS-1 PH domain-binding protein,WD repeat-containing protein 11' 
# 
_entity_poly.entity_id                      1 
_entity_poly.type                           'polypeptide(L)' 
_entity_poly.nstd_linkage                   no 
_entity_poly.nstd_monomer                   no 
_entity_poly.pdbx_seq_one_letter_code       
;MHHHHHHSSGVDLGTENLYFQSMSYDIQAWKKQCEELLNLIFQCEDSEPFRQPVDLLEYPDYRDIIDTPMDFATVRETLE
AGNYESPMELCKDVRLIFSNSKAYTPSKRSRIYSMSLRLSAFFEEHISSVLSDYKSALRFHKRNTITKR
;
_entity_poly.pdbx_seq_one_letter_code_can   
;MHHHHHHSSGVDLGTENLYFQSMSYDIQAWKKQCEELLNLIFQCEDSEPFRQPVDLLEYPDYRDIIDTPMDFATVRETLE
AGNYESPMELCKDVRLIFSNSKAYTPSKRSRIYSMSLRLSAFFEEHISSVLSDYKSALRFHKRNTITKR
;
_entity_poly.pdbx_strand_id                 A 
_entity_poly.pdbx_target_identifier         ? 
# 
loop_
_pdbx_entity_nonpoly.entity_id 
_pdbx_entity_nonpoly.name 
_pdbx_entity_nonpoly.comp_id 
2 '4-(5-chlorofuran-2-carbonyl)-N-(cyclopropylmethyl)piperazine-1-carboxamide' XZV 
3 water                                                                        HOH 
# 
loop_
_entity_poly_seq.entity_id 
_entity_poly_seq.num 
_entity_poly_seq.mon_id 
_entity_poly_seq.hetero 
1 1   MET n 
1 2   HIS n 
1 3   HIS n 
1 4   HIS n 
1 5   HIS n 
1 6   HIS n 
1 7   HIS n 
1 8   SER n 
1 9   SER n 
1 10  GLY n 
1 11  VAL n 
1 12  ASP n 
1 13  LEU n 
1 14  GLY n 
1 15  THR n 
1 16  GLU n 
1 17  ASN n 
1 18  LEU n 
1 19  TYR n 
1 20  PHE n 
1 21  GLN n 
1 22  SER n 
1 23  MET n 
1 24  SER n 
1 25  TYR n 
1 26  ASP n 
1 27  ILE n 
1 28  GLN n 
1 29  ALA n 
1 30  TRP n 
1 31  LYS n 
1 32  LYS n 
1 33  GLN n 
1 34  CYS n 
1 35  GLU n 
1 36  GLU n 
1 37  LEU n 
1 38  LEU n 
1 39  ASN n 
1 40  LEU n 
1 41  ILE n 
1 42  PHE n 
1 43  GLN n 
1 44  CYS n 
1 45  GLU n 
1 46  ASP n 
1 47  SER n 
1 48  GLU n 
1 49  PRO n 
1 50  PHE n 
1 51  ARG n 
1 52  GLN n 
1 53  PRO n 
1 54  VAL n 
1 55  ASP n 
1 56  LEU n 
1 57  LEU n 
1 58  GLU n 
1 59  TYR n 
1 60  PRO n 
1 61  ASP n 
1 62  TYR n 
1 63  ARG n 
1 64  ASP n 
1 65  ILE n 
1 66  ILE n 
1 67  ASP n 
1 68  THR n 
1 69  PRO n 
1 70  MET n 
1 71  ASP n 
1 72  PHE n 
1 73  ALA n 
1 74  THR n 
1 75  VAL n 
1 76  ARG n 
1 77  GLU n 
1 78  THR n 
1 79  LEU n 
1 80  GLU n 
1 81  ALA n 
1 82  GLY n 
1 83  ASN n 
1 84  TYR n 
1 85  GLU n 
1 86  SER n 
1 87  PRO n 
1 88  MET n 
1 89  GLU n 
1 90  LEU n 
1 91  CYS n 
1 92  LYS n 
1 93  ASP n 
1 94  VAL n 
1 95  ARG n 
1 96  LEU n 
1 97  ILE n 
1 98  PHE n 
1 99  SER n 
1 100 ASN n 
1 101 SER n 
1 102 LYS n 
1 103 ALA n 
1 104 TYR n 
1 105 THR n 
1 106 PRO n 
1 107 SER n 
1 108 LYS n 
1 109 ARG n 
1 110 SER n 
1 111 ARG n 
1 112 ILE n 
1 113 TYR n 
1 114 SER n 
1 115 MET n 
1 116 SER n 
1 117 LEU n 
1 118 ARG n 
1 119 LEU n 
1 120 SER n 
1 121 ALA n 
1 122 PHE n 
1 123 PHE n 
1 124 GLU n 
1 125 GLU n 
1 126 HIS n 
1 127 ILE n 
1 128 SER n 
1 129 SER n 
1 130 VAL n 
1 131 LEU n 
1 132 SER n 
1 133 ASP n 
1 134 TYR n 
1 135 LYS n 
1 136 SER n 
1 137 ALA n 
1 138 LEU n 
1 139 ARG n 
1 140 PHE n 
1 141 HIS n 
1 142 LYS n 
1 143 ARG n 
1 144 ASN n 
1 145 THR n 
1 146 ILE n 
1 147 THR n 
1 148 LYS n 
1 149 ARG n 
# 
_entity_src_gen.entity_id                          1 
_entity_src_gen.pdbx_src_id                        1 
_entity_src_gen.pdbx_alt_source_flag               sample 
_entity_src_gen.pdbx_seq_type                      'Biological sequence' 
_entity_src_gen.pdbx_beg_seq_num                   1 
_entity_src_gen.pdbx_end_seq_num                   149 
_entity_src_gen.gene_src_common_name               Human 
_entity_src_gen.gene_src_genus                     ? 
_entity_src_gen.pdbx_gene_src_gene                 'PHIP, DCAF14, WDR11' 
_entity_src_gen.gene_src_species                   ? 
_entity_src_gen.gene_src_strain                    ? 
_entity_src_gen.gene_src_tissue                    ? 
_entity_src_gen.gene_src_tissue_fraction           ? 
_entity_src_gen.gene_src_details                   ? 
_entity_src_gen.pdbx_gene_src_fragment             ? 
_entity_src_gen.pdbx_gene_src_scientific_name      'Homo sapiens' 
_entity_src_gen.pdbx_gene_src_ncbi_taxonomy_id     9606 
_entity_src_gen.pdbx_gene_src_variant              ? 
_entity_src_gen.pdbx_gene_src_cell_line            ? 
_entity_src_gen.pdbx_gene_src_atcc                 ? 
_entity_src_gen.pdbx_gene_src_organ                ? 
_entity_src_gen.pdbx_gene_src_organelle            ? 
_entity_src_gen.pdbx_gene_src_cell                 ? 
_entity_src_gen.pdbx_gene_src_cellular_location    ? 
_entity_src_gen.host_org_common_name               ? 
_entity_src_gen.pdbx_host_org_scientific_name      'Escherichia coli' 
_entity_src_gen.pdbx_host_org_ncbi_taxonomy_id     562 
_entity_src_gen.host_org_genus                     ? 
_entity_src_gen.pdbx_host_org_gene                 ? 
_entity_src_gen.pdbx_host_org_organ                ? 
_entity_src_gen.host_org_species                   ? 
_entity_src_gen.pdbx_host_org_tissue               ? 
_entity_src_gen.pdbx_host_org_tissue_fraction      ? 
_entity_src_gen.pdbx_host_org_strain               ? 
_entity_src_gen.pdbx_host_org_variant              ? 
_entity_src_gen.pdbx_host_org_cell_line            ? 
_entity_src_gen.pdbx_host_org_atcc                 ? 
_entity_src_gen.pdbx_host_org_culture_collection   ? 
_entity_src_gen.pdbx_host_org_cell                 ? 
_entity_src_gen.pdbx_host_org_organelle            ? 
_entity_src_gen.pdbx_host_org_cellular_location    ? 
_entity_src_gen.pdbx_host_org_vector_type          ? 
_entity_src_gen.pdbx_host_org_vector               ? 
_entity_src_gen.host_org_details                   ? 
_entity_src_gen.expression_system_id               ? 
_entity_src_gen.plasmid_name                       ? 
_entity_src_gen.plasmid_details                    ? 
_entity_src_gen.pdbx_description                   ? 
# 
loop_
_chem_comp.id 
_chem_comp.type 
_chem_comp.mon_nstd_flag 
_chem_comp.name 
_chem_comp.pdbx_synonyms 
_chem_comp.formula 
_chem_comp.formula_weight 
ALA 'L-peptide linking' y ALANINE                                                                      ? 'C3 H7 N O2'       89.093 
ARG 'L-peptide linking' y ARGININE                                                                     ? 'C6 H15 N4 O2 1'   
175.209 
ASN 'L-peptide linking' y ASPARAGINE                                                                   ? 'C4 H8 N2 O3'      
132.118 
ASP 'L-peptide linking' y 'ASPARTIC ACID'                                                              ? 'C4 H7 N O4'       
133.103 
CYS 'L-peptide linking' y CYSTEINE                                                                     ? 'C3 H7 N O2 S'     
121.158 
GLN 'L-peptide linking' y GLUTAMINE                                                                    ? 'C5 H10 N2 O3'     
146.144 
GLU 'L-peptide linking' y 'GLUTAMIC ACID'                                                              ? 'C5 H9 N O4'       
147.129 
GLY 'peptide linking'   y GLYCINE                                                                      ? 'C2 H5 N O2'       75.067 
HIS 'L-peptide linking' y HISTIDINE                                                                    ? 'C6 H10 N3 O2 1'   
156.162 
HOH non-polymer         . WATER                                                                        ? 'H2 O'             18.015 
ILE 'L-peptide linking' y ISOLEUCINE                                                                   ? 'C6 H13 N O2'      
131.173 
LEU 'L-peptide linking' y LEUCINE                                                                      ? 'C6 H13 N O2'      
131.173 
LYS 'L-peptide linking' y LYSINE                                                                       ? 'C6 H15 N2 O2 1'   
147.195 
MET 'L-peptide linking' y METHIONINE                                                                   ? 'C5 H11 N O2 S'    
149.211 
PHE 'L-peptide linking' y PHENYLALANINE                                                                ? 'C9 H11 N O2'      
165.189 
PRO 'L-peptide linking' y PROLINE                                                                      ? 'C5 H9 N O2'       
115.130 
SER 'L-peptide linking' y SERINE                                                                       ? 'C3 H7 N O3'       
105.093 
THR 'L-peptide linking' y THREONINE                                                                    ? 'C4 H9 N O3'       
119.119 
TRP 'L-peptide linking' y TRYPTOPHAN                                                                   ? 'C11 H12 N2 O2'    
204.225 
TYR 'L-peptide linking' y TYROSINE                                                                     ? 'C9 H11 N O3'      
181.189 
VAL 'L-peptide linking' y VALINE                                                                       ? 'C5 H11 N O2'      
117.146 
XZV non-polymer         . '4-(5-chlorofuran-2-carbonyl)-N-(cyclopropylmethyl)piperazine-1-carboxamide' ? 'C14 H18 Cl N3 O3' 
311.764 
# 
loop_
_pdbx_poly_seq_scheme.asym_id 
_pdbx_poly_seq_scheme.entity_id 
_pdbx_poly_seq_scheme.seq_id 
_pdbx_poly_seq_scheme.mon_id 
_pdbx_poly_seq_scheme.ndb_seq_num 
_pdbx_poly_seq_scheme.pdb_seq_num 
_pdbx_poly_seq_scheme.auth_seq_num 
_pdbx_poly_seq_scheme.pdb_mon_id 
_pdbx_poly_seq_scheme.auth_mon_id 
_pdbx_poly_seq_scheme.pdb_strand_id 
_pdbx_poly_seq_scheme.pdb_ins_code 
_pdbx_poly_seq_scheme.hetero 
A 1 1   MET 1   1292 ?    ?   ?   A . n 
A 1 2   HIS 2   1293 ?    ?   ?   A . n 
A 1 3   HIS 3   1294 ?    ?   ?   A . n 
A 1 4   HIS 4   1295 ?    ?   ?   A . n 
A 1 5   HIS 5   1296 ?    ?   ?   A . n 
A 1 6   HIS 6   1297 ?    ?   ?   A . n 
A 1 7   HIS 7   1298 ?    ?   ?   A . n 
A 1 8   SER 8   1299 ?    ?   ?   A . n 
A 1 9   SER 9   1300 ?    ?   ?   A . n 
A 1 10  GLY 10  1301 ?    ?   ?   A . n 
A 1 11  VAL 11  1302 ?    ?   ?   A . n 
A 1 12  ASP 12  1303 ?    ?   ?   A . n 
A 1 13  LEU 13  1304 ?    ?   ?   A . n 
A 1 14  GLY 14  1305 ?    ?   ?   A . n 
A 1 15  THR 15  1306 ?    ?   ?   A . n 
A 1 16  GLU 16  1307 ?    ?   ?   A . n 
A 1 17  ASN 17  1308 ?    ?   ?   A . n 
A 1 18  LEU 18  1309 ?    ?   ?   A . n 
A 1 19  TYR 19  1310 ?    ?   ?   A . n 
A 1 20  PHE 20  1311 ?    ?   ?   A . n 
A 1 21  GLN 21  1312 ?    ?   ?   A . n 
A 1 22  SER 22  1313 ?    ?   ?   A . n 
A 1 23  MET 23  1314 ?    ?   ?   A . n 
A 1 24  SER 24  1315 ?    ?   ?   A . n 
A 1 25  TYR 25  1316 1316 TYR TYR A . n 
A 1 26  ASP 26  1317 1317 ASP ASP A . n 
A 1 27  ILE 27  1318 1318 ILE ILE A . n 
A 1 28  GLN 28  1319 1319 GLN GLN A . n 
A 1 29  ALA 29  1320 1320 ALA ALA A . n 
A 1 30  TRP 30  1321 1321 TRP TRP A . n 
A 1 31  LYS 31  1322 1322 LYS LYS A . n 
A 1 32  LYS 32  1323 1323 LYS LYS A . n 
A 1 33  GLN 33  1324 1324 GLN GLN A . n 
A 1 34  CYS 34  1325 1325 CYS CYS A . n 
A 1 35  GLU 35  1326 1326 GLU GLU A . n 
A 1 36  GLU 36  1327 1327 GLU GLU A . n 
A 1 37  LEU 37  1328 1328 LEU LEU A . n 
A 1 38  LEU 38  1329 1329 LEU LEU A . n 
A 1 39  ASN 39  1330 1330 ASN ASN A . n 
A 1 40  LEU 40  1331 1331 LEU LEU A . n 
A 1 41  ILE 41  1332 1332 ILE ILE A . n 
A 1 42  PHE 42  1333 1333 PHE PHE A . n 
A 1 43  GLN 43  1334 1334 GLN GLN A . n 
A 1 44  CYS 44  1335 1335 CYS CYS A . n 
A 1 45  GLU 45  1336 1336 GLU GLU A . n 
A 1 46  ASP 46  1337 1337 ASP ASP A . n 
A 1 47  SER 47  1338 1338 SER SER A . n 
A 1 48  GLU 48  1339 1339 GLU GLU A . n 
A 1 49  PRO 49  1340 1340 PRO PRO A . n 
A 1 50  PHE 50  1341 1341 PHE PHE A . n 
A 1 51  ARG 51  1342 1342 ARG ARG A . n 
A 1 52  GLN 52  1343 1343 GLN GLN A . n 
A 1 53  PRO 53  1344 1344 PRO PRO A . n 
A 1 54  VAL 54  1345 1345 VAL VAL A . n 
A 1 55  ASP 55  1346 1346 ASP ASP A . n 
A 1 56  LEU 56  1347 1347 LEU LEU A . n 
A 1 57  LEU 57  1348 1348 LEU LEU A . n 
A 1 58  GLU 58  1349 1349 GLU GLU A . n 
A 1 59  TYR 59  1350 1350 TYR TYR A . n 
A 1 60  PRO 60  1351 1351 PRO PRO A . n 
A 1 61  ASP 61  1352 1352 ASP ASP A . n 
A 1 62  TYR 62  1353 1353 TYR TYR A . n 
A 1 63  ARG 63  1354 1354 ARG ARG A . n 
A 1 64  ASP 64  1355 1355 ASP ASP A . n 
A 1 65  ILE 65  1356 1356 ILE ILE A . n 
A 1 66  ILE 66  1357 1357 ILE ILE A . n 
A 1 67  ASP 67  1358 1358 ASP ASP A . n 
A 1 68  THR 68  1359 1359 THR THR A . n 
A 1 69  PRO 69  1360 1360 PRO PRO A . n 
A 1 70  MET 70  1361 1361 MET MET A . n 
A 1 71  ASP 71  1362 1362 ASP ASP A . n 
A 1 72  PHE 72  1363 1363 PHE PHE A . n 
A 1 73  ALA 73  1364 1364 ALA ALA A . n 
A 1 74  THR 74  1365 1365 THR THR A . n 
A 1 75  VAL 75  1366 1366 VAL VAL A . n 
A 1 76  ARG 76  1367 1367 ARG ARG A . n 
A 1 77  GLU 77  1368 1368 GLU GLU A . n 
A 1 78  THR 78  1369 1369 THR THR A . n 
A 1 79  LEU 79  1370 1370 LEU LEU A . n 
A 1 80  GLU 80  1371 1371 GLU GLU A . n 
A 1 81  ALA 81  1372 1372 ALA ALA A . n 
A 1 82  GLY 82  1373 1373 GLY GLY A . n 
A 1 83  ASN 83  1374 1374 ASN ASN A . n 
A 1 84  TYR 84  1375 1375 TYR TYR A . n 
A 1 85  GLU 85  1376 1376 GLU GLU A . n 
A 1 86  SER 86  1377 1377 SER SER A . n 
A 1 87  PRO 87  1378 1378 PRO PRO A . n 
A 1 88  MET 88  1379 1379 MET MET A . n 
A 1 89  GLU 89  1380 1380 GLU GLU A . n 
A 1 90  LEU 90  1381 1381 LEU LEU A . n 
A 1 91  CYS 91  1382 1382 CYS CYS A . n 
A 1 92  LYS 92  1383 1383 LYS LYS A . n 
A 1 93  ASP 93  1384 1384 ASP ASP A . n 
A 1 94  VAL 94  1385 1385 VAL VAL A . n 
A 1 95  ARG 95  1386 1386 ARG ARG A . n 
A 1 96  LEU 96  1387 1387 LEU LEU A . n 
A 1 97  ILE 97  1388 1388 ILE ILE A . n 
A 1 98  PHE 98  1389 1389 PHE PHE A . n 
A 1 99  SER 99  1390 1390 SER SER A . n 
A 1 100 ASN 100 1391 1391 ASN ASN A . n 
A 1 101 SER 101 1392 1392 SER SER A . n 
A 1 102 LYS 102 1393 1393 LYS LYS A . n 
A 1 103 ALA 103 1394 1394 ALA ALA A . n 
A 1 104 TYR 104 1395 1395 TYR TYR A . n 
A 1 105 THR 105 1396 1396 THR THR A . n 
A 1 106 PRO 106 1397 1397 PRO PRO A . n 
A 1 107 SER 107 1398 1398 SER SER A . n 
A 1 108 LYS 108 1399 1399 LYS LYS A . n 
A 1 109 ARG 109 1400 1400 ARG ARG A . n 
A 1 110 SER 110 1401 1401 SER SER A . n 
A 1 111 ARG 111 1402 1402 ARG ARG A . n 
A 1 112 ILE 112 1403 1403 ILE ILE A . n 
A 1 113 TYR 113 1404 1404 TYR TYR A . n 
A 1 114 SER 114 1405 1405 SER SER A . n 
A 1 115 MET 115 1406 1406 MET MET A . n 
A 1 116 SER 116 1407 1407 SER SER A . n 
A 1 117 LEU 117 1408 1408 LEU LEU A . n 
A 1 118 ARG 118 1409 1409 ARG ARG A . n 
A 1 119 LEU 119 1410 1410 LEU LEU A . n 
A 1 120 SER 120 1411 1411 SER SER A . n 
A 1 121 ALA 121 1412 1412 ALA ALA A . n 
A 1 122 PHE 122 1413 1413 PHE PHE A . n 
A 1 123 PHE 123 1414 1414 PHE PHE A . n 
A 1 124 GLU 124 1415 1415 GLU GLU A . n 
A 1 125 GLU 125 1416 1416 GLU GLU A . n 
A 1 126 HIS 126 1417 1417 HIS HIS A . n 
A 1 127 ILE 127 1418 1418 ILE ILE A . n 
A 1 128 SER 128 1419 1419 SER SER A . n 
A 1 129 SER 129 1420 1420 SER SER A . n 
A 1 130 VAL 130 1421 1421 VAL VAL A . n 
A 1 131 LEU 131 1422 1422 LEU LEU A . n 
A 1 132 SER 132 1423 1423 SER SER A . n 
A 1 133 ASP 133 1424 1424 ASP ASP A . n 
A 1 134 TYR 134 1425 1425 TYR TYR A . n 
A 1 135 LYS 135 1426 1426 LYS LYS A . n 
A 1 136 SER 136 1427 1427 SER SER A . n 
A 1 137 ALA 137 1428 1428 ALA ALA A . n 
A 1 138 LEU 138 1429 1429 LEU LEU A . n 
A 1 139 ARG 139 1430 1430 ARG ARG A . n 
A 1 140 PHE 140 1431 1431 PHE PHE A . n 
A 1 141 HIS 141 1432 1432 HIS HIS A . n 
A 1 142 LYS 142 1433 1433 LYS LYS A . n 
A 1 143 ARG 143 1434 1434 ARG ARG A . n 
A 1 144 ASN 144 1435 ?    ?   ?   A . n 
A 1 145 THR 145 1436 ?    ?   ?   A . n 
A 1 146 ILE 146 1437 ?    ?   ?   A . n 
A 1 147 THR 147 1438 ?    ?   ?   A . n 
A 1 148 LYS 148 1439 ?    ?   ?   A . n 
A 1 149 ARG 149 1440 ?    ?   ?   A . n 
# 
loop_
_pdbx_nonpoly_scheme.asym_id 
_pdbx_nonpoly_scheme.entity_id 
_pdbx_nonpoly_scheme.mon_id 
_pdbx_nonpoly_scheme.ndb_seq_num 
_pdbx_nonpoly_scheme.pdb_seq_num 
_pdbx_nonpoly_scheme.auth_seq_num 
_pdbx_nonpoly_scheme.pdb_mon_id 
_pdbx_nonpoly_scheme.auth_mon_id 
_pdbx_nonpoly_scheme.pdb_strand_id 
_pdbx_nonpoly_scheme.pdb_ins_code 
B 2 XZV 1   1501 1501 XZV LIG A . 
C 3 HOH 1   1601 154  HOH HOH A . 
C 3 HOH 2   1602 197  HOH HOH A . 
C 3 HOH 3   1603 89   HOH HOH A . 
C 3 HOH 4   1604 98   HOH HOH A . 
C 3 HOH 5   1605 151  HOH HOH A . 
C 3 HOH 6   1606 172  HOH HOH A . 
C 3 HOH 7   1607 85   HOH HOH A . 
C 3 HOH 8   1608 144  HOH HOH A . 
C 3 HOH 9   1609 41   HOH HOH A . 
C 3 HOH 10  1610 180  HOH HOH A . 
C 3 HOH 11  1611 183  HOH HOH A . 
C 3 HOH 12  1612 7    HOH HOH A . 
C 3 HOH 13  1613 128  HOH HOH A . 
C 3 HOH 14  1614 149  HOH HOH A . 
C 3 HOH 15  1615 160  HOH HOH A . 
C 3 HOH 16  1616 187  HOH HOH A . 
C 3 HOH 17  1617 70   HOH HOH A . 
C 3 HOH 18  1618 10   HOH HOH A . 
C 3 HOH 19  1619 184  HOH HOH A . 
C 3 HOH 20  1620 124  HOH HOH A . 
C 3 HOH 21  1621 17   HOH HOH A . 
C 3 HOH 22  1622 121  HOH HOH A . 
C 3 HOH 23  1623 12   HOH HOH A . 
C 3 HOH 24  1624 94   HOH HOH A . 
C 3 HOH 25  1625 55   HOH HOH A . 
C 3 HOH 26  1626 179  HOH HOH A . 
C 3 HOH 27  1627 33   HOH HOH A . 
C 3 HOH 28  1628 195  HOH HOH A . 
C 3 HOH 29  1629 76   HOH HOH A . 
C 3 HOH 30  1630 140  HOH HOH A . 
C 3 HOH 31  1631 31   HOH HOH A . 
C 3 HOH 32  1632 101  HOH HOH A . 
C 3 HOH 33  1633 25   HOH HOH A . 
C 3 HOH 34  1634 171  HOH HOH A . 
C 3 HOH 35  1635 123  HOH HOH A . 
C 3 HOH 36  1636 84   HOH HOH A . 
C 3 HOH 37  1637 162  HOH HOH A . 
C 3 HOH 38  1638 21   HOH HOH A . 
C 3 HOH 39  1639 83   HOH HOH A . 
C 3 HOH 40  1640 16   HOH HOH A . 
C 3 HOH 41  1641 50   HOH HOH A . 
C 3 HOH 42  1642 9    HOH HOH A . 
C 3 HOH 43  1643 182  HOH HOH A . 
C 3 HOH 44  1644 176  HOH HOH A . 
C 3 HOH 45  1645 92   HOH HOH A . 
C 3 HOH 46  1646 167  HOH HOH A . 
C 3 HOH 47  1647 3    HOH HOH A . 
C 3 HOH 48  1648 4    HOH HOH A . 
C 3 HOH 49  1649 130  HOH HOH A . 
C 3 HOH 50  1650 141  HOH HOH A . 
C 3 HOH 51  1651 20   HOH HOH A . 
C 3 HOH 52  1652 129  HOH HOH A . 
C 3 HOH 53  1653 62   HOH HOH A . 
C 3 HOH 54  1654 82   HOH HOH A . 
C 3 HOH 55  1655 39   HOH HOH A . 
C 3 HOH 56  1656 45   HOH HOH A . 
C 3 HOH 57  1657 75   HOH HOH A . 
C 3 HOH 58  1658 56   HOH HOH A . 
C 3 HOH 59  1659 77   HOH HOH A . 
C 3 HOH 60  1660 80   HOH HOH A . 
C 3 HOH 61  1661 1    HOH HOH A . 
C 3 HOH 62  1662 14   HOH HOH A . 
C 3 HOH 63  1663 36   HOH HOH A . 
C 3 HOH 64  1664 28   HOH HOH A . 
C 3 HOH 65  1665 26   HOH HOH A . 
C 3 HOH 66  1666 65   HOH HOH A . 
C 3 HOH 67  1667 139  HOH HOH A . 
C 3 HOH 68  1668 54   HOH HOH A . 
C 3 HOH 69  1669 19   HOH HOH A . 
C 3 HOH 70  1670 35   HOH HOH A . 
C 3 HOH 71  1671 71   HOH HOH A . 
C 3 HOH 72  1672 100  HOH HOH A . 
C 3 HOH 73  1673 64   HOH HOH A . 
C 3 HOH 74  1674 5    HOH HOH A . 
C 3 HOH 75  1675 11   HOH HOH A . 
C 3 HOH 76  1676 122  HOH HOH A . 
C 3 HOH 77  1677 143  HOH HOH A . 
C 3 HOH 78  1678 178  HOH HOH A . 
C 3 HOH 79  1679 69   HOH HOH A . 
C 3 HOH 80  1680 23   HOH HOH A . 
C 3 HOH 81  1681 86   HOH HOH A . 
C 3 HOH 82  1682 59   HOH HOH A . 
C 3 HOH 83  1683 52   HOH HOH A . 
C 3 HOH 84  1684 60   HOH HOH A . 
C 3 HOH 85  1685 105  HOH HOH A . 
C 3 HOH 86  1686 63   HOH HOH A . 
C 3 HOH 87  1687 66   HOH HOH A . 
C 3 HOH 88  1688 191  HOH HOH A . 
C 3 HOH 89  1689 6    HOH HOH A . 
C 3 HOH 90  1690 108  HOH HOH A . 
C 3 HOH 91  1691 15   HOH HOH A . 
C 3 HOH 92  1692 29   HOH HOH A . 
C 3 HOH 93  1693 152  HOH HOH A . 
C 3 HOH 94  1694 44   HOH HOH A . 
C 3 HOH 95  1695 27   HOH HOH A . 
C 3 HOH 96  1696 163  HOH HOH A . 
C 3 HOH 97  1697 106  HOH HOH A . 
C 3 HOH 98  1698 161  HOH HOH A . 
C 3 HOH 99  1699 119  HOH HOH A . 
C 3 HOH 100 1700 157  HOH HOH A . 
C 3 HOH 101 1701 113  HOH HOH A . 
C 3 HOH 102 1702 37   HOH HOH A . 
C 3 HOH 103 1703 177  HOH HOH A . 
C 3 HOH 104 1704 138  HOH HOH A . 
C 3 HOH 105 1705 42   HOH HOH A . 
C 3 HOH 106 1706 131  HOH HOH A . 
C 3 HOH 107 1707 40   HOH HOH A . 
C 3 HOH 108 1708 135  HOH HOH A . 
C 3 HOH 109 1709 90   HOH HOH A . 
C 3 HOH 110 1710 120  HOH HOH A . 
C 3 HOH 111 1711 38   HOH HOH A . 
C 3 HOH 112 1712 67   HOH HOH A . 
C 3 HOH 113 1713 116  HOH HOH A . 
C 3 HOH 114 1714 95   HOH HOH A . 
C 3 HOH 115 1715 91   HOH HOH A . 
C 3 HOH 116 1716 48   HOH HOH A . 
C 3 HOH 117 1717 202  HOH HOH A . 
C 3 HOH 118 1718 88   HOH HOH A . 
C 3 HOH 119 1719 158  HOH HOH A . 
C 3 HOH 120 1720 81   HOH HOH A . 
C 3 HOH 121 1721 2    HOH HOH A . 
C 3 HOH 122 1722 72   HOH HOH A . 
C 3 HOH 123 1723 49   HOH HOH A . 
C 3 HOH 124 1724 127  HOH HOH A . 
C 3 HOH 125 1725 22   HOH HOH A . 
C 3 HOH 126 1726 96   HOH HOH A . 
C 3 HOH 127 1727 137  HOH HOH A . 
C 3 HOH 128 1728 125  HOH HOH A . 
C 3 HOH 129 1729 134  HOH HOH A . 
C 3 HOH 130 1730 117  HOH HOH A . 
C 3 HOH 131 1731 133  HOH HOH A . 
C 3 HOH 132 1732 159  HOH HOH A . 
C 3 HOH 133 1733 145  HOH HOH A . 
C 3 HOH 134 1734 174  HOH HOH A . 
C 3 HOH 135 1735 34   HOH HOH A . 
C 3 HOH 136 1736 109  HOH HOH A . 
C 3 HOH 137 1737 57   HOH HOH A . 
C 3 HOH 138 1738 118  HOH HOH A . 
C 3 HOH 139 1739 13   HOH HOH A . 
C 3 HOH 140 1740 136  HOH HOH A . 
C 3 HOH 141 1741 165  HOH HOH A . 
C 3 HOH 142 1742 53   HOH HOH A . 
C 3 HOH 143 1743 181  HOH HOH A . 
C 3 HOH 144 1744 153  HOH HOH A . 
C 3 HOH 145 1745 146  HOH HOH A . 
C 3 HOH 146 1746 150  HOH HOH A . 
C 3 HOH 147 1747 74   HOH HOH A . 
C 3 HOH 148 1748 126  HOH HOH A . 
C 3 HOH 149 1749 173  HOH HOH A . 
C 3 HOH 150 1750 132  HOH HOH A . 
C 3 HOH 151 1751 156  HOH HOH A . 
C 3 HOH 152 1752 175  HOH HOH A . 
C 3 HOH 153 1753 164  HOH HOH A . 
C 3 HOH 154 1754 166  HOH HOH A . 
C 3 HOH 155 1755 115  HOH HOH A . 
C 3 HOH 156 1756 8    HOH HOH A . 
C 3 HOH 157 1757 199  HOH HOH A . 
C 3 HOH 158 1758 185  HOH HOH A . 
C 3 HOH 159 1759 114  HOH HOH A . 
C 3 HOH 160 1760 186  HOH HOH A . 
C 3 HOH 161 1761 198  HOH HOH A . 
C 3 HOH 162 1762 30   HOH HOH A . 
C 3 HOH 163 1763 61   HOH HOH A . 
C 3 HOH 164 1764 107  HOH HOH A . 
C 3 HOH 165 1765 190  HOH HOH A . 
C 3 HOH 166 1766 104  HOH HOH A . 
C 3 HOH 167 1767 51   HOH HOH A . 
C 3 HOH 168 1768 188  HOH HOH A . 
C 3 HOH 169 1769 170  HOH HOH A . 
C 3 HOH 170 1770 110  HOH HOH A . 
C 3 HOH 171 1771 193  HOH HOH A . 
C 3 HOH 172 1772 112  HOH HOH A . 
C 3 HOH 173 1773 168  HOH HOH A . 
C 3 HOH 174 1774 68   HOH HOH A . 
C 3 HOH 175 1775 99   HOH HOH A . 
C 3 HOH 176 1776 78   HOH HOH A . 
C 3 HOH 177 1777 102  HOH HOH A . 
C 3 HOH 178 1778 103  HOH HOH A . 
C 3 HOH 179 1779 73   HOH HOH A . 
C 3 HOH 180 1780 46   HOH HOH A . 
C 3 HOH 181 1781 148  HOH HOH A . 
C 3 HOH 182 1782 201  HOH HOH A . 
C 3 HOH 183 1783 196  HOH HOH A . 
C 3 HOH 184 1784 200  HOH HOH A . 
C 3 HOH 185 1785 192  HOH HOH A . 
C 3 HOH 186 1786 97   HOH HOH A . 
C 3 HOH 187 1787 111  HOH HOH A . 
C 3 HOH 188 1788 87   HOH HOH A . 
C 3 HOH 189 1789 189  HOH HOH A . 
C 3 HOH 190 1790 203  HOH HOH A . 
C 3 HOH 191 1791 79   HOH HOH A . 
# 
loop_
_pdbx_unobs_or_zero_occ_atoms.id 
_pdbx_unobs_or_zero_occ_atoms.PDB_model_num 
_pdbx_unobs_or_zero_occ_atoms.polymer_flag 
_pdbx_unobs_or_zero_occ_atoms.occupancy_flag 
_pdbx_unobs_or_zero_occ_atoms.auth_asym_id 
_pdbx_unobs_or_zero_occ_atoms.auth_comp_id 
_pdbx_unobs_or_zero_occ_atoms.auth_seq_id 
_pdbx_unobs_or_zero_occ_atoms.PDB_ins_code 
_pdbx_unobs_or_zero_occ_atoms.auth_atom_id 
_pdbx_unobs_or_zero_occ_atoms.label_alt_id 
_pdbx_unobs_or_zero_occ_atoms.label_asym_id 
_pdbx_unobs_or_zero_occ_atoms.label_comp_id 
_pdbx_unobs_or_zero_occ_atoms.label_seq_id 
_pdbx_unobs_or_zero_occ_atoms.label_atom_id 
1 1 Y 1 A LYS 1323 ? CE ? A LYS 32 CE 
2 1 Y 1 A LYS 1323 ? NZ ? A LYS 32 NZ 
# 
loop_
_software.pdbx_ordinal 
_software.name 
_software.version 
_software.date 
_software.type 
_software.contact_author 
_software.contact_author_email 
_software.classification 
_software.location 
_software.language 
_software.citation_id 
1 REFMAC      5.8.0267 ?               program 'Garib N. Murshudov' garib@ysbl.york.ac.uk    refinement        
http://www.ccp4.ac.uk/dist/html/refmac5.html        Fortran_77 ? 
2 Aimless     0.7.4    13/12/18        program 'Phil Evans'         ?                        'data scaling'    
http://www.mrc-lmb.cam.ac.uk/harry/pre/aimless.html ?          ? 
3 PDB_EXTRACT 3.23     'SEP. 23, 2016' package PDB                  deposit@deposit.rcsb.org 'data extraction' 
http://sw-tools.pdb.org/apps/PDB_EXTRACT/           C++        ? 
4 XDS         .        ?               program ?                    ?                        'data reduction'  ? ?          ? 
5 REFMAC      .        ?               program ?                    ?                        phasing           ? ?          ? 
# 
_cell.entry_id           5S95 
_cell.length_a           81.650 
_cell.length_b           26.930 
_cell.length_c           55.637 
_cell.angle_alpha        90.000 
_cell.angle_beta         100.180 
_cell.angle_gamma        90.000 
_cell.Z_PDB              4 
_cell.pdbx_unique_axis   ? 
# 
_symmetry.entry_id                         5S95 
_symmetry.space_group_name_H-M             'C 1 2 1' 
_symmetry.pdbx_full_space_group_name_H-M   ? 
_symmetry.cell_setting                     ? 
_symmetry.Int_Tables_number                5 
# 
_exptl.crystals_number   1 
_exptl.entry_id          5S95 
_exptl.method            'X-RAY DIFFRACTION' 
# 
_exptl_crystal.id                    1 
_exptl_crystal.pdbx_mosaicity        0.000 
_exptl_crystal.pdbx_mosaicity_esd    ? 
_exptl_crystal.density_Matthews      1.71 
_exptl_crystal.density_diffrn        ? 
_exptl_crystal.density_meas          ? 
_exptl_crystal.density_meas_temp     ? 
_exptl_crystal.density_percent_sol   27.97 
_exptl_crystal.size_max              ? 
_exptl_crystal.size_mid              ? 
_exptl_crystal.size_min              ? 
_exptl_crystal.size_rad              ? 
_exptl_crystal.description           ? 
_exptl_crystal.preparation           ? 
# 
_exptl_crystal_grow.crystal_id      1 
_exptl_crystal_grow.method          'VAPOR DIFFUSION, SITTING DROP' 
_exptl_crystal_grow.pH              5.6 
_exptl_crystal_grow.temp            277 
_exptl_crystal_grow.pdbx_details    '20% PEG 8000, 0.04M POTASSIUM PHOSPHATE' 
_exptl_crystal_grow.temp_details    ? 
_exptl_crystal_grow.pdbx_pH_range   ? 
# 
_diffrn.id                               1 
_diffrn.ambient_temp                     100 
_diffrn.crystal_id                       1 
_diffrn.ambient_temp_details             ? 
_diffrn.pdbx_serial_crystal_experiment   ? 
# 
_diffrn_detector.detector               PIXEL 
_diffrn_detector.type                   'DECTRIS PILATUS 6M' 
_diffrn_detector.pdbx_collection_date   2020-08-11 
_diffrn_detector.diffrn_id              1 
_diffrn_detector.details                ? 
# 
_diffrn_radiation.diffrn_id                        1 
_diffrn_radiation.wavelength_id                    1 
_diffrn_radiation.pdbx_diffrn_protocol             'SINGLE WAVELENGTH' 
_diffrn_radiation.pdbx_monochromatic_or_laue_m_l   ? 
_diffrn_radiation.monochromator                    ? 
_diffrn_radiation.pdbx_scattering_type             x-ray 
# 
_diffrn_radiation_wavelength.id           1 
_diffrn_radiation_wavelength.wavelength   0.9126 
_diffrn_radiation_wavelength.wt           1.0 
# 
_diffrn_source.diffrn_id                   1 
_diffrn_source.source                      SYNCHROTRON 
_diffrn_source.type                        'DIAMOND BEAMLINE I04-1' 
_diffrn_source.pdbx_wavelength_list        0.9126 
_diffrn_source.pdbx_synchrotron_site       Diamond 
_diffrn_source.pdbx_synchrotron_beamline   I04-1 
_diffrn_source.pdbx_wavelength             ? 
# 
_reflns.entry_id                     5S95 
_reflns.pdbx_diffrn_id               1 
_reflns.pdbx_ordinal                 1 
_reflns.observed_criterion_sigma_I   ? 
_reflns.observed_criterion_sigma_F   ? 
_reflns.d_resolution_low             54.750 
_reflns.d_resolution_high            1.210 
_reflns.number_obs                   33987 
_reflns.number_all                   ? 
_reflns.percent_possible_obs         92.700 
_reflns.pdbx_Rmerge_I_obs            0.048 
_reflns.pdbx_Rsym_value              ? 
_reflns.pdbx_netI_over_sigmaI        8.400 
_reflns.B_iso_Wilson_estimate        ? 
_reflns.pdbx_redundancy              2.600 
_reflns.pdbx_Rrim_I_all              0.059 
_reflns.pdbx_Rpim_I_all              0.033 
_reflns.pdbx_CC_half                 0.998 
_reflns.pdbx_netI_over_av_sigmaI     ? 
_reflns.pdbx_number_measured_all     89125 
_reflns.pdbx_scaling_rejects         106 
_reflns.pdbx_chi_squared             ? 
_reflns.Rmerge_F_all                 ? 
_reflns.Rmerge_F_obs                 ? 
_reflns.observed_criterion_F_max     ? 
_reflns.observed_criterion_F_min     ? 
_reflns.observed_criterion_I_max     ? 
_reflns.observed_criterion_I_min     ? 
_reflns.pdbx_d_res_high_opt          ? 
_reflns.pdbx_d_res_low_opt           ? 
_reflns.details                      ? 
_reflns.pdbx_CC_star                 ? 
# 
loop_
_reflns_shell.pdbx_diffrn_id 
_reflns_shell.pdbx_ordinal 
_reflns_shell.d_res_high 
_reflns_shell.d_res_low 
_reflns_shell.number_measured_obs 
_reflns_shell.number_measured_all 
_reflns_shell.number_unique_obs 
_reflns_shell.pdbx_rejects 
_reflns_shell.Rmerge_I_obs 
_reflns_shell.meanI_over_sigI_obs 
_reflns_shell.pdbx_Rsym_value 
_reflns_shell.pdbx_chi_squared 
_reflns_shell.pdbx_redundancy 
_reflns_shell.percent_possible_obs 
_reflns_shell.pdbx_netI_over_sigmaI_obs 
_reflns_shell.number_possible 
_reflns_shell.number_unique_all 
_reflns_shell.Rmerge_F_all 
_reflns_shell.Rmerge_F_obs 
_reflns_shell.Rmerge_I_all 
_reflns_shell.meanI_over_sigI_all 
_reflns_shell.percent_possible_all 
_reflns_shell.pdbx_Rrim_I_all 
_reflns_shell.pdbx_Rpim_I_all 
_reflns_shell.pdbx_CC_half 
_reflns_shell.pdbx_CC_star 
1 1 1.210 1.230  ? 1251 ? ? 1.222 ? ? ? 1.300 ? 0.500  ? 998 ? ? ? ? 56.200 1.690 1.164 0.267 ? 
1 2 6.630 54.750 ? 779  ? ? 0.031 ? ? ? 3.000 ? 30.300 ? 258 ? ? ? ? 99.800 0.037 0.021 0.997 ? 
# 
_refine.entry_id                                 5S95 
_refine.pdbx_refine_id                           'X-RAY DIFFRACTION' 
_refine.ls_d_res_high                            1.2100 
_refine.ls_d_res_low                             54.7600 
_refine.pdbx_ls_sigma_F                          0.000 
_refine.pdbx_data_cutoff_high_absF               ? 
_refine.pdbx_data_cutoff_low_absF                ? 
_refine.ls_percent_reflns_obs                    90.7600 
_refine.ls_number_reflns_obs                     31710 
_refine.ls_number_reflns_all                     ? 
_refine.pdbx_ls_cross_valid_method               THROUGHOUT 
_refine.ls_matrix_type                           ? 
_refine.pdbx_R_Free_selection_details            RANDOM 
_refine.details                                  
'HYDROGENS HAVE BEEN ADDED IN THE RIDING POSITIONS U VALUES      : REFINED INDIVIDUALLY' 
_refine.ls_R_factor_all                          ? 
_refine.ls_R_factor_obs                          0.1845 
_refine.ls_R_factor_R_work                       0.1832 
_refine.ls_wR_factor_R_work                      ? 
_refine.ls_R_factor_R_free                       0.2082 
_refine.ls_wR_factor_R_free                      ? 
_refine.ls_percent_reflns_R_free                 5.0000 
_refine.ls_number_reflns_R_free                  1666 
_refine.ls_number_reflns_R_work                  ? 
_refine.ls_R_factor_R_free_error                 ? 
_refine.B_iso_mean                               17.8110 
_refine.solvent_model_param_bsol                 ? 
_refine.solvent_model_param_ksol                 ? 
_refine.pdbx_isotropic_thermal_model             ? 
_refine.aniso_B[1][1]                            0.0200 
_refine.aniso_B[2][2]                            0.9900 
_refine.aniso_B[3][3]                            -0.9900 
_refine.aniso_B[1][2]                            -0.0000 
_refine.aniso_B[1][3]                            0.1100 
_refine.aniso_B[2][3]                            0.0000 
_refine.correlation_coeff_Fo_to_Fc               0.9730 
_refine.correlation_coeff_Fo_to_Fc_free          0.9640 
_refine.overall_SU_R_Cruickshank_DPI             ? 
_refine.pdbx_overall_SU_R_free_Cruickshank_DPI   ? 
_refine.pdbx_overall_SU_R_Blow_DPI               ? 
_refine.pdbx_overall_SU_R_free_Blow_DPI          ? 
_refine.overall_SU_R_free                        ? 
_refine.pdbx_overall_ESU_R                       0.0580 
_refine.pdbx_overall_ESU_R_Free                  0.0590 
_refine.overall_SU_ML                            0.0570 
_refine.overall_SU_B                             1.4200 
_refine.solvent_model_details                    MASK 
_refine.pdbx_solvent_vdw_probe_radii             1.2000 
_refine.pdbx_solvent_ion_probe_radii             0.8000 
_refine.pdbx_solvent_shrinkage_radii             0.8000 
_refine.ls_number_parameters                     ? 
_refine.ls_number_restraints                     ? 
_refine.pdbx_starting_model                      5RJI 
_refine.pdbx_method_to_determine_struct          'FOURIER SYNTHESIS' 
_refine.pdbx_stereochemistry_target_values       'MAXIMUM LIKELIHOOD' 
_refine.pdbx_stereochem_target_val_spec_case     ? 
_refine.overall_FOM_work_R_set                   ? 
_refine.B_iso_max                                55.570 
_refine.B_iso_min                                10.710 
_refine.pdbx_overall_phase_error                 ? 
_refine.occupancy_max                            ? 
_refine.occupancy_min                            ? 
_refine.pdbx_diffrn_id                           1 
_refine.pdbx_TLS_residual_ADP_flag               ? 
_refine.pdbx_ls_sigma_I                          ? 
_refine.pdbx_data_cutoff_high_rms_absF           ? 
_refine.ls_R_factor_R_free_error_details         ? 
# 
_refine_hist.cycle_id                         final 
_refine_hist.pdbx_refine_id                   'X-RAY DIFFRACTION' 
_refine_hist.d_res_high                       1.2100 
_refine_hist.d_res_low                        54.7600 
_refine_hist.pdbx_number_atoms_ligand         21 
_refine_hist.number_atoms_solvent             191 
_refine_hist.number_atoms_total               1202 
_refine_hist.pdbx_number_residues_total       119 
_refine_hist.pdbx_B_iso_mean_ligand           22.48 
_refine_hist.pdbx_B_iso_mean_solvent          29.94 
_refine_hist.pdbx_number_atoms_protein        990 
_refine_hist.pdbx_number_atoms_nucleic_acid   0 
# 
loop_
_refine_ls_restr.pdbx_refine_id 
_refine_ls_restr.type 
_refine_ls_restr.number 
_refine_ls_restr.dev_ideal 
_refine_ls_restr.dev_ideal_target 
_refine_ls_restr.weight 
_refine_ls_restr.pdbx_restraint_function 
'X-RAY DIFFRACTION' r_bond_refined_d       1628 0.011  0.014  ? ? 
'X-RAY DIFFRACTION' r_bond_other_d         1272 0.001  0.017  ? ? 
'X-RAY DIFFRACTION' r_angle_refined_deg    1936 1.704  1.664  ? ? 
'X-RAY DIFFRACTION' r_angle_other_deg      2979 1.582  1.613  ? ? 
'X-RAY DIFFRACTION' r_dihedral_angle_1_deg 184  5.040  5.000  ? ? 
'X-RAY DIFFRACTION' r_dihedral_angle_2_deg 71   25.589 22.113 ? ? 
'X-RAY DIFFRACTION' r_dihedral_angle_3_deg 237  12.679 15.000 ? ? 
'X-RAY DIFFRACTION' r_dihedral_angle_4_deg 9    10.262 15.000 ? ? 
'X-RAY DIFFRACTION' r_chiral_restr         179  0.097  0.200  ? ? 
'X-RAY DIFFRACTION' r_gen_planes_refined   1743 0.009  0.020  ? ? 
'X-RAY DIFFRACTION' r_gen_planes_other     331  0.002  0.020  ? ? 
'X-RAY DIFFRACTION' r_mcbond_it            778  1.143  1.616  ? ? 
'X-RAY DIFFRACTION' r_mcbond_other         766  1.152  1.595  ? ? 
'X-RAY DIFFRACTION' r_mcangle_it           870  1.839  2.384  ? ? 
# 
_refine_ls_shell.d_res_high                       1.2100 
_refine_ls_shell.d_res_low                        1.2420 
_refine_ls_shell.pdbx_total_number_of_bins_used   20 
_refine_ls_shell.percent_reflns_obs               49.4600 
_refine_ls_shell.number_reflns_R_work             1266 
_refine_ls_shell.R_factor_all                     ? 
_refine_ls_shell.R_factor_R_work                  0.4140 
_refine_ls_shell.R_factor_R_free                  0.4790 
_refine_ls_shell.percent_reflns_R_free            ? 
_refine_ls_shell.number_reflns_R_free             53 
_refine_ls_shell.R_factor_R_free_error            ? 
_refine_ls_shell.number_reflns_all                1319 
_refine_ls_shell.number_reflns_obs                ? 
_refine_ls_shell.pdbx_refine_id                   'X-RAY DIFFRACTION' 
_refine_ls_shell.R_factor_obs                     ? 
# 
_struct.entry_id                  5S95 
_struct.title                     
'PanDDA analysis group deposition -- Crystal Structure of PHIP in complex with Z198194396 synthetic derivative' 
_struct.pdbx_model_details        ? 
_struct.pdbx_CASP_flag            ? 
_struct.pdbx_model_type_details   ? 
# 
_struct_keywords.entry_id        5S95 
_struct_keywords.text            
;SGC - Diamond I04-1 fragment screening, PanDDA, XChemExplorer, Robotic chemistry, Crystal soaking, Reaction crudes, SIGNALING PROTEIN
;
_struct_keywords.pdbx_keywords   'SIGNALING PROTEIN' 
# 
loop_
_struct_asym.id 
_struct_asym.pdbx_blank_PDB_chainid_flag 
_struct_asym.pdbx_modified 
_struct_asym.entity_id 
_struct_asym.details 
A N N 1 ? 
B N N 2 ? 
C N N 3 ? 
# 
_struct_ref.id                         1 
_struct_ref.db_name                    UNP 
_struct_ref.db_code                    PHIP_HUMAN 
_struct_ref.pdbx_db_accession          Q8WWQ0 
_struct_ref.pdbx_db_isoform            ? 
_struct_ref.entity_id                  1 
_struct_ref.pdbx_seq_one_letter_code   
;SYDIQAWKKQCEELLNLIFQCEDSEPFRQPVDLLEYPDYRDIIDTPMDFATVRETLEAGNYESPMELCKDVRLIFSNSKA
YTPSKRSRIYSMSLRLSAFFEEHISSVLSDYKSALRFHKRNTITKR
;
_struct_ref.pdbx_align_begin           1315 
# 
_struct_ref_seq.align_id                      1 
_struct_ref_seq.ref_id                        1 
_struct_ref_seq.pdbx_PDB_id_code              5S95 
_struct_ref_seq.pdbx_strand_id                A 
_struct_ref_seq.seq_align_beg                 24 
_struct_ref_seq.pdbx_seq_align_beg_ins_code   ? 
_struct_ref_seq.seq_align_end                 149 
_struct_ref_seq.pdbx_seq_align_end_ins_code   ? 
_struct_ref_seq.pdbx_db_accession             Q8WWQ0 
_struct_ref_seq.db_align_beg                  1315 
_struct_ref_seq.pdbx_db_align_beg_ins_code    ? 
_struct_ref_seq.db_align_end                  1440 
_struct_ref_seq.pdbx_db_align_end_ins_code    ? 
_struct_ref_seq.pdbx_auth_seq_align_beg       1315 
_struct_ref_seq.pdbx_auth_seq_align_end       1440 
# 
loop_
_struct_ref_seq_dif.align_id 
_struct_ref_seq_dif.pdbx_pdb_id_code 
_struct_ref_seq_dif.mon_id 
_struct_ref_seq_dif.pdbx_pdb_strand_id 
_struct_ref_seq_dif.seq_num 
_struct_ref_seq_dif.pdbx_pdb_ins_code 
_struct_ref_seq_dif.pdbx_seq_db_name 
_struct_ref_seq_dif.pdbx_seq_db_accession_code 
_struct_ref_seq_dif.db_mon_id 
_struct_ref_seq_dif.pdbx_seq_db_seq_num 
_struct_ref_seq_dif.details 
_struct_ref_seq_dif.pdbx_auth_seq_num 
_struct_ref_seq_dif.pdbx_ordinal 
1 5S95 MET A 1  ? UNP Q8WWQ0 ? ? 'initiating methionine' 1292 1  
1 5S95 HIS A 2  ? UNP Q8WWQ0 ? ? 'expression tag'        1293 2  
1 5S95 HIS A 3  ? UNP Q8WWQ0 ? ? 'expression tag'        1294 3  
1 5S95 HIS A 4  ? UNP Q8WWQ0 ? ? 'expression tag'        1295 4  
1 5S95 HIS A 5  ? UNP Q8WWQ0 ? ? 'expression tag'        1296 5  
1 5S95 HIS A 6  ? UNP Q8WWQ0 ? ? 'expression tag'        1297 6  
1 5S95 HIS A 7  ? UNP Q8WWQ0 ? ? 'expression tag'        1298 7  
1 5S95 SER A 8  ? UNP Q8WWQ0 ? ? 'expression tag'        1299 8  
1 5S95 SER A 9  ? UNP Q8WWQ0 ? ? 'expression tag'        1300 9  
1 5S95 GLY A 10 ? UNP Q8WWQ0 ? ? 'expression tag'        1301 10 
1 5S95 VAL A 11 ? UNP Q8WWQ0 ? ? 'expression tag'        1302 11 
1 5S95 ASP A 12 ? UNP Q8WWQ0 ? ? 'expression tag'        1303 12 
1 5S95 LEU A 13 ? UNP Q8WWQ0 ? ? 'expression tag'        1304 13 
1 5S95 GLY A 14 ? UNP Q8WWQ0 ? ? 'expression tag'        1305 14 
1 5S95 THR A 15 ? UNP Q8WWQ0 ? ? 'expression tag'        1306 15 
1 5S95 GLU A 16 ? UNP Q8WWQ0 ? ? 'expression tag'        1307 16 
1 5S95 ASN A 17 ? UNP Q8WWQ0 ? ? 'expression tag'        1308 17 
1 5S95 LEU A 18 ? UNP Q8WWQ0 ? ? 'expression tag'        1309 18 
1 5S95 TYR A 19 ? UNP Q8WWQ0 ? ? 'expression tag'        1310 19 
1 5S95 PHE A 20 ? UNP Q8WWQ0 ? ? 'expression tag'        1311 20 
1 5S95 GLN A 21 ? UNP Q8WWQ0 ? ? 'expression tag'        1312 21 
1 5S95 SER A 22 ? UNP Q8WWQ0 ? ? 'expression tag'        1313 22 
1 5S95 MET A 23 ? UNP Q8WWQ0 ? ? 'expression tag'        1314 23 
# 
_pdbx_struct_assembly.id                   1 
_pdbx_struct_assembly.details              author_and_software_defined_assembly 
_pdbx_struct_assembly.method_details       PISA 
_pdbx_struct_assembly.oligomeric_details   monomeric 
_pdbx_struct_assembly.oligomeric_count     1 
# 
_pdbx_struct_assembly_gen.assembly_id       1 
_pdbx_struct_assembly_gen.oper_expression   1 
_pdbx_struct_assembly_gen.asym_id_list      A,B,C 
# 
_pdbx_struct_oper_list.id                   1 
_pdbx_struct_oper_list.type                 'identity operation' 
_pdbx_struct_oper_list.name                 1_555 
_pdbx_struct_oper_list.symmetry_operation   x,y,z 
_pdbx_struct_oper_list.matrix[1][1]         1.0000000000 
_pdbx_struct_oper_list.matrix[1][2]         0.0000000000 
_pdbx_struct_oper_list.matrix[1][3]         0.0000000000 
_pdbx_struct_oper_list.vector[1]            0.0000000000 
_pdbx_struct_oper_list.matrix[2][1]         0.0000000000 
_pdbx_struct_oper_list.matrix[2][2]         1.0000000000 
_pdbx_struct_oper_list.matrix[2][3]         0.0000000000 
_pdbx_struct_oper_list.vector[2]            0.0000000000 
_pdbx_struct_oper_list.matrix[3][1]         0.0000000000 
_pdbx_struct_oper_list.matrix[3][2]         0.0000000000 
_pdbx_struct_oper_list.matrix[3][3]         1.0000000000 
_pdbx_struct_oper_list.vector[3]            0.0000000000 
# 
loop_
_struct_conf.conf_type_id 
_struct_conf.id 
_struct_conf.pdbx_PDB_helix_id 
_struct_conf.beg_label_comp_id 
_struct_conf.beg_label_asym_id 
_struct_conf.beg_label_seq_id 
_struct_conf.pdbx_beg_PDB_ins_code 
_struct_conf.end_label_comp_id 
_struct_conf.end_label_asym_id 
_struct_conf.end_label_seq_id 
_struct_conf.pdbx_end_PDB_ins_code 
_struct_conf.beg_auth_comp_id 
_struct_conf.beg_auth_asym_id 
_struct_conf.beg_auth_seq_id 
_struct_conf.end_auth_comp_id 
_struct_conf.end_auth_asym_id 
_struct_conf.end_auth_seq_id 
_struct_conf.pdbx_PDB_helix_class 
_struct_conf.details 
_struct_conf.pdbx_PDB_helix_length 
HELX_P HELX_P1 AA1 ALA A 29  ? CYS A 44  ? ALA A 1320 CYS A 1335 1 ? 16 
HELX_P HELX_P2 AA2 GLU A 45  ? ARG A 51  ? GLU A 1336 ARG A 1342 5 ? 7  
HELX_P HELX_P3 AA3 ASP A 61  ? ILE A 66  ? ASP A 1352 ILE A 1357 1 ? 6  
HELX_P HELX_P4 AA4 ASP A 71  ? ALA A 81  ? ASP A 1362 ALA A 1372 1 ? 11 
HELX_P HELX_P5 AA5 SER A 86  ? THR A 105 ? SER A 1377 THR A 1396 1 ? 20 
HELX_P HELX_P6 AA6 SER A 110 ? LYS A 142 ? SER A 1401 LYS A 1433 1 ? 33 
# 
_struct_conf_type.id          HELX_P 
_struct_conf_type.criteria    ? 
_struct_conf_type.reference   ? 
# 
_struct_site.id                   AC1 
_struct_site.pdbx_evidence_code   Software 
_struct_site.pdbx_auth_asym_id    A 
_struct_site.pdbx_auth_comp_id    XZV 
_struct_site.pdbx_auth_seq_id     1501 
_struct_site.pdbx_auth_ins_code   ? 
_struct_site.pdbx_num_residues    13 
_struct_site.details              'binding site for residue XZV A 1501' 
# 
loop_
_struct_site_gen.id 
_struct_site_gen.site_id 
_struct_site_gen.pdbx_num_res 
_struct_site_gen.label_comp_id 
_struct_site_gen.label_asym_id 
_struct_site_gen.label_seq_id 
_struct_site_gen.pdbx_auth_ins_code 
_struct_site_gen.auth_comp_id 
_struct_site_gen.auth_asym_id 
_struct_site_gen.auth_seq_id 
_struct_site_gen.label_atom_id 
_struct_site_gen.label_alt_id 
_struct_site_gen.symmetry 
_struct_site_gen.details 
1  AC1 13 GLU A 48  ? GLU A 1339 . ? 1_555 ? 
2  AC1 13 PRO A 49  ? PRO A 1340 . ? 1_555 ? 
3  AC1 13 PHE A 50  ? PHE A 1341 . ? 1_555 ? 
4  AC1 13 GLN A 52  ? GLN A 1343 . ? 1_555 ? 
5  AC1 13 VAL A 54  ? VAL A 1345 . ? 1_555 ? 
6  AC1 13 GLU A 58  ? GLU A 1349 . ? 1_555 ? 
7  AC1 13 TYR A 59  ? TYR A 1350 . ? 1_555 ? 
8  AC1 13 SER A 101 ? SER A 1392 . ? 1_555 ? 
9  AC1 13 THR A 105 ? THR A 1396 . ? 1_555 ? 
10 AC1 13 ILE A 112 ? ILE A 1403 . ? 1_555 ? 
11 AC1 13 HOH C .   ? HOH A 1621 . ? 1_555 ? 
12 AC1 13 HOH C .   ? HOH A 1687 . ? 1_555 ? 
13 AC1 13 HOH C .   ? HOH A 1741 . ? 4_446 ? 
# 
loop_
_pdbx_validate_close_contact.id 
_pdbx_validate_close_contact.PDB_model_num 
_pdbx_validate_close_contact.auth_atom_id_1 
_pdbx_validate_close_contact.auth_asym_id_1 
_pdbx_validate_close_contact.auth_comp_id_1 
_pdbx_validate_close_contact.auth_seq_id_1 
_pdbx_validate_close_contact.PDB_ins_code_1 
_pdbx_validate_close_contact.label_alt_id_1 
_pdbx_validate_close_contact.auth_atom_id_2 
_pdbx_validate_close_contact.auth_asym_id_2 
_pdbx_validate_close_contact.auth_comp_id_2 
_pdbx_validate_close_contact.auth_seq_id_2 
_pdbx_validate_close_contact.PDB_ins_code_2 
_pdbx_validate_close_contact.label_alt_id_2 
_pdbx_validate_close_contact.dist 
1 1 O A HOH 1634 ? ? O A HOH 1677 ? ? 1.70 
2 1 O A HOH 1688 ? ? O A HOH 1704 ? ? 1.77 
3 1 O A HOH 1704 ? ? O A HOH 1785 ? ? 2.15 
4 1 O A HOH 1696 ? ? O A HOH 1724 ? ? 2.18 
# 
loop_
_pdbx_struct_special_symmetry.id 
_pdbx_struct_special_symmetry.PDB_model_num 
_pdbx_struct_special_symmetry.auth_asym_id 
_pdbx_struct_special_symmetry.auth_comp_id 
_pdbx_struct_special_symmetry.auth_seq_id 
_pdbx_struct_special_symmetry.PDB_ins_code 
_pdbx_struct_special_symmetry.label_asym_id 
_pdbx_struct_special_symmetry.label_comp_id 
_pdbx_struct_special_symmetry.label_seq_id 
1 1 A HOH 1697 ? C HOH . 
2 1 A HOH 1787 ? C HOH . 
# 
_phasing.method   MR 
# 
loop_
_pdbx_unobs_or_zero_occ_residues.id 
_pdbx_unobs_or_zero_occ_residues.PDB_model_num 
_pdbx_unobs_or_zero_occ_residues.polymer_flag 
_pdbx_unobs_or_zero_occ_residues.occupancy_flag 
_pdbx_unobs_or_zero_occ_residues.auth_asym_id 
_pdbx_unobs_or_zero_occ_residues.auth_comp_id 
_pdbx_unobs_or_zero_occ_residues.auth_seq_id 
_pdbx_unobs_or_zero_occ_residues.PDB_ins_code 
_pdbx_unobs_or_zero_occ_residues.label_asym_id 
_pdbx_unobs_or_zero_occ_residues.label_comp_id 
_pdbx_unobs_or_zero_occ_residues.label_seq_id 
1  1 Y 1 A MET 1292 ? A MET 1   
2  1 Y 1 A HIS 1293 ? A HIS 2   
3  1 Y 1 A HIS 1294 ? A HIS 3   
4  1 Y 1 A HIS 1295 ? A HIS 4   
5  1 Y 1 A HIS 1296 ? A HIS 5   
6  1 Y 1 A HIS 1297 ? A HIS 6   
7  1 Y 1 A HIS 1298 ? A HIS 7   
8  1 Y 1 A SER 1299 ? A SER 8   
9  1 Y 1 A SER 1300 ? A SER 9   
10 1 Y 1 A GLY 1301 ? A GLY 10  
11 1 Y 1 A VAL 1302 ? A VAL 11  
12 1 Y 1 A ASP 1303 ? A ASP 12  
13 1 Y 1 A LEU 1304 ? A LEU 13  
14 1 Y 1 A GLY 1305 ? A GLY 14  
15 1 Y 1 A THR 1306 ? A THR 15  
16 1 Y 1 A GLU 1307 ? A GLU 16  
17 1 Y 1 A ASN 1308 ? A ASN 17  
18 1 Y 1 A LEU 1309 ? A LEU 18  
19 1 Y 1 A TYR 1310 ? A TYR 19  
20 1 Y 1 A PHE 1311 ? A PHE 20  
21 1 Y 1 A GLN 1312 ? A GLN 21  
22 1 Y 1 A SER 1313 ? A SER 22  
23 1 Y 1 A MET 1314 ? A MET 23  
24 1 Y 1 A SER 1315 ? A SER 24  
25 1 Y 1 A ASN 1435 ? A ASN 144 
26 1 Y 1 A THR 1436 ? A THR 145 
27 1 Y 1 A ILE 1437 ? A ILE 146 
28 1 Y 1 A THR 1438 ? A THR 147 
29 1 Y 1 A LYS 1439 ? A LYS 148 
30 1 Y 1 A ARG 1440 ? A ARG 149 
# 
loop_
_chem_comp_atom.comp_id 
_chem_comp_atom.atom_id 
_chem_comp_atom.type_symbol 
_chem_comp_atom.pdbx_aromatic_flag 
_chem_comp_atom.pdbx_stereo_config 
_chem_comp_atom.pdbx_ordinal 
ALA N    N  N N 1   
ALA CA   C  N S 2   
ALA C    C  N N 3   
ALA O    O  N N 4   
ALA CB   C  N N 5   
ALA OXT  O  N N 6   
ALA H    H  N N 7   
ALA H2   H  N N 8   
ALA HA   H  N N 9   
ALA HB1  H  N N 10  
ALA HB2  H  N N 11  
ALA HB3  H  N N 12  
ALA HXT  H  N N 13  
ARG N    N  N N 14  
ARG CA   C  N S 15  
ARG C    C  N N 16  
ARG O    O  N N 17  
ARG CB   C  N N 18  
ARG CG   C  N N 19  
ARG CD   C  N N 20  
ARG NE   N  N N 21  
ARG CZ   C  N N 22  
ARG NH1  N  N N 23  
ARG NH2  N  N N 24  
ARG OXT  O  N N 25  
ARG H    H  N N 26  
ARG H2   H  N N 27  
ARG HA   H  N N 28  
ARG HB2  H  N N 29  
ARG HB3  H  N N 30  
ARG HG2  H  N N 31  
ARG HG3  H  N N 32  
ARG HD2  H  N N 33  
ARG HD3  H  N N 34  
ARG HE   H  N N 35  
ARG HH11 H  N N 36  
ARG HH12 H  N N 37  
ARG HH21 H  N N 38  
ARG HH22 H  N N 39  
ARG HXT  H  N N 40  
ASN N    N  N N 41  
ASN CA   C  N S 42  
ASN C    C  N N 43  
ASN O    O  N N 44  
ASN CB   C  N N 45  
ASN CG   C  N N 46  
ASN OD1  O  N N 47  
ASN ND2  N  N N 48  
ASN OXT  O  N N 49  
ASN H    H  N N 50  
ASN H2   H  N N 51  
ASN HA   H  N N 52  
ASN HB2  H  N N 53  
ASN HB3  H  N N 54  
ASN HD21 H  N N 55  
ASN HD22 H  N N 56  
ASN HXT  H  N N 57  
ASP N    N  N N 58  
ASP CA   C  N S 59  
ASP C    C  N N 60  
ASP O    O  N N 61  
ASP CB   C  N N 62  
ASP CG   C  N N 63  
ASP OD1  O  N N 64  
ASP OD2  O  N N 65  
ASP OXT  O  N N 66  
ASP H    H  N N 67  
ASP H2   H  N N 68  
ASP HA   H  N N 69  
ASP HB2  H  N N 70  
ASP HB3  H  N N 71  
ASP HD2  H  N N 72  
ASP HXT  H  N N 73  
CYS N    N  N N 74  
CYS CA   C  N R 75  
CYS C    C  N N 76  
CYS O    O  N N 77  
CYS CB   C  N N 78  
CYS SG   S  N N 79  
CYS OXT  O  N N 80  
CYS H    H  N N 81  
CYS H2   H  N N 82  
CYS HA   H  N N 83  
CYS HB2  H  N N 84  
CYS HB3  H  N N 85  
CYS HG   H  N N 86  
CYS HXT  H  N N 87  
GLN N    N  N N 88  
GLN CA   C  N S 89  
GLN C    C  N N 90  
GLN O    O  N N 91  
GLN CB   C  N N 92  
GLN CG   C  N N 93  
GLN CD   C  N N 94  
GLN OE1  O  N N 95  
GLN NE2  N  N N 96  
GLN OXT  O  N N 97  
GLN H    H  N N 98  
GLN H2   H  N N 99  
GLN HA   H  N N 100 
GLN HB2  H  N N 101 
GLN HB3  H  N N 102 
GLN HG2  H  N N 103 
GLN HG3  H  N N 104 
GLN HE21 H  N N 105 
GLN HE22 H  N N 106 
GLN HXT  H  N N 107 
GLU N    N  N N 108 
GLU CA   C  N S 109 
GLU C    C  N N 110 
GLU O    O  N N 111 
GLU CB   C  N N 112 
GLU CG   C  N N 113 
GLU CD   C  N N 114 
GLU OE1  O  N N 115 
GLU OE2  O  N N 116 
GLU OXT  O  N N 117 
GLU H    H  N N 118 
GLU H2   H  N N 119 
GLU HA   H  N N 120 
GLU HB2  H  N N 121 
GLU HB3  H  N N 122 
GLU HG2  H  N N 123 
GLU HG3  H  N N 124 
GLU HE2  H  N N 125 
GLU HXT  H  N N 126 
GLY N    N  N N 127 
GLY CA   C  N N 128 
GLY C    C  N N 129 
GLY O    O  N N 130 
GLY OXT  O  N N 131 
GLY H    H  N N 132 
GLY H2   H  N N 133 
GLY HA2  H  N N 134 
GLY HA3  H  N N 135 
GLY HXT  H  N N 136 
HIS N    N  N N 137 
HIS CA   C  N S 138 
HIS C    C  N N 139 
HIS O    O  N N 140 
HIS CB   C  N N 141 
HIS CG   C  Y N 142 
HIS ND1  N  Y N 143 
HIS CD2  C  Y N 144 
HIS CE1  C  Y N 145 
HIS NE2  N  Y N 146 
HIS OXT  O  N N 147 
HIS H    H  N N 148 
HIS H2   H  N N 149 
HIS HA   H  N N 150 
HIS HB2  H  N N 151 
HIS HB3  H  N N 152 
HIS HD1  H  N N 153 
HIS HD2  H  N N 154 
HIS HE1  H  N N 155 
HIS HE2  H  N N 156 
HIS HXT  H  N N 157 
HOH O    O  N N 158 
HOH H1   H  N N 159 
HOH H2   H  N N 160 
ILE N    N  N N 161 
ILE CA   C  N S 162 
ILE C    C  N N 163 
ILE O    O  N N 164 
ILE CB   C  N S 165 
ILE CG1  C  N N 166 
ILE CG2  C  N N 167 
ILE CD1  C  N N 168 
ILE OXT  O  N N 169 
ILE H    H  N N 170 
ILE H2   H  N N 171 
ILE HA   H  N N 172 
ILE HB   H  N N 173 
ILE HG12 H  N N 174 
ILE HG13 H  N N 175 
ILE HG21 H  N N 176 
ILE HG22 H  N N 177 
ILE HG23 H  N N 178 
ILE HD11 H  N N 179 
ILE HD12 H  N N 180 
ILE HD13 H  N N 181 
ILE HXT  H  N N 182 
LEU N    N  N N 183 
LEU CA   C  N S 184 
LEU C    C  N N 185 
LEU O    O  N N 186 
LEU CB   C  N N 187 
LEU CG   C  N N 188 
LEU CD1  C  N N 189 
LEU CD2  C  N N 190 
LEU OXT  O  N N 191 
LEU H    H  N N 192 
LEU H2   H  N N 193 
LEU HA   H  N N 194 
LEU HB2  H  N N 195 
LEU HB3  H  N N 196 
LEU HG   H  N N 197 
LEU HD11 H  N N 198 
LEU HD12 H  N N 199 
LEU HD13 H  N N 200 
LEU HD21 H  N N 201 
LEU HD22 H  N N 202 
LEU HD23 H  N N 203 
LEU HXT  H  N N 204 
LYS N    N  N N 205 
LYS CA   C  N S 206 
LYS C    C  N N 207 
LYS O    O  N N 208 
LYS CB   C  N N 209 
LYS CG   C  N N 210 
LYS CD   C  N N 211 
LYS CE   C  N N 212 
LYS NZ   N  N N 213 
LYS OXT  O  N N 214 
LYS H    H  N N 215 
LYS H2   H  N N 216 
LYS HA   H  N N 217 
LYS HB2  H  N N 218 
LYS HB3  H  N N 219 
LYS HG2  H  N N 220 
LYS HG3  H  N N 221 
LYS HD2  H  N N 222 
LYS HD3  H  N N 223 
LYS HE2  H  N N 224 
LYS HE3  H  N N 225 
LYS HZ1  H  N N 226 
LYS HZ2  H  N N 227 
LYS HZ3  H  N N 228 
LYS HXT  H  N N 229 
MET N    N  N N 230 
MET CA   C  N S 231 
MET C    C  N N 232 
MET O    O  N N 233 
MET CB   C  N N 234 
MET CG   C  N N 235 
MET SD   S  N N 236 
MET CE   C  N N 237 
MET OXT  O  N N 238 
MET H    H  N N 239 
MET H2   H  N N 240 
MET HA   H  N N 241 
MET HB2  H  N N 242 
MET HB3  H  N N 243 
MET HG2  H  N N 244 
MET HG3  H  N N 245 
MET HE1  H  N N 246 
MET HE2  H  N N 247 
MET HE3  H  N N 248 
MET HXT  H  N N 249 
PHE N    N  N N 250 
PHE CA   C  N S 251 
PHE C    C  N N 252 
PHE O    O  N N 253 
PHE CB   C  N N 254 
PHE CG   C  Y N 255 
PHE CD1  C  Y N 256 
PHE CD2  C  Y N 257 
PHE CE1  C  Y N 258 
PHE CE2  C  Y N 259 
PHE CZ   C  Y N 260 
PHE OXT  O  N N 261 
PHE H    H  N N 262 
PHE H2   H  N N 263 
PHE HA   H  N N 264 
PHE HB2  H  N N 265 
PHE HB3  H  N N 266 
PHE HD1  H  N N 267 
PHE HD2  H  N N 268 
PHE HE1  H  N N 269 
PHE HE2  H  N N 270 
PHE HZ   H  N N 271 
PHE HXT  H  N N 272 
PRO N    N  N N 273 
PRO CA   C  N S 274 
PRO C    C  N N 275 
PRO O    O  N N 276 
PRO CB   C  N N 277 
PRO CG   C  N N 278 
PRO CD   C  N N 279 
PRO OXT  O  N N 280 
PRO H    H  N N 281 
PRO HA   H  N N 282 
PRO HB2  H  N N 283 
PRO HB3  H  N N 284 
PRO HG2  H  N N 285 
PRO HG3  H  N N 286 
PRO HD2  H  N N 287 
PRO HD3  H  N N 288 
PRO HXT  H  N N 289 
SER N    N  N N 290 
SER CA   C  N S 291 
SER C    C  N N 292 
SER O    O  N N 293 
SER CB   C  N N 294 
SER OG   O  N N 295 
SER OXT  O  N N 296 
SER H    H  N N 297 
SER H2   H  N N 298 
SER HA   H  N N 299 
SER HB2  H  N N 300 
SER HB3  H  N N 301 
SER HG   H  N N 302 
SER HXT  H  N N 303 
THR N    N  N N 304 
THR CA   C  N S 305 
THR C    C  N N 306 
THR O    O  N N 307 
THR CB   C  N R 308 
THR OG1  O  N N 309 
THR CG2  C  N N 310 
THR OXT  O  N N 311 
THR H    H  N N 312 
THR H2   H  N N 313 
THR HA   H  N N 314 
THR HB   H  N N 315 
THR HG1  H  N N 316 
THR HG21 H  N N 317 
THR HG22 H  N N 318 
THR HG23 H  N N 319 
THR HXT  H  N N 320 
TRP N    N  N N 321 
TRP CA   C  N S 322 
TRP C    C  N N 323 
TRP O    O  N N 324 
TRP CB   C  N N 325 
TRP CG   C  Y N 326 
TRP CD1  C  Y N 327 
TRP CD2  C  Y N 328 
TRP NE1  N  Y N 329 
TRP CE2  C  Y N 330 
TRP CE3  C  Y N 331 
TRP CZ2  C  Y N 332 
TRP CZ3  C  Y N 333 
TRP CH2  C  Y N 334 
TRP OXT  O  N N 335 
TRP H    H  N N 336 
TRP H2   H  N N 337 
TRP HA   H  N N 338 
TRP HB2  H  N N 339 
TRP HB3  H  N N 340 
TRP HD1  H  N N 341 
TRP HE1  H  N N 342 
TRP HE3  H  N N 343 
TRP HZ2  H  N N 344 
TRP HZ3  H  N N 345 
TRP HH2  H  N N 346 
TRP HXT  H  N N 347 
TYR N    N  N N 348 
TYR CA   C  N S 349 
TYR C    C  N N 350 
TYR O    O  N N 351 
TYR CB   C  N N 352 
TYR CG   C  Y N 353 
TYR CD1  C  Y N 354 
TYR CD2  C  Y N 355 
TYR CE1  C  Y N 356 
TYR CE2  C  Y N 357 
TYR CZ   C  Y N 358 
TYR OH   O  N N 359 
TYR OXT  O  N N 360 
TYR H    H  N N 361 
TYR H2   H  N N 362 
TYR HA   H  N N 363 
TYR HB2  H  N N 364 
TYR HB3  H  N N 365 
TYR HD1  H  N N 366 
TYR HD2  H  N N 367 
TYR HE1  H  N N 368 
TYR HE2  H  N N 369 
TYR HH   H  N N 370 
TYR HXT  H  N N 371 
VAL N    N  N N 372 
VAL CA   C  N S 373 
VAL C    C  N N 374 
VAL O    O  N N 375 
VAL CB   C  N N 376 
VAL CG1  C  N N 377 
VAL CG2  C  N N 378 
VAL OXT  O  N N 379 
VAL H    H  N N 380 
VAL H2   H  N N 381 
VAL HA   H  N N 382 
VAL HB   H  N N 383 
VAL HG11 H  N N 384 
VAL HG12 H  N N 385 
VAL HG13 H  N N 386 
VAL HG21 H  N N 387 
VAL HG22 H  N N 388 
VAL HG23 H  N N 389 
VAL HXT  H  N N 390 
XZV N1   N  N N 391 
XZV C4   C  N N 392 
XZV C5   C  N N 393 
XZV C6   C  N N 394 
XZV C7   C  N N 395 
XZV C8   C  Y N 396 
XZV C10  C  Y N 397 
XZV C13  C  N N 398 
XZV N    N  N N 399 
XZV C    C  N N 400 
XZV O    O  N N 401 
XZV C1   C  N N 402 
XZV C11  C  Y N 403 
XZV C12  C  N N 404 
XZV C2   C  N N 405 
XZV C3   C  N N 406 
XZV C9   C  Y N 407 
XZV N2   N  N N 408 
XZV O1   O  N N 409 
XZV O2   O  Y N 410 
XZV CL   CL N N 411 
XZV H7   H  N N 412 
XZV H6   H  N N 413 
XZV H8   H  N N 414 
XZV H9   H  N N 415 
XZV H11  H  N N 416 
XZV H10  H  N N 417 
XZV H13  H  N N 418 
XZV H17  H  N N 419 
XZV H16  H  N N 420 
XZV H    H  N N 421 
XZV H1   H  N N 422 
XZV H2   H  N N 423 
XZV H14  H  N N 424 
XZV H15  H  N N 425 
XZV H3   H  N N 426 
XZV H5   H  N N 427 
XZV H4   H  N N 428 
XZV H12  H  N N 429 
# 
loop_
_chem_comp_bond.comp_id 
_chem_comp_bond.atom_id_1 
_chem_comp_bond.atom_id_2 
_chem_comp_bond.value_order 
_chem_comp_bond.pdbx_aromatic_flag 
_chem_comp_bond.pdbx_stereo_config 
_chem_comp_bond.pdbx_ordinal 
ALA N   CA   sing N N 1   
ALA N   H    sing N N 2   
ALA N   H2   sing N N 3   
ALA CA  C    sing N N 4   
ALA CA  CB   sing N N 5   
ALA CA  HA   sing N N 6   
ALA C   O    doub N N 7   
ALA C   OXT  sing N N 8   
ALA CB  HB1  sing N N 9   
ALA CB  HB2  sing N N 10  
ALA CB  HB3  sing N N 11  
ALA OXT HXT  sing N N 12  
ARG N   CA   sing N N 13  
ARG N   H    sing N N 14  
ARG N   H2   sing N N 15  
ARG CA  C    sing N N 16  
ARG CA  CB   sing N N 17  
ARG CA  HA   sing N N 18  
ARG C   O    doub N N 19  
ARG C   OXT  sing N N 20  
ARG CB  CG   sing N N 21  
ARG CB  HB2  sing N N 22  
ARG CB  HB3  sing N N 23  
ARG CG  CD   sing N N 24  
ARG CG  HG2  sing N N 25  
ARG CG  HG3  sing N N 26  
ARG CD  NE   sing N N 27  
ARG CD  HD2  sing N N 28  
ARG CD  HD3  sing N N 29  
ARG NE  CZ   sing N N 30  
ARG NE  HE   sing N N 31  
ARG CZ  NH1  sing N N 32  
ARG CZ  NH2  doub N N 33  
ARG NH1 HH11 sing N N 34  
ARG NH1 HH12 sing N N 35  
ARG NH2 HH21 sing N N 36  
ARG NH2 HH22 sing N N 37  
ARG OXT HXT  sing N N 38  
ASN N   CA   sing N N 39  
ASN N   H    sing N N 40  
ASN N   H2   sing N N 41  
ASN CA  C    sing N N 42  
ASN CA  CB   sing N N 43  
ASN CA  HA   sing N N 44  
ASN C   O    doub N N 45  
ASN C   OXT  sing N N 46  
ASN CB  CG   sing N N 47  
ASN CB  HB2  sing N N 48  
ASN CB  HB3  sing N N 49  
ASN CG  OD1  doub N N 50  
ASN CG  ND2  sing N N 51  
ASN ND2 HD21 sing N N 52  
ASN ND2 HD22 sing N N 53  
ASN OXT HXT  sing N N 54  
ASP N   CA   sing N N 55  
ASP N   H    sing N N 56  
ASP N   H2   sing N N 57  
ASP CA  C    sing N N 58  
ASP CA  CB   sing N N 59  
ASP CA  HA   sing N N 60  
ASP C   O    doub N N 61  
ASP C   OXT  sing N N 62  
ASP CB  CG   sing N N 63  
ASP CB  HB2  sing N N 64  
ASP CB  HB3  sing N N 65  
ASP CG  OD1  doub N N 66  
ASP CG  OD2  sing N N 67  
ASP OD2 HD2  sing N N 68  
ASP OXT HXT  sing N N 69  
CYS N   CA   sing N N 70  
CYS N   H    sing N N 71  
CYS N   H2   sing N N 72  
CYS CA  C    sing N N 73  
CYS CA  CB   sing N N 74  
CYS CA  HA   sing N N 75  
CYS C   O    doub N N 76  
CYS C   OXT  sing N N 77  
CYS CB  SG   sing N N 78  
CYS CB  HB2  sing N N 79  
CYS CB  HB3  sing N N 80  
CYS SG  HG   sing N N 81  
CYS OXT HXT  sing N N 82  
GLN N   CA   sing N N 83  
GLN N   H    sing N N 84  
GLN N   H2   sing N N 85  
GLN CA  C    sing N N 86  
GLN CA  CB   sing N N 87  
GLN CA  HA   sing N N 88  
GLN C   O    doub N N 89  
GLN C   OXT  sing N N 90  
GLN CB  CG   sing N N 91  
GLN CB  HB2  sing N N 92  
GLN CB  HB3  sing N N 93  
GLN CG  CD   sing N N 94  
GLN CG  HG2  sing N N 95  
GLN CG  HG3  sing N N 96  
GLN CD  OE1  doub N N 97  
GLN CD  NE2  sing N N 98  
GLN NE2 HE21 sing N N 99  
GLN NE2 HE22 sing N N 100 
GLN OXT HXT  sing N N 101 
GLU N   CA   sing N N 102 
GLU N   H    sing N N 103 
GLU N   H2   sing N N 104 
GLU CA  C    sing N N 105 
GLU CA  CB   sing N N 106 
GLU CA  HA   sing N N 107 
GLU C   O    doub N N 108 
GLU C   OXT  sing N N 109 
GLU CB  CG   sing N N 110 
GLU CB  HB2  sing N N 111 
GLU CB  HB3  sing N N 112 
GLU CG  CD   sing N N 113 
GLU CG  HG2  sing N N 114 
GLU CG  HG3  sing N N 115 
GLU CD  OE1  doub N N 116 
GLU CD  OE2  sing N N 117 
GLU OE2 HE2  sing N N 118 
GLU OXT HXT  sing N N 119 
GLY N   CA   sing N N 120 
GLY N   H    sing N N 121 
GLY N   H2   sing N N 122 
GLY CA  C    sing N N 123 
GLY CA  HA2  sing N N 124 
GLY CA  HA3  sing N N 125 
GLY C   O    doub N N 126 
GLY C   OXT  sing N N 127 
GLY OXT HXT  sing N N 128 
HIS N   CA   sing N N 129 
HIS N   H    sing N N 130 
HIS N   H2   sing N N 131 
HIS CA  C    sing N N 132 
HIS CA  CB   sing N N 133 
HIS CA  HA   sing N N 134 
HIS C   O    doub N N 135 
HIS C   OXT  sing N N 136 
HIS CB  CG   sing N N 137 
HIS CB  HB2  sing N N 138 
HIS CB  HB3  sing N N 139 
HIS CG  ND1  sing Y N 140 
HIS CG  CD2  doub Y N 141 
HIS ND1 CE1  doub Y N 142 
HIS ND1 HD1  sing N N 143 
HIS CD2 NE2  sing Y N 144 
HIS CD2 HD2  sing N N 145 
HIS CE1 NE2  sing Y N 146 
HIS CE1 HE1  sing N N 147 
HIS NE2 HE2  sing N N 148 
HIS OXT HXT  sing N N 149 
HOH O   H1   sing N N 150 
HOH O   H2   sing N N 151 
ILE N   CA   sing N N 152 
ILE N   H    sing N N 153 
ILE N   H2   sing N N 154 
ILE CA  C    sing N N 155 
ILE CA  CB   sing N N 156 
ILE CA  HA   sing N N 157 
ILE C   O    doub N N 158 
ILE C   OXT  sing N N 159 
ILE CB  CG1  sing N N 160 
ILE CB  CG2  sing N N 161 
ILE CB  HB   sing N N 162 
ILE CG1 CD1  sing N N 163 
ILE CG1 HG12 sing N N 164 
ILE CG1 HG13 sing N N 165 
ILE CG2 HG21 sing N N 166 
ILE CG2 HG22 sing N N 167 
ILE CG2 HG23 sing N N 168 
ILE CD1 HD11 sing N N 169 
ILE CD1 HD12 sing N N 170 
ILE CD1 HD13 sing N N 171 
ILE OXT HXT  sing N N 172 
LEU N   CA   sing N N 173 
LEU N   H    sing N N 174 
LEU N   H2   sing N N 175 
LEU CA  C    sing N N 176 
LEU CA  CB   sing N N 177 
LEU CA  HA   sing N N 178 
LEU C   O    doub N N 179 
LEU C   OXT  sing N N 180 
LEU CB  CG   sing N N 181 
LEU CB  HB2  sing N N 182 
LEU CB  HB3  sing N N 183 
LEU CG  CD1  sing N N 184 
LEU CG  CD2  sing N N 185 
LEU CG  HG   sing N N 186 
LEU CD1 HD11 sing N N 187 
LEU CD1 HD12 sing N N 188 
LEU CD1 HD13 sing N N 189 
LEU CD2 HD21 sing N N 190 
LEU CD2 HD22 sing N N 191 
LEU CD2 HD23 sing N N 192 
LEU OXT HXT  sing N N 193 
LYS N   CA   sing N N 194 
LYS N   H    sing N N 195 
LYS N   H2   sing N N 196 
LYS CA  C    sing N N 197 
LYS CA  CB   sing N N 198 
LYS CA  HA   sing N N 199 
LYS C   O    doub N N 200 
LYS C   OXT  sing N N 201 
LYS CB  CG   sing N N 202 
LYS CB  HB2  sing N N 203 
LYS CB  HB3  sing N N 204 
LYS CG  CD   sing N N 205 
LYS CG  HG2  sing N N 206 
LYS CG  HG3  sing N N 207 
LYS CD  CE   sing N N 208 
LYS CD  HD2  sing N N 209 
LYS CD  HD3  sing N N 210 
LYS CE  NZ   sing N N 211 
LYS CE  HE2  sing N N 212 
LYS CE  HE3  sing N N 213 
LYS NZ  HZ1  sing N N 214 
LYS NZ  HZ2  sing N N 215 
LYS NZ  HZ3  sing N N 216 
LYS OXT HXT  sing N N 217 
MET N   CA   sing N N 218 
MET N   H    sing N N 219 
MET N   H2   sing N N 220 
MET CA  C    sing N N 221 
MET CA  CB   sing N N 222 
MET CA  HA   sing N N 223 
MET C   O    doub N N 224 
MET C   OXT  sing N N 225 
MET CB  CG   sing N N 226 
MET CB  HB2  sing N N 227 
MET CB  HB3  sing N N 228 
MET CG  SD   sing N N 229 
MET CG  HG2  sing N N 230 
MET CG  HG3  sing N N 231 
MET SD  CE   sing N N 232 
MET CE  HE1  sing N N 233 
MET CE  HE2  sing N N 234 
MET CE  HE3  sing N N 235 
MET OXT HXT  sing N N 236 
PHE N   CA   sing N N 237 
PHE N   H    sing N N 238 
PHE N   H2   sing N N 239 
PHE CA  C    sing N N 240 
PHE CA  CB   sing N N 241 
PHE CA  HA   sing N N 242 
PHE C   O    doub N N 243 
PHE C   OXT  sing N N 244 
PHE CB  CG   sing N N 245 
PHE CB  HB2  sing N N 246 
PHE CB  HB3  sing N N 247 
PHE CG  CD1  doub Y N 248 
PHE CG  CD2  sing Y N 249 
PHE CD1 CE1  sing Y N 250 
PHE CD1 HD1  sing N N 251 
PHE CD2 CE2  doub Y N 252 
PHE CD2 HD2  sing N N 253 
PHE CE1 CZ   doub Y N 254 
PHE CE1 HE1  sing N N 255 
PHE CE2 CZ   sing Y N 256 
PHE CE2 HE2  sing N N 257 
PHE CZ  HZ   sing N N 258 
PHE OXT HXT  sing N N 259 
PRO N   CA   sing N N 260 
PRO N   CD   sing N N 261 
PRO N   H    sing N N 262 
PRO CA  C    sing N N 263 
PRO CA  CB   sing N N 264 
PRO CA  HA   sing N N 265 
PRO C   O    doub N N 266 
PRO C   OXT  sing N N 267 
PRO CB  CG   sing N N 268 
PRO CB  HB2  sing N N 269 
PRO CB  HB3  sing N N 270 
PRO CG  CD   sing N N 271 
PRO CG  HG2  sing N N 272 
PRO CG  HG3  sing N N 273 
PRO CD  HD2  sing N N 274 
PRO CD  HD3  sing N N 275 
PRO OXT HXT  sing N N 276 
SER N   CA   sing N N 277 
SER N   H    sing N N 278 
SER N   H2   sing N N 279 
SER CA  C    sing N N 280 
SER CA  CB   sing N N 281 
SER CA  HA   sing N N 282 
SER C   O    doub N N 283 
SER C   OXT  sing N N 284 
SER CB  OG   sing N N 285 
SER CB  HB2  sing N N 286 
SER CB  HB3  sing N N 287 
SER OG  HG   sing N N 288 
SER OXT HXT  sing N N 289 
THR N   CA   sing N N 290 
THR N   H    sing N N 291 
THR N   H2   sing N N 292 
THR CA  C    sing N N 293 
THR CA  CB   sing N N 294 
THR CA  HA   sing N N 295 
THR C   O    doub N N 296 
THR C   OXT  sing N N 297 
THR CB  OG1  sing N N 298 
THR CB  CG2  sing N N 299 
THR CB  HB   sing N N 300 
THR OG1 HG1  sing N N 301 
THR CG2 HG21 sing N N 302 
THR CG2 HG22 sing N N 303 
THR CG2 HG23 sing N N 304 
THR OXT HXT  sing N N 305 
TRP N   CA   sing N N 306 
TRP N   H    sing N N 307 
TRP N   H2   sing N N 308 
TRP CA  C    sing N N 309 
TRP CA  CB   sing N N 310 
TRP CA  HA   sing N N 311 
TRP C   O    doub N N 312 
TRP C   OXT  sing N N 313 
TRP CB  CG   sing N N 314 
TRP CB  HB2  sing N N 315 
TRP CB  HB3  sing N N 316 
TRP CG  CD1  doub Y N 317 
TRP CG  CD2  sing Y N 318 
TRP CD1 NE1  sing Y N 319 
TRP CD1 HD1  sing N N 320 
TRP CD2 CE2  doub Y N 321 
TRP CD2 CE3  sing Y N 322 
TRP NE1 CE2  sing Y N 323 
TRP NE1 HE1  sing N N 324 
TRP CE2 CZ2  sing Y N 325 
TRP CE3 CZ3  doub Y N 326 
TRP CE3 HE3  sing N N 327 
TRP CZ2 CH2  doub Y N 328 
TRP CZ2 HZ2  sing N N 329 
TRP CZ3 CH2  sing Y N 330 
TRP CZ3 HZ3  sing N N 331 
TRP CH2 HH2  sing N N 332 
TRP OXT HXT  sing N N 333 
TYR N   CA   sing N N 334 
TYR N   H    sing N N 335 
TYR N   H2   sing N N 336 
TYR CA  C    sing N N 337 
TYR CA  CB   sing N N 338 
TYR CA  HA   sing N N 339 
TYR C   O    doub N N 340 
TYR C   OXT  sing N N 341 
TYR CB  CG   sing N N 342 
TYR CB  HB2  sing N N 343 
TYR CB  HB3  sing N N 344 
TYR CG  CD1  doub Y N 345 
TYR CG  CD2  sing Y N 346 
TYR CD1 CE1  sing Y N 347 
TYR CD1 HD1  sing N N 348 
TYR CD2 CE2  doub Y N 349 
TYR CD2 HD2  sing N N 350 
TYR CE1 CZ   doub Y N 351 
TYR CE1 HE1  sing N N 352 
TYR CE2 CZ   sing Y N 353 
TYR CE2 HE2  sing N N 354 
TYR CZ  OH   sing N N 355 
TYR OH  HH   sing N N 356 
TYR OXT HXT  sing N N 357 
VAL N   CA   sing N N 358 
VAL N   H    sing N N 359 
VAL N   H2   sing N N 360 
VAL CA  C    sing N N 361 
VAL CA  CB   sing N N 362 
VAL CA  HA   sing N N 363 
VAL C   O    doub N N 364 
VAL C   OXT  sing N N 365 
VAL CB  CG1  sing N N 366 
VAL CB  CG2  sing N N 367 
VAL CB  HB   sing N N 368 
VAL CG1 HG11 sing N N 369 
VAL CG1 HG12 sing N N 370 
VAL CG1 HG13 sing N N 371 
VAL CG2 HG21 sing N N 372 
VAL CG2 HG22 sing N N 373 
VAL CG2 HG23 sing N N 374 
VAL OXT HXT  sing N N 375 
XZV O   C    doub N N 376 
XZV N   C    sing N N 377 
XZV C1  N    sing N N 378 
XZV C2  C1   sing N N 379 
XZV C2  C3   sing N N 380 
XZV C3  C4   sing N N 381 
XZV C4  C2   sing N N 382 
XZV C   N1   sing N N 383 
XZV N1  C5   sing N N 384 
XZV C5  C6   sing N N 385 
XZV C6  N2   sing N N 386 
XZV N2  C7   sing N N 387 
XZV O1  C7   doub N N 388 
XZV C7  C8   sing N N 389 
XZV C8  C9   doub Y N 390 
XZV C9  C10  sing Y N 391 
XZV C10 C11  doub Y N 392 
XZV C11 CL   sing N N 393 
XZV O2  C11  sing Y N 394 
XZV C8  O2   sing Y N 395 
XZV C12 N2   sing N N 396 
XZV C13 C12  sing N N 397 
XZV N1  C13  sing N N 398 
XZV C4  H7   sing N N 399 
XZV C4  H6   sing N N 400 
XZV C5  H8   sing N N 401 
XZV C5  H9   sing N N 402 
XZV C6  H11  sing N N 403 
XZV C6  H10  sing N N 404 
XZV C10 H13  sing N N 405 
XZV C13 H17  sing N N 406 
XZV C13 H16  sing N N 407 
XZV N   H    sing N N 408 
XZV C1  H1   sing N N 409 
XZV C1  H2   sing N N 410 
XZV C12 H14  sing N N 411 
XZV C12 H15  sing N N 412 
XZV C2  H3   sing N N 413 
XZV C3  H5   sing N N 414 
XZV C3  H4   sing N N 415 
XZV C9  H12  sing N N 416 
# 
_pdbx_deposit_group.group_id            G_1002190 
_pdbx_deposit_group.group_description   
;XDomainX of XOrganismX PHIP screened against crude reaction mixtures by X-ray Crystallography at the XChem facility of Diamond Light Source beamline I04-1
;
_pdbx_deposit_group.group_title         'PanDDA analysis group deposition' 
_pdbx_deposit_group.group_type          'changed state' 
# 
_atom_sites.entry_id                    5S95 
_atom_sites.fract_transf_matrix[1][1]   0.00640696 
_atom_sites.fract_transf_matrix[1][2]   0.00773674 
_atom_sites.fract_transf_matrix[1][3]   -0.00734291 
_atom_sites.fract_transf_matrix[2][1]   0.02242509 
_atom_sites.fract_transf_matrix[2][2]   -0.02791232 
_atom_sites.fract_transf_matrix[2][3]   -0.00984263 
_atom_sites.fract_transf_matrix[3][1]   -0.00927347 
_atom_sites.fract_transf_matrix[3][2]   -0.00194581 
_atom_sites.fract_transf_matrix[3][3]   -0.01561028 
_atom_sites.fract_transf_vector[1]      -0.146541 
_atom_sites.fract_transf_vector[2]      0.455803 
_atom_sites.fract_transf_vector[3]      0.232370 
# 
loop_
_atom_type.symbol 
C  
CL 
N  
O  
S  
# 
loop_
_atom_site.group_PDB 
_atom_site.id 
_atom_site.type_symbol 
_atom_site.label_atom_id 
_atom_site.label_alt_id 
_atom_site.label_comp_id 
_atom_site.label_asym_id 
_atom_site.label_entity_id 
_atom_site.label_seq_id 
_atom_site.pdbx_PDB_ins_code 
_atom_site.Cartn_x 
_atom_site.Cartn_y 
_atom_site.Cartn_z 
_atom_site.occupancy 
_atom_site.B_iso_or_equiv 
_atom_site.pdbx_formal_charge 
_atom_site.auth_seq_id 
_atom_site.auth_comp_id 
_atom_site.auth_asym_id 
_atom_site.auth_atom_id 
_atom_site.pdbx_PDB_model_num 
ATOM   1    N  N   . TYR A 1 25  ? 15.313  6.621   17.225  1.00 22.77 ? 1316 TYR A N   1 
ATOM   2    C  CA  . TYR A 1 25  ? 15.108  8.049   16.870  1.00 22.06 ? 1316 TYR A CA  1 
ATOM   3    C  C   . TYR A 1 25  ? 15.778  8.344   15.522  1.00 17.95 ? 1316 TYR A C   1 
ATOM   4    O  O   . TYR A 1 25  ? 16.009  9.488   15.223  1.00 17.65 ? 1316 TYR A O   1 
ATOM   5    C  CB  . TYR A 1 25  ? 15.554  9.026   17.945  1.00 26.07 ? 1316 TYR A CB  1 
ATOM   6    C  CG  . TYR A 1 25  ? 14.997  8.791   19.327  1.00 26.82 ? 1316 TYR A CG  1 
ATOM   7    C  CD1 . TYR A 1 25  ? 13.633  8.629   19.560  1.00 28.96 ? 1316 TYR A CD1 1 
ATOM   8    C  CD2 . TYR A 1 25  ? 15.859  8.804   20.413  1.00 28.96 ? 1316 TYR A CD2 1 
ATOM   9    C  CE1 . TYR A 1 25  ? 13.137  8.454   20.848  1.00 27.17 ? 1316 TYR A CE1 1 
ATOM   10   C  CE2 . TYR A 1 25  ? 15.383  8.605   21.700  1.00 29.10 ? 1316 TYR A CE2 1 
ATOM   11   C  CZ  . TYR A 1 25  ? 14.021  8.455   21.918  1.00 29.21 ? 1316 TYR A CZ  1 
ATOM   12   O  OH  . TYR A 1 25  ? 13.554  8.299   23.206  1.00 26.97 ? 1316 TYR A OH  1 
ATOM   13   N  N   . ASP A 1 26  ? 15.931  7.325   14.682  1.00 16.04 ? 1317 ASP A N   1 
ATOM   14   C  CA  . ASP A 1 26  ? 16.442  7.497   13.294  1.00 15.51 ? 1317 ASP A CA  1 
ATOM   15   C  C   . ASP A 1 26  ? 15.267  7.916   12.418  1.00 14.80 ? 1317 ASP A C   1 
ATOM   16   O  O   . ASP A 1 26  ? 14.369  7.111   12.152  1.00 15.25 ? 1317 ASP A O   1 
ATOM   17   C  CB  . ASP A 1 26  ? 17.104  6.235   12.786  1.00 15.50 ? 1317 ASP A CB  1 
ATOM   18   C  CG  . ASP A 1 26  ? 17.661  6.295   11.381  1.00 14.72 ? 1317 ASP A CG  1 
ATOM   19   O  OD1 . ASP A 1 26  ? 17.272  7.203   10.637  1.00 17.11 ? 1317 ASP A OD1 1 
ATOM   20   O  OD2 . ASP A 1 26  ? 18.582  5.484   11.118  1.00 18.66 ? 1317 ASP A OD2 1 
ATOM   21   N  N   . ILE A 1 27  ? 15.243  9.156   11.956  0.50 14.05 ? 1318 ILE A N   1 
ATOM   22   C  CA  . ILE A 1 27  ? 14.060  9.661   11.209  0.50 14.02 ? 1318 ILE A CA  1 
ATOM   23   C  C   . ILE A 1 27  ? 14.144  9.254   9.744   0.50 14.05 ? 1318 ILE A C   1 
ATOM   24   O  O   . ILE A 1 27  ? 13.163  9.546   9.039   0.50 14.63 ? 1318 ILE A O   1 
ATOM   25   C  CB  . ILE A 1 27  ? 13.898  11.173  11.377  0.50 14.47 ? 1318 ILE A CB  1 
ATOM   26   C  CG1 . ILE A 1 27  ? 15.083  11.947  10.804  0.50 15.59 ? 1318 ILE A CG1 1 
ATOM   27   C  CG2 . ILE A 1 27  ? 13.646  11.499  12.832  0.50 14.79 ? 1318 ILE A CG2 1 
ATOM   28   C  CD1 . ILE A 1 27  ? 15.027  13.407  11.091  0.50 15.24 ? 1318 ILE A CD1 1 
ATOM   29   N  N   . GLN A 1 28  ? 15.222  8.584   9.323   1.00 13.49 ? 1319 GLN A N   1 
ATOM   30   C  CA  . GLN A 1 28  ? 15.293  8.020   7.950   1.00 13.69 ? 1319 GLN A CA  1 
ATOM   31   C  C   . GLN A 1 28  ? 14.944  6.538   7.908   1.00 14.75 ? 1319 GLN A C   1 
ATOM   32   O  O   . GLN A 1 28  ? 14.777  5.997   6.801   1.00 14.05 ? 1319 GLN A O   1 
ATOM   33   C  CB  . GLN A 1 28  ? 16.656  8.261   7.285   1.00 14.88 ? 1319 GLN A CB  1 
ATOM   34   C  CG  . GLN A 1 28  ? 16.817  9.696   6.798   1.00 15.68 ? 1319 GLN A CG  1 
ATOM   35   C  CD  . GLN A 1 28  ? 17.480  10.614  7.805   1.00 14.72 ? 1319 GLN A CD  1 
ATOM   36   O  OE1 . GLN A 1 28  ? 18.510  10.291  8.395   1.00 15.26 ? 1319 GLN A OE1 1 
ATOM   37   N  NE2 . GLN A 1 28  ? 16.891  11.760  7.978   1.00 15.66 ? 1319 GLN A NE2 1 
ATOM   38   N  N   . ALA A 1 29  ? 14.878  5.834   9.059   1.00 15.28 ? 1320 ALA A N   1 
ATOM   39   C  CA  . ALA A 1 29  ? 14.850  4.367   9.071   1.00 14.52 ? 1320 ALA A CA  1 
ATOM   40   C  C   . ALA A 1 29  ? 13.588  3.809   8.363   1.00 13.16 ? 1320 ALA A C   1 
ATOM   41   O  O   . ALA A 1 29  ? 13.649  2.680   7.880   1.00 14.89 ? 1320 ALA A O   1 
ATOM   42   C  CB  . ALA A 1 29  ? 14.901  3.887   10.514  1.00 15.02 ? 1320 ALA A CB  1 
ATOM   43   N  N   . TRP A 1 30  ? 12.515  4.586   8.344   1.00 13.06 ? 1321 TRP A N   1 
ATOM   44   C  CA  . TRP A 1 30  ? 11.242  4.130   7.752   1.00 13.84 ? 1321 TRP A CA  1 
ATOM   45   C  C   . TRP A 1 30  ? 11.461  3.684   6.316   1.00 14.20 ? 1321 TRP A C   1 
ATOM   46   O  O   . TRP A 1 30  ? 10.705  2.827   5.878   1.00 14.05 ? 1321 TRP A O   1 
ATOM   47   C  CB  . TRP A 1 30  ? 10.193  5.209   7.847   1.00 13.57 ? 1321 TRP A CB  1 
ATOM   48   C  CG  . TRP A 1 30  ? 10.581  6.403   7.027   1.00 14.10 ? 1321 TRP A CG  1 
ATOM   49   C  CD1 . TRP A 1 30  ? 11.344  7.463   7.400   1.00 14.80 ? 1321 TRP A CD1 1 
ATOM   50   C  CD2 . TRP A 1 30  ? 10.196  6.654   5.658   1.00 14.34 ? 1321 TRP A CD2 1 
ATOM   51   N  NE1 . TRP A 1 30  ? 11.522  8.323   6.351   1.00 15.17 ? 1321 TRP A NE1 1 
ATOM   52   C  CE2 . TRP A 1 30  ? 10.797  7.868   5.299   1.00 14.66 ? 1321 TRP A CE2 1 
ATOM   53   C  CE3 . TRP A 1 30  ? 9.410   5.998   4.700   1.00 14.92 ? 1321 TRP A CE3 1 
ATOM   54   C  CZ2 . TRP A 1 30  ? 10.656  8.439   4.045   1.00 15.85 ? 1321 TRP A CZ2 1 
ATOM   55   C  CZ3 . TRP A 1 30  ? 9.239   6.584   3.457   1.00 15.53 ? 1321 TRP A CZ3 1 
ATOM   56   C  CH2 . TRP A 1 30  ? 9.898   7.763   3.139   1.00 15.49 ? 1321 TRP A CH2 1 
ATOM   57   N  N   . LYS A 1 31  ? 12.418  4.290   5.595   1.00 13.28 ? 1322 LYS A N   1 
ATOM   58   C  CA  . LYS A 1 31  ? 12.434  4.044   4.151   1.00 13.68 ? 1322 LYS A CA  1 
ATOM   59   C  C   . LYS A 1 31  ? 12.863  2.600   3.870   1.00 13.50 ? 1322 LYS A C   1 
ATOM   60   O  O   . LYS A 1 31  ? 12.168  1.856   3.129   1.00 14.95 ? 1322 LYS A O   1 
ATOM   61   C  CB  . LYS A 1 31  ? 13.276  5.112   3.452   1.00 13.20 ? 1322 LYS A CB  1 
ATOM   62   C  CG  . LYS A 1 31  ? 13.458  4.832   1.955   1.00 13.58 ? 1322 LYS A CG  1 
ATOM   63   C  CD  . LYS A 1 31  ? 14.182  5.963   1.298   1.00 14.73 ? 1322 LYS A CD  1 
ATOM   64   C  CE  . LYS A 1 31  ? 14.205  5.857   -0.215  1.00 15.24 ? 1322 LYS A CE  1 
ATOM   65   N  NZ  . LYS A 1 31  ? 14.937  7.025   -0.749  1.00 16.25 ? 1322 LYS A NZ  1 
ATOM   66   N  N   . LYS A 1 32  ? 13.966  2.158   4.460   1.00 15.80 ? 1323 LYS A N   1 
ATOM   67   C  CA  . LYS A 1 32  ? 14.354  0.750   4.300   1.00 16.32 ? 1323 LYS A CA  1 
ATOM   68   C  C   . LYS A 1 32  ? 13.311  -0.175  4.939   1.00 14.75 ? 1323 LYS A C   1 
ATOM   69   O  O   . LYS A 1 32  ? 13.084  -1.240  4.384   1.00 15.50 ? 1323 LYS A O   1 
ATOM   70   C  CB  . LYS A 1 32  ? 15.734  0.511   4.923   1.00 19.32 ? 1323 LYS A CB  1 
ATOM   71   C  CG  . LYS A 1 32  ? 16.323  -0.850  4.663   1.00 25.75 ? 1323 LYS A CG  1 
ATOM   72   C  CD  . LYS A 1 32  ? 17.690  -1.009  5.319   1.00 29.91 ? 1323 LYS A CD  1 
ATOM   73   N  N   . GLN A 1 33  ? 12.689  0.227   6.037   1.00 15.59 ? 1324 GLN A N   1 
ATOM   74   C  CA  . GLN A 1 33  ? 11.642  -0.625  6.642   1.00 15.48 ? 1324 GLN A CA  1 
ATOM   75   C  C   . GLN A 1 33  ? 10.490  -0.803  5.642   1.00 15.38 ? 1324 GLN A C   1 
ATOM   76   O  O   . GLN A 1 33  ? 9.969   -1.905  5.499   1.00 15.28 ? 1324 GLN A O   1 
ATOM   77   C  CB  . GLN A 1 33  ? 11.139  -0.018  7.934   1.00 15.47 ? 1324 GLN A CB  1 
ATOM   78   C  CG  . GLN A 1 33  ? 12.168  -0.143  9.046   1.00 16.28 ? 1324 GLN A CG  1 
ATOM   79   C  CD  . GLN A 1 33  ? 11.906  0.837   10.148  1.00 16.85 ? 1324 GLN A CD  1 
ATOM   80   O  OE1 . GLN A 1 33  ? 10.946  1.569   10.192  1.00 18.75 ? 1324 GLN A OE1 1 
ATOM   81   N  NE2 . GLN A 1 33  ? 12.781  0.845   11.137  1.00 18.22 ? 1324 GLN A NE2 1 
ATOM   82   N  N   . CYS A 1 34  ? 10.127  0.248   4.931   1.00 14.21 ? 1325 CYS A N   1 
ATOM   83   C  CA  . CYS A 1 34  ? 9.063   0.149   3.920   1.00 13.57 ? 1325 CYS A CA  1 
ATOM   84   C  C   . CYS A 1 34  ? 9.515   -0.648  2.705   1.00 14.58 ? 1325 CYS A C   1 
ATOM   85   O  O   . CYS A 1 34  ? 8.748   -1.405  2.131   1.00 14.06 ? 1325 CYS A O   1 
ATOM   86   C  CB  . CYS A 1 34  ? 8.613   1.528   3.496   1.00 14.24 ? 1325 CYS A CB  1 
ATOM   87   S  SG  . CYS A 1 34  ? 7.622   2.391   4.729   1.00 14.76 ? 1325 CYS A SG  1 
ATOM   88   N  N   . GLU A 1 35  ? 10.763  -0.508  2.298   1.00 13.44 ? 1326 GLU A N   1 
ATOM   89   C  CA  . GLU A 1 35  ? 11.315  -1.331  1.211   1.00 14.88 ? 1326 GLU A CA  1 
ATOM   90   C  C   . GLU A 1 35  ? 11.179  -2.806  1.559   1.00 15.22 ? 1326 GLU A C   1 
ATOM   91   O  O   . GLU A 1 35  ? 10.769  -3.593  0.701   1.00 17.16 ? 1326 GLU A O   1 
ATOM   92   C  CB  . GLU A 1 35  ? 12.779  -0.999  0.921   1.00 17.62 ? 1326 GLU A CB  1 
ATOM   93   C  CG  . GLU A 1 35  ? 12.995  0.376   0.366   1.00 21.06 ? 1326 GLU A CG  1 
ATOM   94   C  CD  . GLU A 1 35  ? 14.443  0.831   0.278   1.00 24.98 ? 1326 GLU A CD  1 
ATOM   95   O  OE1 . GLU A 1 35  ? 15.305  0.221   0.938   1.00 28.41 ? 1326 GLU A OE1 1 
ATOM   96   O  OE2 . GLU A 1 35  ? 14.685  1.834   -0.446  1.00 28.36 ? 1326 GLU A OE2 1 
ATOM   97   N  N   . GLU A 1 36  ? 11.565  -3.209  2.775   0.50 16.75 ? 1327 GLU A N   1 
ATOM   98   C  CA  . GLU A 1 36  ? 11.531  -4.651  3.137   0.50 17.31 ? 1327 GLU A CA  1 
ATOM   99   C  C   . GLU A 1 36  ? 10.067  -5.083  3.304   0.50 16.41 ? 1327 GLU A C   1 
ATOM   100  O  O   . GLU A 1 36  ? 9.773   -6.228  2.950   0.50 17.26 ? 1327 GLU A O   1 
ATOM   101  C  CB  . GLU A 1 36  ? 12.435  -4.995  4.328   0.50 20.13 ? 1327 GLU A CB  1 
ATOM   102  C  CG  . GLU A 1 36  ? 12.435  -3.995  5.465   0.50 22.75 ? 1327 GLU A CG  1 
ATOM   103  C  CD  . GLU A 1 36  ? 13.684  -4.004  6.347   0.50 24.85 ? 1327 GLU A CD  1 
ATOM   104  O  OE1 . GLU A 1 36  ? 14.763  -4.440  5.872   0.50 27.09 ? 1327 GLU A OE1 1 
ATOM   105  O  OE2 . GLU A 1 36  ? 13.579  -3.563  7.509   0.50 27.11 ? 1327 GLU A OE2 1 
ATOM   106  N  N   . LEU A 1 37  ? 9.179   -4.219  3.797   1.00 15.81 ? 1328 LEU A N   1 
ATOM   107  C  CA  . LEU A 1 37  ? 7.749   -4.598  3.846   1.00 14.59 ? 1328 LEU A CA  1 
ATOM   108  C  C   . LEU A 1 37  ? 7.192   -4.761  2.425   1.00 14.92 ? 1328 LEU A C   1 
ATOM   109  O  O   . LEU A 1 37  ? 6.449   -5.746  2.196   1.00 14.85 ? 1328 LEU A O   1 
ATOM   110  C  CB  . LEU A 1 37  ? 6.981   -3.565  4.636   1.00 14.73 ? 1328 LEU A CB  1 
ATOM   111  C  CG  . LEU A 1 37  ? 5.480   -3.802  4.701   1.00 16.26 ? 1328 LEU A CG  1 
ATOM   112  C  CD1 . LEU A 1 37  ? 5.153   -5.210  5.168   1.00 17.08 ? 1328 LEU A CD1 1 
ATOM   113  C  CD2 . LEU A 1 37  ? 4.858   -2.835  5.645   1.00 17.14 ? 1328 LEU A CD2 1 
ATOM   114  N  N   . LEU A 1 38  ? 7.552   -3.892  1.487   1.00 14.08 ? 1329 LEU A N   1 
ATOM   115  C  CA  . LEU A 1 38  ? 7.102   -4.089  0.095   1.00 14.25 ? 1329 LEU A CA  1 
ATOM   116  C  C   . LEU A 1 38  ? 7.658   -5.392  -0.435  1.00 16.09 ? 1329 LEU A C   1 
ATOM   117  O  O   . LEU A 1 38  ? 6.948   -6.079  -1.156  1.00 16.88 ? 1329 LEU A O   1 
ATOM   118  C  CB  . LEU A 1 38  ? 7.518   -2.896  -0.759  1.00 15.21 ? 1329 LEU A CB  1 
ATOM   119  C  CG  . LEU A 1 38  ? 6.741   -1.616  -0.496  1.00 15.28 ? 1329 LEU A CG  1 
ATOM   120  C  CD1 . LEU A 1 38  ? 7.406   -0.435  -1.147  1.00 16.01 ? 1329 LEU A CD1 1 
ATOM   121  C  CD2 . LEU A 1 38  ? 5.296   -1.690  -0.948  1.00 16.52 ? 1329 LEU A CD2 1 
ATOM   122  N  N   . ASN A 1 39  ? 8.901   -5.729  -0.127  1.00 17.24 ? 1330 ASN A N   1 
ATOM   123  C  CA  . ASN A 1 39  ? 9.485   -7.018  -0.565  1.00 19.37 ? 1330 ASN A CA  1 
ATOM   124  C  C   . ASN A 1 39  ? 8.601   -8.164  -0.057  1.00 17.84 ? 1330 ASN A C   1 
ATOM   125  O  O   . ASN A 1 39  ? 8.292   -9.078  -0.871  1.00 18.60 ? 1330 ASN A O   1 
ATOM   126  C  CB  . ASN A 1 39  ? 10.940  -7.129  -0.114  1.00 21.24 ? 1330 ASN A CB  1 
ATOM   127  C  CG  . ASN A 1 39  ? 11.874  -6.241  -0.917  1.00 22.98 ? 1330 ASN A CG  1 
ATOM   128  O  OD1 . ASN A 1 39  ? 11.552  -5.812  -2.016  1.00 26.89 ? 1330 ASN A OD1 1 
ATOM   129  N  ND2 . ASN A 1 39  ? 13.073  -6.020  -0.393  1.00 26.33 ? 1330 ASN A ND2 1 
ATOM   130  N  N   . LEU A 1 40  ? 8.219   -8.139  1.205   1.00 15.82 ? 1331 LEU A N   1 
ATOM   131  C  CA  . LEU A 1 40  ? 7.361   -9.213  1.770   1.00 17.52 ? 1331 LEU A CA  1 
ATOM   132  C  C   . LEU A 1 40  ? 6.046   -9.209  1.012   1.00 17.56 ? 1331 LEU A C   1 
ATOM   133  O  O   . LEU A 1 40  ? 5.541   -10.278 0.659   1.00 16.61 ? 1331 LEU A O   1 
ATOM   134  C  CB  . LEU A 1 40  ? 7.106   -8.998  3.255   1.00 18.80 ? 1331 LEU A CB  1 
ATOM   135  C  CG  . LEU A 1 40  ? 8.328   -9.142  4.149   1.00 19.76 ? 1331 LEU A CG  1 
ATOM   136  C  CD1 . LEU A 1 40  ? 8.001   -8.721  5.563   1.00 21.82 ? 1331 LEU A CD1 1 
ATOM   137  C  CD2 . LEU A 1 40  ? 8.886   -10.570 4.053   1.00 21.71 ? 1331 LEU A CD2 1 
ATOM   138  N  N   . ILE A 1 41  ? 5.484   -8.036  0.759   1.00 15.62 ? 1332 ILE A N   1 
ATOM   139  C  CA  . ILE A 1 41  ? 4.160   -7.952  0.097   1.00 15.09 ? 1332 ILE A CA  1 
ATOM   140  C  C   . ILE A 1 41  ? 4.296   -8.586  -1.298  1.00 14.31 ? 1332 ILE A C   1 
ATOM   141  O  O   . ILE A 1 41  ? 3.411   -9.349  -1.693  1.00 14.21 ? 1332 ILE A O   1 
ATOM   142  C  CB  . ILE A 1 41  ? 3.677   -6.500  0.073   1.00 14.58 ? 1332 ILE A CB  1 
ATOM   143  C  CG1 . ILE A 1 41  ? 3.225   -6.160  1.501   1.00 15.67 ? 1332 ILE A CG1 1 
ATOM   144  C  CG2 . ILE A 1 41  ? 2.585   -6.324  -0.953  1.00 14.05 ? 1332 ILE A CG2 1 
ATOM   145  C  CD1 . ILE A 1 41  ? 2.955   -4.734  1.706   1.00 15.82 ? 1332 ILE A CD1 1 
ATOM   146  N  N   . PHE A 1 42  ? 5.350   -8.262  -2.047  1.00 16.07 ? 1333 PHE A N   1 
ATOM   147  C  CA  . PHE A 1 42  ? 5.550   -8.822  -3.413  1.00 17.81 ? 1333 PHE A CA  1 
ATOM   148  C  C   . PHE A 1 42  ? 5.719   -10.350 -3.364  1.00 19.16 ? 1333 PHE A C   1 
ATOM   149  O  O   . PHE A 1 42  ? 5.219   -11.024 -4.301  1.00 24.11 ? 1333 PHE A O   1 
ATOM   150  C  CB  . PHE A 1 42  ? 6.706   -8.095  -4.101  1.00 17.46 ? 1333 PHE A CB  1 
ATOM   151  C  CG  . PHE A 1 42  ? 6.312   -6.864  -4.872  1.00 17.59 ? 1333 PHE A CG  1 
ATOM   152  C  CD1 . PHE A 1 42  ? 6.291   -5.612  -4.269  1.00 18.80 ? 1333 PHE A CD1 1 
ATOM   153  C  CD2 . PHE A 1 42  ? 5.925   -6.947  -6.201  1.00 18.75 ? 1333 PHE A CD2 1 
ATOM   154  C  CE1 . PHE A 1 42  ? 5.968   -4.475  -4.999  1.00 19.37 ? 1333 PHE A CE1 1 
ATOM   155  C  CE2 . PHE A 1 42  ? 5.568   -5.808  -6.920  1.00 20.52 ? 1333 PHE A CE2 1 
ATOM   156  C  CZ  . PHE A 1 42  ? 5.589   -4.581  -6.311  1.00 20.16 ? 1333 PHE A CZ  1 
ATOM   157  N  N   . GLN A 1 43  ? 6.266   -10.903 -2.287  1.00 19.58 ? 1334 GLN A N   1 
ATOM   158  C  CA  . GLN A 1 43  ? 6.418   -12.385 -2.117  1.00 22.64 ? 1334 GLN A CA  1 
ATOM   159  C  C   . GLN A 1 43  ? 5.077   -13.051 -1.815  1.00 21.84 ? 1334 GLN A C   1 
ATOM   160  O  O   . GLN A 1 43  ? 4.916   -14.239 -2.079  1.00 24.91 ? 1334 GLN A O   1 
ATOM   161  C  CB  . GLN A 1 43  ? 7.389   -12.700 -0.976  1.00 25.24 ? 1334 GLN A CB  1 
ATOM   162  C  CG  . GLN A 1 43  ? 8.852   -12.589 -1.383  1.00 29.59 ? 1334 GLN A CG  1 
ATOM   163  C  CD  . GLN A 1 43  ? 9.224   -13.493 -2.543  1.00 32.22 ? 1334 GLN A CD  1 
ATOM   164  O  OE1 . GLN A 1 43  ? 8.900   -14.705 -2.562  1.00 30.28 ? 1334 GLN A OE1 1 
ATOM   165  N  NE2 . GLN A 1 43  ? 9.909   -12.916 -3.534  1.00 28.46 ? 1334 GLN A NE2 1 
ATOM   166  N  N   A CYS A 1 44  ? 4.139   -12.316 -1.183  0.25 20.51 ? 1335 CYS A N   1 
ATOM   167  N  N   B CYS A 1 44  ? 4.129   -12.276 -1.321  0.25 19.44 ? 1335 CYS A N   1 
ATOM   168  C  CA  A CYS A 1 44  ? 2.775   -12.795 -0.812  0.25 19.11 ? 1335 CYS A CA  1 
ATOM   169  C  CA  B CYS A 1 44  ? 2.835   -12.784 -0.851  0.25 17.54 ? 1335 CYS A CA  1 
ATOM   170  C  C   A CYS A 1 44  ? 1.952   -13.034 -2.081  0.25 17.14 ? 1335 CYS A C   1 
ATOM   171  C  C   B CYS A 1 44  ? 1.907   -13.007 -2.053  0.25 16.22 ? 1335 CYS A C   1 
ATOM   172  O  O   A CYS A 1 44  ? 1.807   -12.104 -2.896  0.25 15.98 ? 1335 CYS A O   1 
ATOM   173  O  O   B CYS A 1 44  ? 1.684   -12.062 -2.827  0.25 14.66 ? 1335 CYS A O   1 
ATOM   174  C  CB  A CYS A 1 44  ? 1.973   -11.799 0.025   0.25 19.66 ? 1335 CYS A CB  1 
ATOM   175  C  CB  B CYS A 1 44  ? 2.285   -11.780 0.144   0.25 17.09 ? 1335 CYS A CB  1 
ATOM   176  S  SG  A CYS A 1 44  ? 2.586   -11.505 1.700   0.25 21.70 ? 1335 CYS A SG  1 
ATOM   177  S  SG  B CYS A 1 44  ? 0.769   -12.397 0.871   0.25 17.10 ? 1335 CYS A SG  1 
ATOM   178  N  N   . GLU A 1 45  ? 1.356   -14.217 -2.202  1.00 16.29 ? 1336 GLU A N   1 
ATOM   179  C  CA  . GLU A 1 45  ? 0.473   -14.518 -3.342  1.00 16.28 ? 1336 GLU A CA  1 
ATOM   180  C  C   . GLU A 1 45  ? -0.742  -13.593 -3.378  1.00 14.99 ? 1336 GLU A C   1 
ATOM   181  O  O   . GLU A 1 45  ? -1.176  -13.214 -4.499  1.00 16.61 ? 1336 GLU A O   1 
ATOM   182  C  CB  . GLU A 1 45  ? -0.006  -15.953 -3.231  1.00 17.59 ? 1336 GLU A CB  1 
ATOM   183  C  CG  . GLU A 1 45  ? 1.083   -16.933 -3.565  1.00 20.99 ? 1336 GLU A CG  1 
ATOM   184  C  CD  . GLU A 1 45  ? 0.702   -18.381 -3.357  1.00 24.83 ? 1336 GLU A CD  1 
ATOM   185  O  OE1 . GLU A 1 45  ? -0.497  -18.676 -3.136  1.00 24.69 ? 1336 GLU A OE1 1 
ATOM   186  O  OE2 . GLU A 1 45  ? 1.605   -19.213 -3.475  1.00 26.19 ? 1336 GLU A OE2 1 
ATOM   187  N  N   . ASP A 1 46  ? -1.188  -13.147 -2.221  1.00 14.31 ? 1337 ASP A N   1 
ATOM   188  C  CA  . ASP A 1 46  ? -2.352  -12.238 -2.162  1.00 14.75 ? 1337 ASP A CA  1 
ATOM   189  C  C   . ASP A 1 46  ? -2.046  -10.900 -2.827  1.00 14.30 ? 1337 ASP A C   1 
ATOM   190  O  O   . ASP A 1 46  ? -3.011  -10.163 -3.101  1.00 14.72 ? 1337 ASP A O   1 
ATOM   191  C  CB  . ASP A 1 46  ? -2.827  -12.028 -0.732  1.00 13.73 ? 1337 ASP A CB  1 
ATOM   192  C  CG  . ASP A 1 46  ? -3.609  -13.190 -0.147  1.00 15.01 ? 1337 ASP A CG  1 
ATOM   193  O  OD1 . ASP A 1 46  ? -4.168  -13.994 -0.954  1.00 17.08 ? 1337 ASP A OD1 1 
ATOM   194  O  OD2 . ASP A 1 46  ? -3.708  -13.251 1.070   1.00 16.93 ? 1337 ASP A OD2 1 
ATOM   195  N  N   . SER A 1 47  ? -0.794  -10.517 -3.057  1.00 13.52 ? 1338 SER A N   1 
ATOM   196  C  CA  . SER A 1 47  ? -0.517  -9.222  -3.715  1.00 13.45 ? 1338 SER A CA  1 
ATOM   197  C  C   . SER A 1 47  ? -0.628  -9.290  -5.245  1.00 12.82 ? 1338 SER A C   1 
ATOM   198  O  O   . SER A 1 47  ? -0.598  -8.215  -5.878  1.00 13.37 ? 1338 SER A O   1 
ATOM   199  C  CB  . SER A 1 47  ? 0.799   -8.650  -3.318  1.00 13.91 ? 1338 SER A CB  1 
ATOM   200  O  OG  . SER A 1 47  ? 1.898   -9.368  -3.894  1.00 15.47 ? 1338 SER A OG  1 
ATOM   201  N  N   . GLU A 1 48  ? -0.751  -10.488 -5.829  1.00 14.83 ? 1339 GLU A N   1 
ATOM   202  C  CA  . GLU A 1 48  ? -0.590  -10.574 -7.301  1.00 16.72 ? 1339 GLU A CA  1 
ATOM   203  C  C   . GLU A 1 48  ? -1.532  -9.630  -8.049  1.00 14.80 ? 1339 GLU A C   1 
ATOM   204  O  O   . GLU A 1 48  ? -1.069  -8.923  -8.937  1.00 15.76 ? 1339 GLU A O   1 
ATOM   205  C  CB  . GLU A 1 48  ? -0.573  -12.015 -7.797  1.00 20.89 ? 1339 GLU A CB  1 
ATOM   206  C  CG  . GLU A 1 48  ? 0.084   -12.100 -9.182  1.00 23.13 ? 1339 GLU A CG  1 
ATOM   207  C  CD  . GLU A 1 48  ? -0.848  -11.669 -10.291 1.00 26.34 ? 1339 GLU A CD  1 
ATOM   208  O  OE1 . GLU A 1 48  ? -2.040  -11.745 -10.053 1.00 25.60 ? 1339 GLU A OE1 1 
ATOM   209  O  OE2 . GLU A 1 48  ? -0.381  -11.241 -11.394 1.00 34.18 ? 1339 GLU A OE2 1 
ATOM   210  N  N   . PRO A 1 49  ? -2.816  -9.485  -7.666  1.00 13.90 ? 1340 PRO A N   1 
ATOM   211  C  CA  . PRO A 1 49  ? -3.706  -8.566  -8.395  1.00 14.11 ? 1340 PRO A CA  1 
ATOM   212  C  C   . PRO A 1 49  ? -3.345  -7.089  -8.272  1.00 13.65 ? 1340 PRO A C   1 
ATOM   213  O  O   . PRO A 1 49  ? -3.863  -6.307  -9.025  1.00 14.19 ? 1340 PRO A O   1 
ATOM   214  C  CB  . PRO A 1 49  ? -5.076  -8.795  -7.746  1.00 15.67 ? 1340 PRO A CB  1 
ATOM   215  C  CG  . PRO A 1 49  ? -4.972  -10.156 -7.102  1.00 15.86 ? 1340 PRO A CG  1 
ATOM   216  C  CD  . PRO A 1 49  ? -3.539  -10.207 -6.610  1.00 14.82 ? 1340 PRO A CD  1 
ATOM   217  N  N   . PHE A 1 50  ? -2.468  -6.765  -7.350  1.00 12.86 ? 1341 PHE A N   1 
ATOM   218  C  CA  . PHE A 1 50  ? -2.171  -5.385  -6.953  1.00 12.63 ? 1341 PHE A CA  1 
ATOM   219  C  C   . PHE A 1 50  ? -0.732  -4.999  -7.278  1.00 14.31 ? 1341 PHE A C   1 
ATOM   220  O  O   . PHE A 1 50  ? -0.345  -3.928  -6.878  1.00 14.52 ? 1341 PHE A O   1 
ATOM   221  C  CB  . PHE A 1 50  ? -2.459  -5.247  -5.455  1.00 11.68 ? 1341 PHE A CB  1 
ATOM   222  C  CG  . PHE A 1 50  ? -3.819  -5.785  -5.061  1.00 11.89 ? 1341 PHE A CG  1 
ATOM   223  C  CD1 . PHE A 1 50  ? -4.977  -5.177  -5.509  1.00 12.65 ? 1341 PHE A CD1 1 
ATOM   224  C  CD2 . PHE A 1 50  ? -3.938  -6.943  -4.341  1.00 12.60 ? 1341 PHE A CD2 1 
ATOM   225  C  CE1 . PHE A 1 50  ? -6.208  -5.721  -5.233  1.00 13.35 ? 1341 PHE A CE1 1 
ATOM   226  C  CE2 . PHE A 1 50  ? -5.179  -7.464  -4.056  1.00 13.09 ? 1341 PHE A CE2 1 
ATOM   227  C  CZ  . PHE A 1 50  ? -6.310  -6.849  -4.502  1.00 12.22 ? 1341 PHE A CZ  1 
ATOM   228  N  N   . ARG A 1 51  ? 0.022   -5.814  -7.978  1.00 15.11 ? 1342 ARG A N   1 
ATOM   229  C  CA  . ARG A 1 51  ? 1.461   -5.572  -8.191  1.00 15.93 ? 1342 ARG A CA  1 
ATOM   230  C  C   . ARG A 1 51  ? 1.687   -4.571  -9.290  1.00 16.95 ? 1342 ARG A C   1 
ATOM   231  O  O   . ARG A 1 51  ? 2.743   -3.936  -9.294  1.00 21.63 ? 1342 ARG A O   1 
ATOM   232  C  CB  . ARG A 1 51  ? 2.209   -6.863  -8.516  1.00 17.39 ? 1342 ARG A CB  1 
ATOM   233  C  CG  . ARG A 1 51  ? 2.322   -7.757  -7.296  1.00 18.79 ? 1342 ARG A CG  1 
ATOM   234  C  CD  . ARG A 1 51  ? 2.928   -9.076  -7.664  1.00 19.89 ? 1342 ARG A CD  1 
ATOM   235  N  NE  . ARG A 1 51  ? 2.770   -9.984  -6.570  1.00 20.22 ? 1342 ARG A NE  1 
ATOM   236  C  CZ  . ARG A 1 51  ? 2.865   -11.286 -6.663  1.00 21.32 ? 1342 ARG A CZ  1 
ATOM   237  N  NH1 . ARG A 1 51  ? 3.209   -11.838 -7.816  1.00 25.68 ? 1342 ARG A NH1 1 
ATOM   238  N  NH2 . ARG A 1 51  ? 2.678   -12.042 -5.604  1.00 20.72 ? 1342 ARG A NH2 1 
ATOM   239  N  N   . GLN A 1 52  ? 0.741   -4.444  -10.220 0.42 17.51 ? 1343 GLN A N   1 
ATOM   240  C  CA  . GLN A 1 52  ? 0.861   -3.548  -11.391 0.42 19.09 ? 1343 GLN A CA  1 
ATOM   241  C  C   . GLN A 1 52  ? -0.504  -2.908  -11.607 0.42 18.86 ? 1343 GLN A C   1 
ATOM   242  O  O   . GLN A 1 52  ? -1.502  -3.371  -11.051 0.42 18.78 ? 1343 GLN A O   1 
ATOM   243  C  CB  . GLN A 1 52  ? 1.390   -4.334  -12.597 0.42 19.94 ? 1343 GLN A CB  1 
ATOM   244  C  CG  . GLN A 1 52  ? 2.591   -5.232  -12.289 0.42 22.27 ? 1343 GLN A CG  1 
ATOM   245  C  CD  . GLN A 1 52  ? 3.862   -4.506  -11.907 0.42 22.73 ? 1343 GLN A CD  1 
ATOM   246  O  OE1 . GLN A 1 52  ? 4.124   -3.380  -12.338 0.42 24.10 ? 1343 GLN A OE1 1 
ATOM   247  N  NE2 . GLN A 1 52  ? 4.690   -5.158  -11.100 0.42 22.90 ? 1343 GLN A NE2 1 
ATOM   248  N  N   . PRO A 1 53  ? -0.590  -1.812  -12.388 0.42 20.67 ? 1344 PRO A N   1 
ATOM   249  C  CA  . PRO A 1 53  ? -1.837  -1.063  -12.513 0.42 21.71 ? 1344 PRO A CA  1 
ATOM   250  C  C   . PRO A 1 53  ? -2.933  -1.958  -13.104 0.42 22.42 ? 1344 PRO A C   1 
ATOM   251  O  O   . PRO A 1 53  ? -2.652  -2.750  -13.995 0.42 22.57 ? 1344 PRO A O   1 
ATOM   252  C  CB  . PRO A 1 53  ? -1.481  0.113   -13.435 0.42 21.97 ? 1344 PRO A CB  1 
ATOM   253  C  CG  . PRO A 1 53  ? 0.026   0.198   -13.367 0.42 22.02 ? 1344 PRO A CG  1 
ATOM   254  C  CD  . PRO A 1 53  ? 0.493   -1.232  -13.195 0.42 21.45 ? 1344 PRO A CD  1 
ATOM   255  N  N   . VAL A 1 54  ? -4.146  -1.838  -12.567 0.42 22.83 ? 1345 VAL A N   1 
ATOM   256  C  CA  . VAL A 1 54  ? -5.333  -2.590  -13.059 0.42 23.20 ? 1345 VAL A CA  1 
ATOM   257  C  C   . VAL A 1 54  ? -5.357  -2.471  -14.582 0.42 23.49 ? 1345 VAL A C   1 
ATOM   258  O  O   . VAL A 1 54  ? -5.185  -1.343  -15.093 0.42 24.30 ? 1345 VAL A O   1 
ATOM   259  C  CB  . VAL A 1 54  ? -6.641  -2.073  -12.440 0.42 23.01 ? 1345 VAL A CB  1 
ATOM   260  C  CG1 . VAL A 1 54  ? -7.858  -2.654  -13.150 0.42 24.12 ? 1345 VAL A CG1 1 
ATOM   261  C  CG2 . VAL A 1 54  ? -6.692  -2.352  -10.950 0.42 23.16 ? 1345 VAL A CG2 1 
ATOM   262  N  N   . ASP A 1 55  ? -5.548  -3.601  -15.264 1.00 22.97 ? 1346 ASP A N   1 
ATOM   263  C  CA  . ASP A 1 55  ? -5.546  -3.647  -16.730 1.00 25.98 ? 1346 ASP A CA  1 
ATOM   264  C  C   . ASP A 1 55  ? -6.925  -3.221  -17.222 1.00 24.81 ? 1346 ASP A C   1 
ATOM   265  O  O   . ASP A 1 55  ? -7.917  -3.905  -16.965 1.00 22.47 ? 1346 ASP A O   1 
ATOM   266  C  CB  . ASP A 1 55  ? -5.174  -5.045  -17.201 1.00 29.53 ? 1346 ASP A CB  1 
ATOM   267  C  CG  . ASP A 1 55  ? -5.037  -5.139  -18.702 1.00 33.24 ? 1346 ASP A CG  1 
ATOM   268  O  OD1 . ASP A 1 55  ? -5.434  -4.185  -19.402 1.00 37.23 ? 1346 ASP A OD1 1 
ATOM   269  O  OD2 . ASP A 1 55  ? -4.532  -6.163  -19.154 1.00 40.46 ? 1346 ASP A OD2 1 
ATOM   270  N  N   . LEU A 1 56  ? -6.963  -2.118  -17.925 1.00 24.54 ? 1347 LEU A N   1 
ATOM   271  C  CA  . LEU A 1 56  ? -8.211  -1.488  -18.394 1.00 25.76 ? 1347 LEU A CA  1 
ATOM   272  C  C   . LEU A 1 56  ? -8.804  -2.310  -19.547 1.00 25.04 ? 1347 LEU A C   1 
ATOM   273  O  O   . LEU A 1 56  ? -10.015 -2.270  -19.728 1.00 28.33 ? 1347 LEU A O   1 
ATOM   274  C  CB  . LEU A 1 56  ? -7.888  -0.026  -18.720 1.00 29.51 ? 1347 LEU A CB  1 
ATOM   275  C  CG  . LEU A 1 56  ? -7.233  0.736   -17.554 1.00 35.68 ? 1347 LEU A CG  1 
ATOM   276  C  CD1 . LEU A 1 56  ? -6.610  2.064   -17.991 1.00 38.15 ? 1347 LEU A CD1 1 
ATOM   277  C  CD2 . LEU A 1 56  ? -8.218  0.961   -16.415 1.00 33.54 ? 1347 LEU A CD2 1 
ATOM   278  N  N   . LEU A 1 57  ? -8.028  -3.199  -20.195 1.00 26.74 ? 1348 LEU A N   1 
ATOM   279  C  CA  . LEU A 1 57  ? -8.601  -4.070  -21.250 1.00 27.28 ? 1348 LEU A CA  1 
ATOM   280  C  C   . LEU A 1 57  ? -9.348  -5.245  -20.597 1.00 30.38 ? 1348 LEU A C   1 
ATOM   281  O  O   . LEU A 1 57  ? -10.348 -5.746  -21.166 1.00 29.63 ? 1348 LEU A O   1 
ATOM   282  C  CB  . LEU A 1 57  ? -7.476  -4.571  -22.165 1.00 32.89 ? 1348 LEU A CB  1 
ATOM   283  C  CG  . LEU A 1 57  ? -6.553  -3.495  -22.740 1.00 37.50 ? 1348 LEU A CG  1 
ATOM   284  C  CD1 . LEU A 1 57  ? -5.320  -4.110  -23.388 1.00 43.37 ? 1348 LEU A CD1 1 
ATOM   285  C  CD2 . LEU A 1 57  ? -7.300  -2.638  -23.736 1.00 39.37 ? 1348 LEU A CD2 1 
ATOM   286  N  N   . GLU A 1 58  ? -8.854  -5.690  -19.449 1.00 25.19 ? 1349 GLU A N   1 
ATOM   287  C  CA  . GLU A 1 58  ? -9.506  -6.736  -18.623 1.00 26.06 ? 1349 GLU A CA  1 
ATOM   288  C  C   . GLU A 1 58  ? -10.764 -6.134  -17.965 1.00 23.64 ? 1349 GLU A C   1 
ATOM   289  O  O   . GLU A 1 58  ? -11.740 -6.864  -17.777 1.00 26.10 ? 1349 GLU A O   1 
ATOM   290  C  CB  . GLU A 1 58  ? -8.539  -7.242  -17.550 1.00 30.27 ? 1349 GLU A CB  1 
ATOM   291  C  CG  . GLU A 1 58  ? -7.301  -7.983  -18.077 1.00 31.57 ? 1349 GLU A CG  1 
ATOM   292  C  CD  . GLU A 1 58  ? -6.282  -8.421  -17.021 1.00 35.41 ? 1349 GLU A CD  1 
ATOM   293  O  OE1 . GLU A 1 58  ? -6.483  -8.147  -15.801 1.00 37.17 ? 1349 GLU A OE1 1 
ATOM   294  O  OE2 . GLU A 1 58  ? -5.253  -9.043  -17.414 1.00 44.49 ? 1349 GLU A OE2 1 
ATOM   295  N  N   . TYR A 1 59  ? -10.702 -4.862  -17.527 1.00 20.88 ? 1350 TYR A N   1 
ATOM   296  C  CA  . TYR A 1 59  ? -11.756 -4.210  -16.691 1.00 18.89 ? 1350 TYR A CA  1 
ATOM   297  C  C   . TYR A 1 59  ? -12.097 -2.864  -17.315 1.00 19.87 ? 1350 TYR A C   1 
ATOM   298  O  O   . TYR A 1 59  ? -11.708 -1.820  -16.817 1.00 18.61 ? 1350 TYR A O   1 
ATOM   299  C  CB  . TYR A 1 59  ? -11.256 -4.094  -15.241 1.00 17.75 ? 1350 TYR A CB  1 
ATOM   300  C  CG  . TYR A 1 59  ? -10.926 -5.431  -14.623 1.00 17.59 ? 1350 TYR A CG  1 
ATOM   301  C  CD1 . TYR A 1 59  ? -11.883 -6.273  -14.102 1.00 18.47 ? 1350 TYR A CD1 1 
ATOM   302  C  CD2 . TYR A 1 59  ? -9.610  -5.875  -14.591 1.00 19.13 ? 1350 TYR A CD2 1 
ATOM   303  C  CE1 . TYR A 1 59  ? -11.558 -7.516  -13.555 1.00 18.60 ? 1350 TYR A CE1 1 
ATOM   304  C  CE2 . TYR A 1 59  ? -9.282  -7.133  -14.086 1.00 20.42 ? 1350 TYR A CE2 1 
ATOM   305  C  CZ  . TYR A 1 59  ? -10.251 -7.948  -13.542 1.00 19.40 ? 1350 TYR A CZ  1 
ATOM   306  O  OH  . TYR A 1 59  ? -9.900  -9.165  -12.983 1.00 21.64 ? 1350 TYR A OH  1 
ATOM   307  N  N   . PRO A 1 60  ? -12.842 -2.866  -18.442 1.00 21.86 ? 1351 PRO A N   1 
ATOM   308  C  CA  . PRO A 1 60  ? -12.998 -1.635  -19.204 1.00 21.22 ? 1351 PRO A CA  1 
ATOM   309  C  C   . PRO A 1 60  ? -13.741 -0.486  -18.491 1.00 19.60 ? 1351 PRO A C   1 
ATOM   310  O  O   . PRO A 1 60  ? -13.539 0.650   -18.855 1.00 20.32 ? 1351 PRO A O   1 
ATOM   311  C  CB  . PRO A 1 60  ? -13.762 -2.089  -20.468 1.00 23.47 ? 1351 PRO A CB  1 
ATOM   312  C  CG  . PRO A 1 60  ? -14.252 -3.475  -20.215 1.00 26.75 ? 1351 PRO A CG  1 
ATOM   313  C  CD  . PRO A 1 60  ? -13.438 -4.051  -19.072 1.00 25.69 ? 1351 PRO A CD  1 
ATOM   314  N  N   . ASP A 1 61  ? -14.514 -0.800  -17.456 1.00 19.19 ? 1352 ASP A N   1 
ATOM   315  C  CA  . ASP A 1 61  ? -15.229 0.246   -16.688 1.00 19.01 ? 1352 ASP A CA  1 
ATOM   316  C  C   . ASP A 1 61  ? -14.408 0.707   -15.467 1.00 16.44 ? 1352 ASP A C   1 
ATOM   317  O  O   . ASP A 1 61  ? -14.881 1.552   -14.681 1.00 16.80 ? 1352 ASP A O   1 
ATOM   318  C  CB  . ASP A 1 61  ? -16.564 -0.309  -16.200 1.00 21.49 ? 1352 ASP A CB  1 
ATOM   319  C  CG  . ASP A 1 61  ? -16.373 -1.423  -15.214 1.00 21.94 ? 1352 ASP A CG  1 
ATOM   320  O  OD1 . ASP A 1 61  ? -15.315 -2.073  -15.271 1.00 25.99 ? 1352 ASP A OD1 1 
ATOM   321  O  OD2 . ASP A 1 61  ? -17.318 -1.685  -14.452 1.00 31.63 ? 1352 ASP A OD2 1 
ATOM   322  N  N   . TYR A 1 62  ? -13.158 0.270   -15.335 1.00 16.14 ? 1353 TYR A N   1 
ATOM   323  C  CA  . TYR A 1 62  ? -12.447 0.535   -14.051 1.00 16.11 ? 1353 TYR A CA  1 
ATOM   324  C  C   . TYR A 1 62  ? -12.404 2.021   -13.741 1.00 16.75 ? 1353 TYR A C   1 
ATOM   325  O  O   . TYR A 1 62  ? -12.684 2.423   -12.597 1.00 14.84 ? 1353 TYR A O   1 
ATOM   326  C  CB  . TYR A 1 62  ? -11.081 -0.134  -14.114 1.00 15.27 ? 1353 TYR A CB  1 
ATOM   327  C  CG  . TYR A 1 62  ? -10.349 -0.099  -12.791 1.00 15.70 ? 1353 TYR A CG  1 
ATOM   328  C  CD1 . TYR A 1 62  ? -10.764 -0.938  -11.790 1.00 14.59 ? 1353 TYR A CD1 1 
ATOM   329  C  CD2 . TYR A 1 62  ? -9.339  0.817   -12.511 1.00 15.34 ? 1353 TYR A CD2 1 
ATOM   330  C  CE1 . TYR A 1 62  ? -10.126 -0.961  -10.573 1.00 14.50 ? 1353 TYR A CE1 1 
ATOM   331  C  CE2 . TYR A 1 62  ? -8.659  0.783   -11.301 1.00 16.56 ? 1353 TYR A CE2 1 
ATOM   332  C  CZ  . TYR A 1 62  ? -9.112  -0.075  -10.321 1.00 15.28 ? 1353 TYR A CZ  1 
ATOM   333  O  OH  . TYR A 1 62  ? -8.537  -0.083  -9.078  1.00 14.89 ? 1353 TYR A OH  1 
ATOM   334  N  N   . ARG A 1 63  ? -12.022 2.873   -14.687 1.00 16.33 ? 1354 ARG A N   1 
ATOM   335  C  CA  . ARG A 1 63  ? -11.861 4.313   -14.439 1.00 18.49 ? 1354 ARG A CA  1 
ATOM   336  C  C   . ARG A 1 63  ? -13.197 5.052   -14.354 1.00 17.19 ? 1354 ARG A C   1 
ATOM   337  O  O   . ARG A 1 63  ? -13.187 6.197   -13.917 1.00 20.35 ? 1354 ARG A O   1 
ATOM   338  C  CB  . ARG A 1 63  ? -10.968 4.958   -15.500 1.00 20.42 ? 1354 ARG A CB  1 
ATOM   339  C  CG  . ARG A 1 63  ? -9.563  4.395   -15.488 1.00 22.59 ? 1354 ARG A CG  1 
ATOM   340  C  CD  . ARG A 1 63  ? -8.823  4.603   -14.179 1.00 24.66 ? 1354 ARG A CD  1 
ATOM   341  N  NE  . ARG A 1 63  ? -8.777  6.012   -13.841 1.00 27.90 ? 1354 ARG A NE  1 
ATOM   342  C  CZ  . ARG A 1 63  ? -7.847  6.872   -14.265 1.00 32.33 ? 1354 ARG A CZ  1 
ATOM   343  N  NH1 . ARG A 1 63  ? -6.837  6.464   -15.019 1.00 31.79 ? 1354 ARG A NH1 1 
ATOM   344  N  NH2 . ARG A 1 63  ? -7.918  8.129   -13.898 1.00 35.53 ? 1354 ARG A NH2 1 
ATOM   345  N  N   . ASP A 1 64  ? -14.313 4.389   -14.653 1.00 18.17 ? 1355 ASP A N   1 
ATOM   346  C  CA  . ASP A 1 64  ? -15.649 4.963   -14.397 1.00 19.28 ? 1355 ASP A CA  1 
ATOM   347  C  C   . ASP A 1 64  ? -15.925 4.934   -12.895 1.00 19.82 ? 1355 ASP A C   1 
ATOM   348  O  O   . ASP A 1 64  ? -16.694 5.780   -12.397 1.00 24.19 ? 1355 ASP A O   1 
ATOM   349  C  CB  . ASP A 1 64  ? -16.727 4.138   -15.080 1.00 20.46 ? 1355 ASP A CB  1 
ATOM   350  C  CG  . ASP A 1 64  ? -16.616 4.107   -16.589 1.00 23.01 ? 1355 ASP A CG  1 
ATOM   351  O  OD1 . ASP A 1 64  ? -15.940 4.986   -17.157 1.00 28.01 ? 1355 ASP A OD1 1 
ATOM   352  O  OD2 . ASP A 1 64  ? -17.229 3.203   -17.168 1.00 24.65 ? 1355 ASP A OD2 1 
ATOM   353  N  N   A ILE A 1 65  ? -15.296 4.016   -12.166 0.25 18.86 ? 1356 ILE A N   1 
ATOM   354  N  N   B ILE A 1 65  ? -15.296 3.965   -12.212 0.25 17.86 ? 1356 ILE A N   1 
ATOM   355  C  CA  A ILE A 1 65  ? -15.540 3.868   -10.705 0.25 18.49 ? 1356 ILE A CA  1 
ATOM   356  C  CA  B ILE A 1 65  ? -15.521 3.619   -10.778 0.25 16.94 ? 1356 ILE A CA  1 
ATOM   357  C  C   A ILE A 1 65  ? -14.357 4.435   -9.926  0.25 17.71 ? 1356 ILE A C   1 
ATOM   358  C  C   B ILE A 1 65  ? -14.397 4.205   -9.911  0.25 16.68 ? 1356 ILE A C   1 
ATOM   359  O  O   A ILE A 1 65  ? -14.564 5.156   -8.923  0.25 16.90 ? 1356 ILE A O   1 
ATOM   360  O  O   B ILE A 1 65  ? -14.707 4.675   -8.794  0.25 17.15 ? 1356 ILE A O   1 
ATOM   361  C  CB  A ILE A 1 65  ? -15.793 2.392   -10.382 0.25 18.64 ? 1356 ILE A CB  1 
ATOM   362  C  CB  B ILE A 1 65  ? -15.626 2.093   -10.611 0.25 16.06 ? 1356 ILE A CB  1 
ATOM   363  C  CG1 A ILE A 1 65  ? -16.991 1.864   -11.178 0.25 19.74 ? 1356 ILE A CG1 1 
ATOM   364  C  CG1 B ILE A 1 65  ? -16.645 1.452   -11.562 0.25 15.79 ? 1356 ILE A CG1 1 
ATOM   365  C  CG2 A ILE A 1 65  ? -15.969 2.212   -8.886  0.25 18.36 ? 1356 ILE A CG2 1 
ATOM   366  C  CG2 B ILE A 1 65  ? -15.921 1.739   -9.162  0.25 16.09 ? 1356 ILE A CG2 1 
ATOM   367  C  CD1 A ILE A 1 65  ? -16.869 0.433   -11.602 0.25 20.61 ? 1356 ILE A CD1 1 
ATOM   368  C  CD1 B ILE A 1 65  ? -18.059 1.980   -11.439 0.25 15.94 ? 1356 ILE A CD1 1 
ATOM   369  N  N   . ILE A 1 66  ? -13.149 4.161   -10.395 1.00 16.19 ? 1357 ILE A N   1 
ATOM   370  C  CA  . ILE A 1 66  ? -11.940 4.504   -9.626  1.00 17.17 ? 1357 ILE A CA  1 
ATOM   371  C  C   . ILE A 1 66  ? -11.284 5.741   -10.195 1.00 16.91 ? 1357 ILE A C   1 
ATOM   372  O  O   . ILE A 1 66  ? -10.786 5.683   -11.317 1.00 18.07 ? 1357 ILE A O   1 
ATOM   373  C  CB  . ILE A 1 66  ? -11.004 3.292   -9.647  1.00 16.15 ? 1357 ILE A CB  1 
ATOM   374  C  CG1 . ILE A 1 66  ? -11.665 2.060   -9.016  1.00 17.61 ? 1357 ILE A CG1 1 
ATOM   375  C  CG2 . ILE A 1 66  ? -9.703  3.659   -8.975  1.00 15.89 ? 1357 ILE A CG2 1 
ATOM   376  C  CD1 . ILE A 1 66  ? -12.097 2.267   -7.617  1.00 17.88 ? 1357 ILE A CD1 1 
ATOM   377  N  N   . ASP A 1 67  ? -11.200 6.782   -9.382  1.00 20.80 ? 1358 ASP A N   1 
ATOM   378  C  CA  . ASP A 1 67  ? -10.651 8.081   -9.821  1.00 23.49 ? 1358 ASP A CA  1 
ATOM   379  C  C   . ASP A 1 67  ? -9.128  8.045   -9.787  1.00 20.99 ? 1358 ASP A C   1 
ATOM   380  O  O   . ASP A 1 67  ? -8.486  8.708   -10.597 1.00 22.28 ? 1358 ASP A O   1 
ATOM   381  C  CB  . ASP A 1 67  ? -11.088 9.205   -8.887  1.00 27.78 ? 1358 ASP A CB  1 
ATOM   382  C  CG  . ASP A 1 67  ? -12.570 9.523   -8.883  1.00 34.55 ? 1358 ASP A CG  1 
ATOM   383  O  OD1 . ASP A 1 67  ? -13.255 9.137   -9.836  1.00 36.56 ? 1358 ASP A OD1 1 
ATOM   384  O  OD2 . ASP A 1 67  ? -13.031 10.118  -7.893  1.00 43.66 ? 1358 ASP A OD2 1 
ATOM   385  N  N   . THR A 1 68  ? -8.536  7.358   -8.792  1.00 19.77 ? 1359 THR A N   1 
ATOM   386  C  CA  . THR A 1 68  ? -7.065  7.366   -8.634  1.00 19.77 ? 1359 THR A CA  1 
ATOM   387  C  C   . THR A 1 68  ? -6.546  5.947   -8.502  1.00 18.29 ? 1359 THR A C   1 
ATOM   388  O  O   . THR A 1 68  ? -6.470  5.420   -7.382  1.00 18.57 ? 1359 THR A O   1 
ATOM   389  C  CB  . THR A 1 68  ? -6.634  8.157   -7.402  1.00 20.67 ? 1359 THR A CB  1 
ATOM   390  O  OG1 . THR A 1 68  ? -7.266  9.431   -7.514  1.00 24.60 ? 1359 THR A OG1 1 
ATOM   391  C  CG2 . THR A 1 68  ? -5.128  8.310   -7.335  1.00 23.89 ? 1359 THR A CG2 1 
ATOM   392  N  N   . PRO A 1 69  ? -6.124  5.343   -9.607  1.00 16.53 ? 1360 PRO A N   1 
ATOM   393  C  CA  . PRO A 1 69  ? -5.489  4.030   -9.564  1.00 17.93 ? 1360 PRO A CA  1 
ATOM   394  C  C   . PRO A 1 69  ? -4.234  4.056   -8.703  1.00 15.41 ? 1360 PRO A C   1 
ATOM   395  O  O   . PRO A 1 69  ? -3.505  5.031   -8.626  1.00 16.35 ? 1360 PRO A O   1 
ATOM   396  C  CB  . PRO A 1 69  ? -5.160  3.707   -11.026 1.00 18.13 ? 1360 PRO A CB  1 
ATOM   397  C  CG  . PRO A 1 69  ? -6.219  4.512   -11.770 1.00 22.34 ? 1360 PRO A CG  1 
ATOM   398  C  CD  . PRO A 1 69  ? -6.261  5.823   -11.011 1.00 19.51 ? 1360 PRO A CD  1 
ATOM   399  N  N   . MET A 1 70  ? -3.969  2.918   -8.087  1.00 14.36 ? 1361 MET A N   1 
ATOM   400  C  CA  . MET A 1 70  ? -2.728  2.759   -7.332  1.00 13.55 ? 1361 MET A CA  1 
ATOM   401  C  C   . MET A 1 70  ? -2.398  1.277   -7.281  1.00 12.63 ? 1361 MET A C   1 
ATOM   402  O  O   . MET A 1 70  ? -3.284  0.467   -7.299  1.00 12.64 ? 1361 MET A O   1 
ATOM   403  C  CB  . MET A 1 70  ? -2.852  3.341   -5.926  1.00 14.52 ? 1361 MET A CB  1 
ATOM   404  C  CG  . MET A 1 70  ? -1.575  3.421   -5.145  1.00 14.33 ? 1361 MET A CG  1 
ATOM   405  S  SD  . MET A 1 70  ? -0.177  4.196   -5.936  1.00 15.14 ? 1361 MET A SD  1 
ATOM   406  C  CE  . MET A 1 70  ? -0.810  5.834   -6.303  1.00 16.31 ? 1361 MET A CE  1 
ATOM   407  N  N   . ASP A 1 71  ? -1.121  0.970   -7.182  1.00 12.62 ? 1362 ASP A N   1 
ATOM   408  C  CA  . ASP A 1 71  ? -0.641  -0.424  -7.167  1.00 12.85 ? 1362 ASP A CA  1 
ATOM   409  C  C   . ASP A 1 71  ? 0.719   -0.440  -6.477  1.00 12.68 ? 1362 ASP A C   1 
ATOM   410  O  O   . ASP A 1 71  ? 1.332   0.617   -6.295  1.00 12.54 ? 1362 ASP A O   1 
ATOM   411  C  CB  . ASP A 1 71  ? -0.572  -0.930  -8.602  1.00 14.53 ? 1362 ASP A CB  1 
ATOM   412  C  CG  . ASP A 1 71  ? 0.488   -0.201  -9.384  1.00 15.21 ? 1362 ASP A CG  1 
ATOM   413  O  OD1 . ASP A 1 71  ? 0.182   0.871   -9.867  1.00 18.25 ? 1362 ASP A OD1 1 
ATOM   414  O  OD2 . ASP A 1 71  ? 1.642   -0.640  -9.301  1.00 16.58 ? 1362 ASP A OD2 1 
ATOM   415  N  N   . PHE A 1 72  ? 1.192   -1.626  -6.124  1.00 11.99 ? 1363 PHE A N   1 
ATOM   416  C  CA  . PHE A 1 72  ? 2.411   -1.719  -5.304  1.00 12.63 ? 1363 PHE A CA  1 
ATOM   417  C  C   . PHE A 1 72  ? 3.661   -1.382  -6.095  1.00 13.40 ? 1363 PHE A C   1 
ATOM   418  O  O   . PHE A 1 72  ? 4.626   -0.970  -5.476  1.00 13.03 ? 1363 PHE A O   1 
ATOM   419  C  CB  . PHE A 1 72  ? 2.538   -3.085  -4.663  1.00 12.26 ? 1363 PHE A CB  1 
ATOM   420  C  CG  . PHE A 1 72  ? 1.606   -3.230  -3.502  1.00 12.35 ? 1363 PHE A CG  1 
ATOM   421  C  CD1 . PHE A 1 72  ? 1.891   -2.616  -2.304  1.00 12.87 ? 1363 PHE A CD1 1 
ATOM   422  C  CD2 . PHE A 1 72  ? 0.489   -4.020  -3.584  1.00 13.61 ? 1363 PHE A CD2 1 
ATOM   423  C  CE1 . PHE A 1 72  ? 1.041   -2.746  -1.242  1.00 14.17 ? 1363 PHE A CE1 1 
ATOM   424  C  CE2 . PHE A 1 72  ? -0.351  -4.168  -2.509  1.00 13.02 ? 1363 PHE A CE2 1 
ATOM   425  C  CZ  . PHE A 1 72  ? -0.073  -3.521  -1.341  1.00 12.82 ? 1363 PHE A CZ  1 
ATOM   426  N  N   . ALA A 1 73  ? 3.676   -1.612  -7.405  1.00 13.01 ? 1364 ALA A N   1 
ATOM   427  C  CA  . ALA A 1 73  ? 4.846   -1.190  -8.198  1.00 13.46 ? 1364 ALA A CA  1 
ATOM   428  C  C   . ALA A 1 73  ? 4.953   0.339   -8.200  1.00 13.79 ? 1364 ALA A C   1 
ATOM   429  O  O   . ALA A 1 73  ? 6.063   0.891   -8.036  1.00 14.70 ? 1364 ALA A O   1 
ATOM   430  C  CB  . ALA A 1 73  ? 4.769   -1.738  -9.594  1.00 14.99 ? 1364 ALA A CB  1 
ATOM   431  N  N   . THR A 1 74  ? 3.837   1.029   -8.335  1.00 13.91 ? 1365 THR A N   1 
ATOM   432  C  CA  . THR A 1 74  ? 3.866   2.507   -8.282  1.00 13.65 ? 1365 THR A CA  1 
ATOM   433  C  C   . THR A 1 74  ? 4.322   2.951   -6.883  1.00 11.96 ? 1365 THR A C   1 
ATOM   434  O  O   . THR A 1 74  ? 5.180   3.831   -6.787  1.00 13.75 ? 1365 THR A O   1 
ATOM   435  C  CB  . THR A 1 74  ? 2.507   3.097   -8.602  1.00 14.57 ? 1365 THR A CB  1 
ATOM   436  O  OG1 . THR A 1 74  ? 2.192   2.664   -9.926  1.00 16.60 ? 1365 THR A OG1 1 
ATOM   437  C  CG2 . THR A 1 74  ? 2.455   4.597   -8.448  1.00 14.61 ? 1365 THR A CG2 1 
ATOM   438  N  N   . VAL A 1 75  ? 3.867   2.296   -5.819  1.00 12.42 ? 1366 VAL A N   1 
ATOM   439  C  CA  . VAL A 1 75  ? 4.309   2.687   -4.459  1.00 12.68 ? 1366 VAL A CA  1 
ATOM   440  C  C   . VAL A 1 75  ? 5.809   2.470   -4.341  1.00 13.70 ? 1366 VAL A C   1 
ATOM   441  O  O   . VAL A 1 75  ? 6.517   3.347   -3.841  1.00 13.25 ? 1366 VAL A O   1 
ATOM   442  C  CB  . VAL A 1 75  ? 3.495   1.932   -3.402  1.00 12.73 ? 1366 VAL A CB  1 
ATOM   443  C  CG1 . VAL A 1 75  ? 4.110   2.159   -2.049  1.00 13.20 ? 1366 VAL A CG1 1 
ATOM   444  C  CG2 . VAL A 1 75  ? 2.036   2.301   -3.419  1.00 13.14 ? 1366 VAL A CG2 1 
ATOM   445  N  N   . ARG A 1 76  ? 6.312   1.309   -4.750  1.00 12.57 ? 1367 ARG A N   1 
ATOM   446  C  CA  . ARG A 1 76  ? 7.762   1.022   -4.667  1.00 14.55 ? 1367 ARG A CA  1 
ATOM   447  C  C   . ARG A 1 76  ? 8.567   2.035   -5.476  1.00 13.89 ? 1367 ARG A C   1 
ATOM   448  O  O   . ARG A 1 76  ? 9.614   2.482   -4.976  1.00 15.09 ? 1367 ARG A O   1 
ATOM   449  C  CB  . ARG A 1 76  ? 8.025   -0.393  -5.174  1.00 16.06 ? 1367 ARG A CB  1 
ATOM   450  C  CG  . ARG A 1 76  ? 9.475   -0.793  -5.038  1.00 19.34 ? 1367 ARG A CG  1 
ATOM   451  C  CD  . ARG A 1 76  ? 9.585   -2.131  -5.721  1.00 23.16 ? 1367 ARG A CD  1 
ATOM   452  N  NE  . ARG A 1 76  ? 9.614   -3.143  -4.722  1.00 24.16 ? 1367 ARG A NE  1 
ATOM   453  C  CZ  . ARG A 1 76  ? 9.473   -4.453  -4.959  1.00 23.87 ? 1367 ARG A CZ  1 
ATOM   454  N  NH1 . ARG A 1 76  ? 9.130   -4.889  -6.163  1.00 24.88 ? 1367 ARG A NH1 1 
ATOM   455  N  NH2 . ARG A 1 76  ? 9.681   -5.294  -3.969  1.00 25.26 ? 1367 ARG A NH2 1 
ATOM   456  N  N   . GLU A 1 77  ? 8.129   2.321   -6.694  1.00 14.14 ? 1368 GLU A N   1 
ATOM   457  C  CA  . GLU A 1 77  ? 8.835   3.279   -7.565  1.00 14.84 ? 1368 GLU A CA  1 
ATOM   458  C  C   . GLU A 1 77  ? 8.837   4.653   -6.940  1.00 15.13 ? 1368 GLU A C   1 
ATOM   459  O  O   . GLU A 1 77  ? 9.844   5.340   -7.030  1.00 15.84 ? 1368 GLU A O   1 
ATOM   460  C  CB  . GLU A 1 77  ? 8.152   3.276   -8.923  1.00 18.40 ? 1368 GLU A CB  1 
ATOM   461  C  CG  . GLU A 1 77  ? 8.526   2.071   -9.772  1.00 22.48 ? 1368 GLU A CG  1 
ATOM   462  C  CD  . GLU A 1 77  ? 7.508   1.669   -10.820 1.00 31.00 ? 1368 GLU A CD  1 
ATOM   463  O  OE1 . GLU A 1 77  ? 6.607   2.501   -11.089 1.00 32.26 ? 1368 GLU A OE1 1 
ATOM   464  O  OE2 . GLU A 1 77  ? 7.606   0.501   -11.332 1.00 35.01 ? 1368 GLU A OE2 1 
ATOM   465  N  N   . THR A 1 78  ? 7.726   5.072   -6.366  1.00 14.07 ? 1369 THR A N   1 
ATOM   466  C  CA  . THR A 1 78  ? 7.673   6.388   -5.685  1.00 13.00 ? 1369 THR A CA  1 
ATOM   467  C  C   . THR A 1 78  ? 8.678   6.410   -4.535  1.00 14.28 ? 1369 THR A C   1 
ATOM   468  O  O   . THR A 1 78  ? 9.405   7.413   -4.362  1.00 14.91 ? 1369 THR A O   1 
ATOM   469  C  CB  . THR A 1 78  ? 6.238   6.644   -5.215  1.00 13.68 ? 1369 THR A CB  1 
ATOM   470  O  OG1 . THR A 1 78  ? 5.348   6.578   -6.338  1.00 14.76 ? 1369 THR A OG1 1 
ATOM   471  C  CG2 . THR A 1 78  ? 6.083   7.985   -4.536  1.00 14.64 ? 1369 THR A CG2 1 
ATOM   472  N  N   . LEU A 1 79  ? 8.673   5.377   -3.712  1.00 12.90 ? 1370 LEU A N   1 
ATOM   473  C  CA  . LEU A 1 79  ? 9.644   5.268   -2.613  1.00 13.00 ? 1370 LEU A CA  1 
ATOM   474  C  C   . LEU A 1 79  ? 11.080  5.342   -3.133  1.00 14.24 ? 1370 LEU A C   1 
ATOM   475  O  O   . LEU A 1 79  ? 11.902  6.145   -2.618  1.00 14.93 ? 1370 LEU A O   1 
ATOM   476  C  CB  . LEU A 1 79  ? 9.357   3.956   -1.881  1.00 13.32 ? 1370 LEU A CB  1 
ATOM   477  C  CG  . LEU A 1 79  ? 10.209  3.742   -0.631  1.00 13.97 ? 1370 LEU A CG  1 
ATOM   478  C  CD1 . LEU A 1 79  ? 9.869   4.786   0.432   1.00 14.27 ? 1370 LEU A CD1 1 
ATOM   479  C  CD2 . LEU A 1 79  ? 9.983   2.327   -0.097  1.00 15.62 ? 1370 LEU A CD2 1 
ATOM   480  N  N   . GLU A 1 80  ? 11.388  4.557   -4.142  1.00 14.45 ? 1371 GLU A N   1 
ATOM   481  C  CA  . GLU A 1 80  ? 12.765  4.412   -4.645  1.00 16.57 ? 1371 GLU A CA  1 
ATOM   482  C  C   . GLU A 1 80  ? 13.179  5.686   -5.357  1.00 16.06 ? 1371 GLU A C   1 
ATOM   483  O  O   . GLU A 1 80  ? 14.385  5.950   -5.359  1.00 18.43 ? 1371 GLU A O   1 
ATOM   484  C  CB  . GLU A 1 80  ? 12.896  3.166   -5.517  1.00 16.57 ? 1371 GLU A CB  1 
ATOM   485  C  CG  . GLU A 1 80  ? 12.707  1.860   -4.740  1.00 19.49 ? 1371 GLU A CG  1 
ATOM   486  C  CD  . GLU A 1 80  ? 13.495  1.659   -3.438  1.00 26.74 ? 1371 GLU A CD  1 
ATOM   487  O  OE1 . GLU A 1 80  ? 14.412  0.827   -3.473  1.00 39.13 ? 1371 GLU A OE1 1 
ATOM   488  O  OE2 . GLU A 1 80  ? 13.205  2.320   -2.368  1.00 27.43 ? 1371 GLU A OE2 1 
ATOM   489  N  N   . ALA A 1 81  ? 12.262  6.457   -5.916  1.00 15.58 ? 1372 ALA A N   1 
ATOM   490  C  CA  . ALA A 1 81  ? 12.569  7.764   -6.536  1.00 16.21 ? 1372 ALA A CA  1 
ATOM   491  C  C   . ALA A 1 81  ? 12.865  8.815   -5.485  1.00 16.62 ? 1372 ALA A C   1 
ATOM   492  O  O   . ALA A 1 81  ? 13.259  9.918   -5.821  1.00 17.81 ? 1372 ALA A O   1 
ATOM   493  C  CB  . ALA A 1 81  ? 11.410  8.166   -7.396  1.00 16.87 ? 1372 ALA A CB  1 
ATOM   494  N  N   . GLY A 1 82  ? 12.614  8.523   -4.208  1.00 15.96 ? 1373 GLY A N   1 
ATOM   495  C  CA  . GLY A 1 82  ? 12.748  9.570   -3.213  1.00 14.80 ? 1373 GLY A CA  1 
ATOM   496  C  C   . GLY A 1 82  ? 11.612  10.533  -3.267  1.00 15.01 ? 1373 GLY A C   1 
ATOM   497  O  O   . GLY A 1 82  ? 11.822  11.723  -3.060  1.00 15.90 ? 1373 GLY A O   1 
ATOM   498  N  N   . ASN A 1 83  ? 10.390  10.070  -3.574  1.00 14.47 ? 1374 ASN A N   1 
ATOM   499  C  CA  . ASN A 1 83  ? 9.219   10.932  -3.696  1.00 13.72 ? 1374 ASN A CA  1 
ATOM   500  C  C   . ASN A 1 83  ? 8.183   10.699  -2.586  1.00 13.44 ? 1374 ASN A C   1 
ATOM   501  O  O   . ASN A 1 83  ? 7.110   11.249  -2.637  1.00 15.20 ? 1374 ASN A O   1 
ATOM   502  C  CB  . ASN A 1 83  ? 8.568   10.791  -5.046  1.00 15.13 ? 1374 ASN A CB  1 
ATOM   503  C  CG  . ASN A 1 83  ? 9.423   11.360  -6.153  1.00 18.63 ? 1374 ASN A CG  1 
ATOM   504  O  OD1 . ASN A 1 83  ? 10.466  12.018  -5.955  1.00 20.26 ? 1374 ASN A OD1 1 
ATOM   505  N  ND2 . ASN A 1 83  ? 8.943   11.111  -7.355  1.00 19.54 ? 1374 ASN A ND2 1 
ATOM   506  N  N   . TYR A 1 84  ? 8.580   9.967   -1.559  1.00 14.34 ? 1375 TYR A N   1 
ATOM   507  C  CA  . TYR A 1 84  ? 7.826   9.977   -0.298  1.00 13.69 ? 1375 TYR A CA  1 
ATOM   508  C  C   . TYR A 1 84  ? 8.672   10.738  0.719   1.00 14.42 ? 1375 TYR A C   1 
ATOM   509  O  O   . TYR A 1 84  ? 9.853   10.430  0.837   1.00 15.05 ? 1375 TYR A O   1 
ATOM   510  C  CB  . TYR A 1 84  ? 7.527   8.551   0.196   1.00 13.70 ? 1375 TYR A CB  1 
ATOM   511  C  CG  . TYR A 1 84  ? 6.457   7.823   -0.563  1.00 11.97 ? 1375 TYR A CG  1 
ATOM   512  C  CD1 . TYR A 1 84  ? 5.214   8.390   -0.793  1.00 12.05 ? 1375 TYR A CD1 1 
ATOM   513  C  CD2 . TYR A 1 84  ? 6.683   6.555   -1.017  1.00 12.67 ? 1375 TYR A CD2 1 
ATOM   514  C  CE1 . TYR A 1 84  ? 4.233   7.707   -1.490  1.00 11.99 ? 1375 TYR A CE1 1 
ATOM   515  C  CE2 . TYR A 1 84  ? 5.722   5.849   -1.698  1.00 12.64 ? 1375 TYR A CE2 1 
ATOM   516  C  CZ  . TYR A 1 84  ? 4.488   6.429   -1.926  1.00 12.36 ? 1375 TYR A CZ  1 
ATOM   517  O  OH  . TYR A 1 84  ? 3.572   5.723   -2.639  1.00 14.05 ? 1375 TYR A OH  1 
ATOM   518  N  N   . GLU A 1 85  ? 8.034   11.651  1.438   1.00 16.24 ? 1376 GLU A N   1 
ATOM   519  C  CA  . GLU A 1 85  ? 8.732   12.334  2.558   1.00 17.23 ? 1376 GLU A CA  1 
ATOM   520  C  C   . GLU A 1 85  ? 8.616   11.545  3.871   1.00 17.76 ? 1376 GLU A C   1 
ATOM   521  O  O   . GLU A 1 85  ? 9.514   11.645  4.735   1.00 19.72 ? 1376 GLU A O   1 
ATOM   522  C  CB  . GLU A 1 85  ? 8.169   13.719  2.750   1.00 18.33 ? 1376 GLU A CB  1 
ATOM   523  C  CG  . GLU A 1 85  ? 9.037   14.466  3.761   1.00 20.83 ? 1376 GLU A CG  1 
ATOM   524  C  CD  . GLU A 1 85  ? 8.609   15.906  3.918   1.00 25.89 ? 1376 GLU A CD  1 
ATOM   525  O  OE1 . GLU A 1 85  ? 7.553   16.242  3.396   1.00 29.93 ? 1376 GLU A OE1 1 
ATOM   526  O  OE2 . GLU A 1 85  ? 9.410   16.694  4.498   1.00 28.79 ? 1376 GLU A OE2 1 
ATOM   527  N  N   . SER A 1 86  ? 7.587   10.731  4.026   1.00 16.29 ? 1377 SER A N   1 
ATOM   528  C  CA  . SER A 1 86  ? 7.250   10.101  5.315   1.00 16.20 ? 1377 SER A CA  1 
ATOM   529  C  C   . SER A 1 86  ? 6.586   8.782   5.025   1.00 15.64 ? 1377 SER A C   1 
ATOM   530  O  O   . SER A 1 86  ? 5.997   8.587   3.968   1.00 14.55 ? 1377 SER A O   1 
ATOM   531  C  CB  . SER A 1 86  ? 6.325   10.945  6.115   1.00 16.18 ? 1377 SER A CB  1 
ATOM   532  O  OG  . SER A 1 86  ? 5.026   10.983  5.545   1.00 16.89 ? 1377 SER A OG  1 
ATOM   533  N  N   . PRO A 1 87  ? 6.562   7.874   6.006   1.00 13.99 ? 1378 PRO A N   1 
ATOM   534  C  CA  . PRO A 1 87  ? 5.829   6.637   5.810   1.00 14.51 ? 1378 PRO A CA  1 
ATOM   535  C  C   . PRO A 1 87  ? 4.316   6.856   5.818   1.00 13.60 ? 1378 PRO A C   1 
ATOM   536  O  O   . PRO A 1 87  ? 3.623   6.005   5.299   1.00 12.73 ? 1378 PRO A O   1 
ATOM   537  C  CB  . PRO A 1 87  ? 6.274   5.781   7.011   1.00 14.55 ? 1378 PRO A CB  1 
ATOM   538  C  CG  . PRO A 1 87  ? 6.690   6.813   8.073   1.00 13.42 ? 1378 PRO A CG  1 
ATOM   539  C  CD  . PRO A 1 87  ? 7.322   7.928   7.271   1.00 14.51 ? 1378 PRO A CD  1 
ATOM   540  N  N   . MET A 1 88  ? 3.793   7.935   6.382   1.00 12.00 ? 1379 MET A N   1 
ATOM   541  C  CA  . MET A 1 88  ? 2.361   8.256   6.300   1.00 13.38 ? 1379 MET A CA  1 
ATOM   542  C  C   . MET A 1 88  ? 1.951   8.414   4.838   1.00 12.26 ? 1379 MET A C   1 
ATOM   543  O  O   . MET A 1 88  ? 0.895   7.968   4.471   1.00 12.89 ? 1379 MET A O   1 
ATOM   544  C  CB  . MET A 1 88  ? 1.979   9.499   7.100   1.00 13.52 ? 1379 MET A CB  1 
ATOM   545  C  CG  . MET A 1 88  ? 2.286   9.339   8.593   1.00 14.87 ? 1379 MET A CG  1 
ATOM   546  S  SD  . MET A 1 88  ? 3.982   9.622   9.150   1.00 16.90 ? 1379 MET A SD  1 
ATOM   547  C  CE  . MET A 1 88  ? 3.946   11.406  9.119   1.00 18.03 ? 1379 MET A CE  1 
ATOM   548  N  N   . GLU A 1 89  ? 2.781   9.074   4.024   1.00 12.94 ? 1380 GLU A N   1 
ATOM   549  C  CA  . GLU A 1 89  ? 2.423   9.250   2.608   1.00 13.12 ? 1380 GLU A CA  1 
ATOM   550  C  C   . GLU A 1 89  ? 2.363   7.883   1.934   1.00 12.02 ? 1380 GLU A C   1 
ATOM   551  O  O   . GLU A 1 89  ? 1.468   7.630   1.132   1.00 13.04 ? 1380 GLU A O   1 
ATOM   552  C  CB  . GLU A 1 89  ? 3.455   10.124  1.925   1.00 14.22 ? 1380 GLU A CB  1 
ATOM   553  C  CG  . GLU A 1 89  ? 3.438   11.540  2.400   1.00 15.49 ? 1380 GLU A CG  1 
ATOM   554  C  CD  . GLU A 1 89  ? 4.486   12.381  1.696   1.00 17.00 ? 1380 GLU A CD  1 
ATOM   555  O  OE1 . GLU A 1 89  ? 5.313   11.797  1.029   1.00 16.19 ? 1380 GLU A OE1 1 
ATOM   556  O  OE2 . GLU A 1 89  ? 4.455   13.631  1.860   1.00 20.73 ? 1380 GLU A OE2 1 
ATOM   557  N  N   . LEU A 1 90  ? 3.327   7.020   2.189   1.00 11.76 ? 1381 LEU A N   1 
ATOM   558  C  CA  . LEU A 1 90  ? 3.359   5.665   1.596   1.00 12.33 ? 1381 LEU A CA  1 
ATOM   559  C  C   . LEU A 1 90  ? 2.113   4.898   2.027   1.00 13.61 ? 1381 LEU A C   1 
ATOM   560  O  O   . LEU A 1 90  ? 1.465   4.233   1.217   1.00 12.16 ? 1381 LEU A O   1 
ATOM   561  C  CB  . LEU A 1 90  ? 4.654   4.947   1.985   1.00 12.38 ? 1381 LEU A CB  1 
ATOM   562  C  CG  . LEU A 1 90  ? 4.762   3.507   1.506   1.00 12.31 ? 1381 LEU A CG  1 
ATOM   563  C  CD1 . LEU A 1 90  ? 6.197   3.180   1.117   1.00 12.36 ? 1381 LEU A CD1 1 
ATOM   564  C  CD2 . LEU A 1 90  ? 4.182   2.544   2.509   1.00 13.75 ? 1381 LEU A CD2 1 
ATOM   565  N  N   A CYS A 1 91  ? 1.787   5.005   3.312   0.25 12.63 ? 1382 CYS A N   1 
ATOM   566  N  N   B CYS A 1 91  ? 1.779   4.970   3.313   0.25 13.62 ? 1382 CYS A N   1 
ATOM   567  C  CA  A CYS A 1 91  ? 0.632   4.319   3.925   0.25 12.50 ? 1382 CYS A CA  1 
ATOM   568  C  CA  B CYS A 1 91  ? 0.564   4.334   3.871   0.25 14.12 ? 1382 CYS A CA  1 
ATOM   569  C  C   A CYS A 1 91  ? -0.658  4.810   3.242   0.25 12.84 ? 1382 CYS A C   1 
ATOM   570  C  C   B CYS A 1 91  ? -0.668  4.799   3.123   0.25 13.78 ? 1382 CYS A C   1 
ATOM   571  O  O   A CYS A 1 91  ? -1.524  3.971   2.984   0.25 12.47 ? 1382 CYS A O   1 
ATOM   572  O  O   B CYS A 1 91  ? -1.519  3.966   2.807   0.25 13.59 ? 1382 CYS A O   1 
ATOM   573  C  CB  A CYS A 1 91  ? 0.672   4.511   5.436   0.25 12.24 ? 1382 CYS A CB  1 
ATOM   574  C  CB  B CYS A 1 91  ? 0.361   4.716   5.317   0.25 15.30 ? 1382 CYS A CB  1 
ATOM   575  S  SG  A CYS A 1 91  ? -0.586  3.530   6.289   0.25 12.61 ? 1382 CYS A SG  1 
ATOM   576  S  SG  B CYS A 1 91  ? 1.380   3.658   6.343   0.25 17.11 ? 1382 CYS A SG  1 
ATOM   577  N  N   . LYS A 1 92  ? -0.776  6.104   2.923   1.00 13.20 ? 1383 LYS A N   1 
ATOM   578  C  CA  . LYS A 1 92  ? -1.973  6.624   2.242   1.00 13.65 ? 1383 LYS A CA  1 
ATOM   579  C  C   . LYS A 1 92  ? -2.110  5.919   0.879   1.00 13.00 ? 1383 LYS A C   1 
ATOM   580  O  O   . LYS A 1 92  ? -3.201  5.526   0.498   1.00 13.50 ? 1383 LYS A O   1 
ATOM   581  C  CB  . LYS A 1 92  ? -1.819  8.132   2.128   1.00 15.60 ? 1383 LYS A CB  1 
ATOM   582  C  CG  . LYS A 1 92  ? -3.014  8.787   1.492   1.00 18.28 ? 1383 LYS A CG  1 
ATOM   583  C  CD  . LYS A 1 92  ? -2.912  10.318  1.539   1.00 23.91 ? 1383 LYS A CD  1 
ATOM   584  C  CE  . LYS A 1 92  ? -3.702  10.937  0.389   1.00 30.81 ? 1383 LYS A CE  1 
ATOM   585  N  NZ  . LYS A 1 92  ? -3.931  12.404  0.566   1.00 34.44 ? 1383 LYS A NZ  1 
ATOM   586  N  N   . ASP A 1 93  ? -1.021  5.848   0.118   1.00 12.75 ? 1384 ASP A N   1 
ATOM   587  C  CA  . ASP A 1 93  ? -1.087  5.197   -1.208  1.00 12.25 ? 1384 ASP A CA  1 
ATOM   588  C  C   . ASP A 1 93  ? -1.429  3.705   -1.067  1.00 11.87 ? 1384 ASP A C   1 
ATOM   589  O  O   . ASP A 1 93  ? -2.200  3.192   -1.852  1.00 11.52 ? 1384 ASP A O   1 
ATOM   590  C  CB  . ASP A 1 93  ? 0.193   5.402   -1.983  1.00 12.80 ? 1384 ASP A CB  1 
ATOM   591  C  CG  . ASP A 1 93  ? 0.352   6.780   -2.590  1.00 14.29 ? 1384 ASP A CG  1 
ATOM   592  O  OD1 . ASP A 1 93  ? -0.641  7.553   -2.525  1.00 17.88 ? 1384 ASP A OD1 1 
ATOM   593  O  OD2 . ASP A 1 93  ? 1.432   7.086   -3.108  1.00 15.49 ? 1384 ASP A OD2 1 
ATOM   594  N  N   . VAL A 1 94  ? -0.815  2.986   -0.122  1.00 11.40 ? 1385 VAL A N   1 
ATOM   595  C  CA  . VAL A 1 94  ? -1.118  1.546   0.014   1.00 11.02 ? 1385 VAL A CA  1 
ATOM   596  C  C   . VAL A 1 94  ? -2.591  1.408   0.391   1.00 11.76 ? 1385 VAL A C   1 
ATOM   597  O  O   . VAL A 1 94  ? -3.272  0.544   -0.162  1.00 11.68 ? 1385 VAL A O   1 
ATOM   598  C  CB  . VAL A 1 94  ? -0.196  0.903   1.048   1.00 11.69 ? 1385 VAL A CB  1 
ATOM   599  C  CG1 . VAL A 1 94  ? -0.647  -0.501  1.391   1.00 11.94 ? 1385 VAL A CG1 1 
ATOM   600  C  CG2 . VAL A 1 94  ? 1.242   0.889   0.530   1.00 12.23 ? 1385 VAL A CG2 1 
ATOM   601  N  N   . ARG A 1 95  ? -3.106  2.258   1.280   1.00 11.04 ? 1386 ARG A N   1 
ATOM   602  C  CA  . ARG A 1 95  ? -4.511  2.147   1.692   1.00 11.60 ? 1386 ARG A CA  1 
ATOM   603  C  C   . ARG A 1 95  ? -5.396  2.429   0.485   1.00 12.25 ? 1386 ARG A C   1 
ATOM   604  O  O   . ARG A 1 95  ? -6.465  1.851   0.403   1.00 12.43 ? 1386 ARG A O   1 
ATOM   605  C  CB  . ARG A 1 95  ? -4.786  3.058   2.887   1.00 12.11 ? 1386 ARG A CB  1 
ATOM   606  C  CG  . ARG A 1 95  ? -4.182  2.481   4.155   1.00 13.76 ? 1386 ARG A CG  1 
ATOM   607  C  CD  . ARG A 1 95  ? -4.229  3.480   5.272   1.00 15.23 ? 1386 ARG A CD  1 
ATOM   608  N  NE  . ARG A 1 95  ? -3.759  2.887   6.498   1.00 16.13 ? 1386 ARG A NE  1 
ATOM   609  C  CZ  . ARG A 1 95  ? -3.577  3.548   7.637   1.00 20.53 ? 1386 ARG A CZ  1 
ATOM   610  N  NH1 . ARG A 1 95  ? -3.701  4.862   7.674   1.00 21.49 ? 1386 ARG A NH1 1 
ATOM   611  N  NH2 . ARG A 1 95  ? -3.220  2.883   8.735   1.00 22.02 ? 1386 ARG A NH2 1 
ATOM   612  N  N   . LEU A 1 96  ? -4.975  3.296   -0.423  1.00 12.05 ? 1387 LEU A N   1 
ATOM   613  C  CA  . LEU A 1 96  ? -5.735  3.569   -1.660  1.00 12.29 ? 1387 LEU A CA  1 
ATOM   614  C  C   . LEU A 1 96  ? -5.835  2.292   -2.502  1.00 11.75 ? 1387 LEU A C   1 
ATOM   615  O  O   . LEU A 1 96  ? -6.864  2.057   -3.139  1.00 11.70 ? 1387 LEU A O   1 
ATOM   616  C  CB  . LEU A 1 96  ? -5.030  4.671   -2.426  1.00 13.20 ? 1387 LEU A CB  1 
ATOM   617  C  CG  . LEU A 1 96  ? -5.663  5.084   -3.747  1.00 13.33 ? 1387 LEU A CG  1 
ATOM   618  C  CD1 . LEU A 1 96  ? -7.062  5.549   -3.539  1.00 15.39 ? 1387 LEU A CD1 1 
ATOM   619  C  CD2 . LEU A 1 96  ? -4.807  6.166   -4.374  1.00 13.10 ? 1387 LEU A CD2 1 
ATOM   620  N  N   . ILE A 1 97  ? -4.777  1.500   -2.559  1.00 11.92 ? 1388 ILE A N   1 
ATOM   621  C  CA  . ILE A 1 97  ? -4.860  0.200   -3.270  1.00 10.75 ? 1388 ILE A CA  1 
ATOM   622  C  C   . ILE A 1 97  ? -6.063  -0.562  -2.734  1.00 10.99 ? 1388 ILE A C   1 
ATOM   623  O  O   . ILE A 1 97  ? -6.872  -1.133  -3.499  1.00 11.59 ? 1388 ILE A O   1 
ATOM   624  C  CB  . ILE A 1 97  ? -3.559  -0.603  -3.144  1.00 11.63 ? 1388 ILE A CB  1 
ATOM   625  C  CG1 . ILE A 1 97  ? -2.382  0.147   -3.750  1.00 11.39 ? 1388 ILE A CG1 1 
ATOM   626  C  CG2 . ILE A 1 97  ? -3.716  -1.972  -3.755  1.00 11.59 ? 1388 ILE A CG2 1 
ATOM   627  C  CD1 . ILE A 1 97  ? -1.006  -0.476  -3.488  1.00 11.68 ? 1388 ILE A CD1 1 
ATOM   628  N  N   . PHE A 1 98  ? -6.161  -0.624  -1.417  1.00 10.71 ? 1389 PHE A N   1 
ATOM   629  C  CA  . PHE A 1 98  ? -7.208  -1.457  -0.797  1.00 11.73 ? 1389 PHE A CA  1 
ATOM   630  C  C   . PHE A 1 98  ? -8.565  -0.790  -0.964  1.00 11.73 ? 1389 PHE A C   1 
ATOM   631  O  O   . PHE A 1 98  ? -9.537  -1.499  -1.218  1.00 12.70 ? 1389 PHE A O   1 
ATOM   632  C  CB  . PHE A 1 98  ? -6.844  -1.743  0.661   1.00 12.62 ? 1389 PHE A CB  1 
ATOM   633  C  CG  . PHE A 1 98  ? -5.520  -2.457  0.784   1.00 12.91 ? 1389 PHE A CG  1 
ATOM   634  C  CD1 . PHE A 1 98  ? -5.213  -3.546  -0.001  1.00 14.54 ? 1389 PHE A CD1 1 
ATOM   635  C  CD2 . PHE A 1 98  ? -4.598  -2.054  1.720   1.00 13.99 ? 1389 PHE A CD2 1 
ATOM   636  C  CE1 . PHE A 1 98  ? -4.007  -4.220  0.134   1.00 15.62 ? 1389 PHE A CE1 1 
ATOM   637  C  CE2 . PHE A 1 98  ? -3.388  -2.731  1.834   1.00 13.70 ? 1389 PHE A CE2 1 
ATOM   638  C  CZ  . PHE A 1 98  ? -3.120  -3.802  1.065   1.00 15.18 ? 1389 PHE A CZ  1 
ATOM   639  N  N   . SER A 1 99  ? -8.658  0.524   -0.799  1.00 11.46 ? 1390 SER A N   1 
ATOM   640  C  CA  . SER A 1 99  ? -9.991  1.163   -0.953  1.00 12.24 ? 1390 SER A CA  1 
ATOM   641  C  C   . SER A 1 99  ? -10.451 1.032   -2.398  1.00 12.08 ? 1390 SER A C   1 
ATOM   642  O  O   . SER A 1 99  ? -11.652 0.868   -2.642  1.00 12.99 ? 1390 SER A O   1 
ATOM   643  C  CB  . SER A 1 99  ? -9.980  2.557   -0.454  1.00 12.61 ? 1390 SER A CB  1 
ATOM   644  O  OG  . SER A 1 99  ? -9.071  3.375   -1.114  1.00 15.78 ? 1390 SER A OG  1 
ATOM   645  N  N   . ASN A 1 100 ? -9.546  1.125   -3.360  1.00 11.94 ? 1391 ASN A N   1 
ATOM   646  C  CA  . ASN A 1 100 ? -9.913  0.926   -4.772  1.00 12.30 ? 1391 ASN A CA  1 
ATOM   647  C  C   . ASN A 1 100 ? -10.513 -0.469  -4.932  1.00 12.85 ? 1391 ASN A C   1 
ATOM   648  O  O   . ASN A 1 100 ? -11.517 -0.634  -5.628  1.00 13.79 ? 1391 ASN A O   1 
ATOM   649  C  CB  . ASN A 1 100 ? -8.752  1.174   -5.696  1.00 12.32 ? 1391 ASN A CB  1 
ATOM   650  C  CG  . ASN A 1 100 ? -8.384  2.615   -5.870  1.00 12.90 ? 1391 ASN A CG  1 
ATOM   651  O  OD1 . ASN A 1 100 ? -9.118  3.503   -5.474  1.00 13.63 ? 1391 ASN A OD1 1 
ATOM   652  N  ND2 . ASN A 1 100 ? -7.236  2.811   -6.485  1.00 14.57 ? 1391 ASN A ND2 1 
ATOM   653  N  N   . SER A 1 101 ? -9.881  -1.485  -4.378  1.00 12.55 ? 1392 SER A N   1 
ATOM   654  C  CA  . SER A 1 101 ? -10.384 -2.857  -4.518  1.00 12.59 ? 1392 SER A CA  1 
ATOM   655  C  C   . SER A 1 101 ? -11.777 -2.941  -3.918  1.00 13.03 ? 1392 SER A C   1 
ATOM   656  O  O   . SER A 1 101 ? -12.659 -3.572  -4.517  1.00 13.21 ? 1392 SER A O   1 
ATOM   657  C  CB  . SER A 1 101 ? -9.378  -3.816  -3.898  1.00 12.77 ? 1392 SER A CB  1 
ATOM   658  O  OG  . SER A 1 101 ? -9.792  -5.143  -4.082  1.00 13.57 ? 1392 SER A OG  1 
ATOM   659  N  N   . LYS A 1 102 ? -11.970 -2.360  -2.758  1.00 13.07 ? 1393 LYS A N   1 
ATOM   660  C  CA  . LYS A 1 102 ? -13.292 -2.386  -2.118  1.00 14.31 ? 1393 LYS A CA  1 
ATOM   661  C  C   . LYS A 1 102 ? -14.339 -1.637  -2.950  1.00 15.69 ? 1393 LYS A C   1 
ATOM   662  O  O   . LYS A 1 102 ? -15.480 -2.146  -3.016  1.00 16.64 ? 1393 LYS A O   1 
ATOM   663  C  CB  . LYS A 1 102 ? -13.166 -1.776  -0.739  1.00 14.54 ? 1393 LYS A CB  1 
ATOM   664  C  CG  . LYS A 1 102 ? -14.434 -1.930  0.093   1.00 15.47 ? 1393 LYS A CG  1 
ATOM   665  C  CD  . LYS A 1 102 ? -14.161 -1.567  1.506   1.00 17.04 ? 1393 LYS A CD  1 
ATOM   666  C  CE  . LYS A 1 102 ? -15.354 -1.864  2.391   1.00 18.68 ? 1393 LYS A CE  1 
ATOM   667  N  NZ  . LYS A 1 102 ? -15.046 -1.487  3.780   1.00 21.25 ? 1393 LYS A NZ  1 
ATOM   668  N  N   . ALA A 1 103 ? -13.974 -0.530  -3.550  1.00 14.26 ? 1394 ALA A N   1 
ATOM   669  C  CA  . ALA A 1 103 ? -14.912 0.263   -4.371  1.00 14.75 ? 1394 ALA A CA  1 
ATOM   670  C  C   . ALA A 1 103 ? -15.224 -0.506  -5.650  1.00 15.91 ? 1394 ALA A C   1 
ATOM   671  O  O   . ALA A 1 103 ? -16.367 -0.438  -6.150  1.00 16.61 ? 1394 ALA A O   1 
ATOM   672  C  CB  . ALA A 1 103 ? -14.292 1.618   -4.601  1.00 14.29 ? 1394 ALA A CB  1 
ATOM   673  N  N   . TYR A 1 104 ? -14.267 -1.192  -6.243  1.00 14.67 ? 1395 TYR A N   1 
ATOM   674  C  CA  . TYR A 1 104 ? -14.469 -1.828  -7.561  1.00 13.87 ? 1395 TYR A CA  1 
ATOM   675  C  C   . TYR A 1 104 ? -15.165 -3.176  -7.445  1.00 13.94 ? 1395 TYR A C   1 
ATOM   676  O  O   . TYR A 1 104 ? -15.702 -3.688  -8.413  1.00 14.86 ? 1395 TYR A O   1 
ATOM   677  C  CB  . TYR A 1 104 ? -13.185 -1.942  -8.350  1.00 14.69 ? 1395 TYR A CB  1 
ATOM   678  C  CG  . TYR A 1 104 ? -13.444 -2.357  -9.766  1.00 15.59 ? 1395 TYR A CG  1 
ATOM   679  C  CD1 . TYR A 1 104 ? -14.089 -1.536  -10.666 1.00 15.65 ? 1395 TYR A CD1 1 
ATOM   680  C  CD2 . TYR A 1 104 ? -13.070 -3.611  -10.179 1.00 17.99 ? 1395 TYR A CD2 1 
ATOM   681  C  CE1 . TYR A 1 104 ? -14.390 -1.979  -11.950 1.00 16.64 ? 1395 TYR A CE1 1 
ATOM   682  C  CE2 . TYR A 1 104 ? -13.357 -4.069  -11.442 1.00 18.32 ? 1395 TYR A CE2 1 
ATOM   683  C  CZ  . TYR A 1 104 ? -13.953 -3.226  -12.353 1.00 17.31 ? 1395 TYR A CZ  1 
ATOM   684  O  OH  . TYR A 1 104 ? -14.235 -3.773  -13.576 1.00 20.64 ? 1395 TYR A OH  1 
ATOM   685  N  N   . THR A 1 105 ? -15.089 -3.791  -6.273  1.00 14.51 ? 1396 THR A N   1 
ATOM   686  C  CA  . THR A 1 105 ? -15.538 -5.168  -6.156  1.00 14.36 ? 1396 THR A CA  1 
ATOM   687  C  C   . THR A 1 105 ? -17.051 -5.223  -6.385  1.00 16.51 ? 1396 THR A C   1 
ATOM   688  O  O   . THR A 1 105 ? -17.811 -4.423  -5.813  1.00 17.02 ? 1396 THR A O   1 
ATOM   689  C  CB  . THR A 1 105 ? -15.137 -5.811  -4.825  1.00 14.32 ? 1396 THR A CB  1 
ATOM   690  O  OG1 . THR A 1 105 ? -15.351 -7.208  -4.991  1.00 15.02 ? 1396 THR A OG1 1 
ATOM   691  C  CG2 . THR A 1 105 ? -15.908 -5.326  -3.626  1.00 15.30 ? 1396 THR A CG2 1 
ATOM   692  N  N   . PRO A 1 106 ? -17.541 -6.233  -7.123  1.00 16.51 ? 1397 PRO A N   1 
ATOM   693  C  CA  . PRO A 1 106 ? -18.988 -6.388  -7.281  1.00 17.15 ? 1397 PRO A CA  1 
ATOM   694  C  C   . PRO A 1 106 ? -19.594 -7.088  -6.070  1.00 18.63 ? 1397 PRO A C   1 
ATOM   695  O  O   . PRO A 1 106 ? -20.821 -7.087  -5.895  1.00 18.14 ? 1397 PRO A O   1 
ATOM   696  C  CB  . PRO A 1 106 ? -19.119 -7.271  -8.528  1.00 19.77 ? 1397 PRO A CB  1 
ATOM   697  C  CG  . PRO A 1 106 ? -17.832 -8.096  -8.555  1.00 19.10 ? 1397 PRO A CG  1 
ATOM   698  C  CD  . PRO A 1 106 ? -16.780 -7.203  -7.924  1.00 18.25 ? 1397 PRO A CD  1 
ATOM   699  N  N   . SER A 1 107 ? -18.754 -7.669  -5.221  1.00 15.86 ? 1398 SER A N   1 
ATOM   700  C  CA  . SER A 1 107 ? -19.196 -8.493  -4.082  1.00 16.51 ? 1398 SER A CA  1 
ATOM   701  C  C   . SER A 1 107 ? -18.170 -8.451  -2.957  1.00 16.24 ? 1398 SER A C   1 
ATOM   702  O  O   . SER A 1 107 ? -16.965 -8.491  -3.245  1.00 15.76 ? 1398 SER A O   1 
ATOM   703  C  CB  . SER A 1 107 ? -19.433 -9.899  -4.534  1.00 17.35 ? 1398 SER A CB  1 
ATOM   704  O  OG  . SER A 1 107 ? -19.638 -10.707 -3.432  1.00 18.72 ? 1398 SER A OG  1 
ATOM   705  N  N   . LYS A 1 108 ? -18.612 -8.449  -1.714  1.00 17.12 ? 1399 LYS A N   1 
ATOM   706  C  CA  . LYS A 1 108 ? -17.691 -8.580  -0.571  1.00 18.45 ? 1399 LYS A CA  1 
ATOM   707  C  C   . LYS A 1 108 ? -17.085 -9.966  -0.580  1.00 18.27 ? 1399 LYS A C   1 
ATOM   708  O  O   . LYS A 1 108 ? -16.124 -10.139 0.167   1.00 19.16 ? 1399 LYS A O   1 
ATOM   709  C  CB  . LYS A 1 108 ? -18.398 -8.133  0.710   1.00 22.64 ? 1399 LYS A CB  1 
ATOM   710  C  CG  . LYS A 1 108 ? -18.440 -6.608  0.697   1.00 26.76 ? 1399 LYS A CG  1 
ATOM   711  C  CD  . LYS A 1 108 ? -19.005 -5.923  1.906   1.00 30.96 ? 1399 LYS A CD  1 
ATOM   712  C  CE  . LYS A 1 108 ? -18.958 -4.427  1.726   1.00 28.67 ? 1399 LYS A CE  1 
ATOM   713  N  NZ  . LYS A 1 108 ? -19.121 -3.726  3.018   1.00 32.94 ? 1399 LYS A NZ  1 
ATOM   714  N  N   . ARG A 1 109 ? -17.601 -10.904 -1.365  1.00 17.81 ? 1400 ARG A N   1 
ATOM   715  C  CA  . ARG A 1 109 ? -17.087 -12.295 -1.385  1.00 20.35 ? 1400 ARG A CA  1 
ATOM   716  C  C   . ARG A 1 109 ? -16.206 -12.520 -2.598  1.00 20.64 ? 1400 ARG A C   1 
ATOM   717  O  O   . ARG A 1 109 ? -15.828 -13.663 -2.797  1.00 23.97 ? 1400 ARG A O   1 
ATOM   718  C  CB  . ARG A 1 109 ? -18.250 -13.297 -1.379  1.00 22.75 ? 1400 ARG A CB  1 
ATOM   719  C  CG  . ARG A 1 109 ? -19.106 -13.202 -0.122  1.00 29.13 ? 1400 ARG A CG  1 
ATOM   720  C  CD  . ARG A 1 109 ? -20.367 -14.064 -0.172  1.00 30.90 ? 1400 ARG A CD  1 
ATOM   721  N  NE  . ARG A 1 109 ? -20.044 -15.480 -0.157  1.00 37.06 ? 1400 ARG A NE  1 
ATOM   722  C  CZ  . ARG A 1 109 ? -20.078 -16.298 -1.207  1.00 41.32 ? 1400 ARG A CZ  1 
ATOM   723  N  NH1 . ARG A 1 109 ? -20.401 -15.848 -2.412  1.00 51.80 ? 1400 ARG A NH1 1 
ATOM   724  N  NH2 . ARG A 1 109 ? -19.767 -17.578 -1.054  1.00 44.33 ? 1400 ARG A NH2 1 
ATOM   725  N  N   . SER A 1 110 ? -15.945 -11.506 -3.419  1.00 16.99 ? 1401 SER A N   1 
ATOM   726  C  CA  . SER A 1 110 ? -15.118 -11.655 -4.630  1.00 16.24 ? 1401 SER A CA  1 
ATOM   727  C  C   . SER A 1 110 ? -13.691 -12.083 -4.262  1.00 15.05 ? 1401 SER A C   1 
ATOM   728  O  O   . SER A 1 110 ? -13.183 -11.690 -3.198  1.00 16.04 ? 1401 SER A O   1 
ATOM   729  C  CB  . SER A 1 110 ? -15.093 -10.396 -5.413  1.00 16.88 ? 1401 SER A CB  1 
ATOM   730  O  OG  . SER A 1 110 ? -16.411 -10.079 -5.900  1.00 21.02 ? 1401 SER A OG  1 
ATOM   731  N  N   . ARG A 1 111 ? -13.053 -12.873 -5.106  1.00 14.11 ? 1402 ARG A N   1 
ATOM   732  C  CA  . ARG A 1 111 ? -11.712 -13.411 -4.864  1.00 14.31 ? 1402 ARG A CA  1 
ATOM   733  C  C   . ARG A 1 111 ? -10.718 -12.264 -4.687  1.00 13.79 ? 1402 ARG A C   1 
ATOM   734  O  O   . ARG A 1 111 ? -9.960  -12.246 -3.727  1.00 13.79 ? 1402 ARG A O   1 
ATOM   735  C  CB  . ARG A 1 111 ? -11.307 -14.264 -6.064  1.00 15.22 ? 1402 ARG A CB  1 
ATOM   736  C  CG  . ARG A 1 111 ? -9.900  -14.817 -5.953  1.00 15.54 ? 1402 ARG A CG  1 
ATOM   737  C  CD  . ARG A 1 111 ? -9.835  -15.937 -4.947  1.00 19.40 ? 1402 ARG A CD  1 
ATOM   738  N  NE  . ARG A 1 111 ? -8.484  -16.262 -4.516  1.00 22.97 ? 1402 ARG A NE  1 
ATOM   739  C  CZ  . ARG A 1 111 ? -7.653  -17.030 -5.187  1.00 24.06 ? 1402 ARG A CZ  1 
ATOM   740  N  NH1 . ARG A 1 111 ? -8.067  -17.637 -6.277  1.00 21.93 ? 1402 ARG A NH1 1 
ATOM   741  N  NH2 . ARG A 1 111 ? -6.418  -17.236 -4.744  1.00 29.98 ? 1402 ARG A NH2 1 
ATOM   742  N  N   . ILE A 1 112 ? -10.639 -11.394 -5.685  0.42 13.52 ? 1403 ILE A N   1 
ATOM   743  C  CA  . ILE A 1 112 ? -9.557  -10.366 -5.745  0.42 13.48 ? 1403 ILE A CA  1 
ATOM   744  C  C   . ILE A 1 112 ? -9.747  -9.421  -4.559  0.42 13.08 ? 1403 ILE A C   1 
ATOM   745  O  O   . ILE A 1 112 ? -8.737  -9.013  -3.963  0.42 13.14 ? 1403 ILE A O   1 
ATOM   746  C  CB  . ILE A 1 112 ? -9.517  -9.670  -7.117  0.42 13.43 ? 1403 ILE A CB  1 
ATOM   747  C  CG1 . ILE A 1 112 ? -8.933  -10.628 -8.159  0.42 13.60 ? 1403 ILE A CG1 1 
ATOM   748  C  CG2 . ILE A 1 112 ? -8.733  -8.370  -7.048  0.42 14.00 ? 1403 ILE A CG2 1 
ATOM   749  C  CD1 . ILE A 1 112 ? -9.196  -10.235 -9.594  0.42 13.59 ? 1403 ILE A CD1 1 
ATOM   750  N  N   . TYR A 1 113 ? -10.993 -9.146  -4.175  0.42 12.84 ? 1404 TYR A N   1 
ATOM   751  C  CA  . TYR A 1 113 ? -11.298 -8.311  -2.991  0.42 12.58 ? 1404 TYR A CA  1 
ATOM   752  C  C   . TYR A 1 113 ? -10.851 -9.029  -1.718  0.42 12.74 ? 1404 TYR A C   1 
ATOM   753  O  O   . TYR A 1 113 ? -10.193 -8.389  -0.872  0.42 12.82 ? 1404 TYR A O   1 
ATOM   754  C  CB  . TYR A 1 113 ? -12.786 -7.983  -2.917  0.42 12.68 ? 1404 TYR A CB  1 
ATOM   755  C  CG  . TYR A 1 113 ? -13.149 -7.184  -1.694  0.42 12.51 ? 1404 TYR A CG  1 
ATOM   756  C  CD1 . TYR A 1 113 ? -12.519 -5.980  -1.431  0.42 12.70 ? 1404 TYR A CD1 1 
ATOM   757  C  CD2 . TYR A 1 113 ? -14.115 -7.627  -0.804  0.42 13.22 ? 1404 TYR A CD2 1 
ATOM   758  C  CE1 . TYR A 1 113 ? -12.820 -5.243  -0.298  0.42 12.94 ? 1404 TYR A CE1 1 
ATOM   759  C  CE2 . TYR A 1 113 ? -14.449 -6.886  0.316   0.42 13.62 ? 1404 TYR A CE2 1 
ATOM   760  C  CZ  . TYR A 1 113 ? -13.796 -5.693  0.574   0.42 13.05 ? 1404 TYR A CZ  1 
ATOM   761  O  OH  . TYR A 1 113 ? -14.104 -4.932  1.663   0.42 14.20 ? 1404 TYR A OH  1 
ATOM   762  N  N   A SER A 1 114 ? -11.219 -10.306 -1.572  0.21 13.25 ? 1405 SER A N   1 
ATOM   763  N  N   B SER A 1 114 ? -11.215 -10.292 -1.564  0.21 13.09 ? 1405 SER A N   1 
ATOM   764  C  CA  A SER A 1 114 ? -10.863 -11.144 -0.399  0.21 13.86 ? 1405 SER A CA  1 
ATOM   765  C  CA  B SER A 1 114 ? -10.851 -11.117 -0.388  0.21 13.61 ? 1405 SER A CA  1 
ATOM   766  C  C   A SER A 1 114 ? -9.339  -11.155 -0.214  0.21 13.41 ? 1405 SER A C   1 
ATOM   767  C  C   B SER A 1 114 ? -9.328  -11.148 -0.210  0.21 13.26 ? 1405 SER A C   1 
ATOM   768  O  O   A SER A 1 114 ? -8.893  -11.159 0.941   0.21 13.35 ? 1405 SER A O   1 
ATOM   769  O  O   B SER A 1 114 ? -8.876  -11.163 0.940   0.21 13.18 ? 1405 SER A O   1 
ATOM   770  C  CB  A SER A 1 114 ? -11.408 -12.546 -0.518  0.21 14.75 ? 1405 SER A CB  1 
ATOM   771  C  CB  B SER A 1 114 ? -11.408 -12.491 -0.521  0.21 14.38 ? 1405 SER A CB  1 
ATOM   772  O  OG  A SER A 1 114 ? -10.608 -13.350 -1.372  0.21 15.90 ? 1405 SER A OG  1 
ATOM   773  O  OG  B SER A 1 114 ? -12.820 -12.423 -0.499  0.21 15.32 ? 1405 SER A OG  1 
ATOM   774  N  N   . MET A 1 115 ? -8.569  -11.194 -1.303  1.00 13.04 ? 1406 MET A N   1 
ATOM   775  C  CA  . MET A 1 115 ? -7.095  -11.143 -1.244  1.00 13.05 ? 1406 MET A CA  1 
ATOM   776  C  C   . MET A 1 115 ? -6.691  -9.772  -0.702  1.00 11.86 ? 1406 MET A C   1 
ATOM   777  O  O   . MET A 1 115 ? -5.808  -9.683  0.151   1.00 12.56 ? 1406 MET A O   1 
ATOM   778  C  CB  . MET A 1 115 ? -6.536  -11.344 -2.633  1.00 13.77 ? 1406 MET A CB  1 
ATOM   779  C  CG  . MET A 1 115 ? -6.742  -12.734 -3.143  1.00 15.16 ? 1406 MET A CG  1 
ATOM   780  S  SD  . MET A 1 115 ? -6.499  -12.929 -4.924  1.00 16.80 ? 1406 MET A SD  1 
ATOM   781  C  CE  . MET A 1 115 ? -4.752  -13.001 -4.993  1.00 16.10 ? 1406 MET A CE  1 
ATOM   782  N  N   . SER A 1 116 ? -7.375  -8.709  -1.106  1.00 12.30 ? 1407 SER A N   1 
ATOM   783  C  CA  . SER A 1 116 ? -7.072  -7.358  -0.604  1.00 11.75 ? 1407 SER A CA  1 
ATOM   784  C  C   . SER A 1 116 ? -7.232  -7.313  0.910   1.00 12.00 ? 1407 SER A C   1 
ATOM   785  O  O   . SER A 1 116 ? -6.440  -6.635  1.560   1.00 12.88 ? 1407 SER A O   1 
ATOM   786  C  CB  . SER A 1 116 ? -7.913  -6.279  -1.307  1.00 12.83 ? 1407 SER A CB  1 
ATOM   787  O  OG  . SER A 1 116 ? -9.177  -6.088  -0.723  1.00 13.49 ? 1407 SER A OG  1 
ATOM   788  N  N   . LEU A 1 117 ? -8.293  -7.917  1.448   1.00 12.17 ? 1408 LEU A N   1 
ATOM   789  C  CA  . LEU A 1 117 ? -8.512  -7.779  2.889   1.00 13.19 ? 1408 LEU A CA  1 
ATOM   790  C  C   . LEU A 1 117 ? -7.388  -8.472  3.656   1.00 12.80 ? 1408 LEU A C   1 
ATOM   791  O  O   . LEU A 1 117 ? -7.001  -7.978  4.719   1.00 13.69 ? 1408 LEU A O   1 
ATOM   792  C  CB  . LEU A 1 117 ? -9.864  -8.353  3.255   1.00 13.90 ? 1408 LEU A CB  1 
ATOM   793  C  CG  . LEU A 1 117 ? -11.064 -7.584  2.731   1.00 14.85 ? 1408 LEU A CG  1 
ATOM   794  C  CD1 . LEU A 1 117 ? -12.327 -8.282  3.202   1.00 16.29 ? 1408 LEU A CD1 1 
ATOM   795  C  CD2 . LEU A 1 117 ? -11.051 -6.112  3.153   1.00 15.94 ? 1408 LEU A CD2 1 
ATOM   796  N  N   . ARG A 1 118 ? -6.967  -9.648  3.197   1.00 12.67 ? 1409 ARG A N   1 
ATOM   797  C  CA  . ARG A 1 118 ? -5.860  -10.319 3.909   1.00 11.95 ? 1409 ARG A CA  1 
ATOM   798  C  C   . ARG A 1 118 ? -4.587  -9.518  3.793   1.00 12.50 ? 1409 ARG A C   1 
ATOM   799  O  O   . ARG A 1 118 ? -3.836  -9.364  4.795   1.00 12.91 ? 1409 ARG A O   1 
ATOM   800  C  CB  . ARG A 1 118 ? -5.644  -11.725 3.377   1.00 13.13 ? 1409 ARG A CB  1 
ATOM   801  C  CG  . ARG A 1 118 ? -6.775  -12.693 3.730   1.00 13.62 ? 1409 ARG A CG  1 
ATOM   802  C  CD  . ARG A 1 118 ? -6.381  -14.107 3.358   1.00 14.44 ? 1409 ARG A CD  1 
ATOM   803  N  NE  . ARG A 1 118 ? -6.208  -14.297 1.944   1.00 14.69 ? 1409 ARG A NE  1 
ATOM   804  C  CZ  . ARG A 1 118 ? -7.096  -14.752 1.076   1.00 17.44 ? 1409 ARG A CZ  1 
ATOM   805  N  NH1 . ARG A 1 118 ? -8.307  -15.081 1.465   1.00 19.09 ? 1409 ARG A NH1 1 
ATOM   806  N  NH2 . ARG A 1 118 ? -6.737  -14.876 -0.200  1.00 17.54 ? 1409 ARG A NH2 1 
ATOM   807  N  N   . LEU A 1 119 ? -4.307  -9.036  2.614   1.00 12.32 ? 1410 LEU A N   1 
ATOM   808  C  CA  . LEU A 1 119 ? -3.090  -8.277  2.425   1.00 12.89 ? 1410 LEU A CA  1 
ATOM   809  C  C   . LEU A 1 119 ? -3.127  -6.976  3.224   1.00 12.53 ? 1410 LEU A C   1 
ATOM   810  O  O   . LEU A 1 119 ? -2.089  -6.565  3.796   1.00 11.94 ? 1410 LEU A O   1 
ATOM   811  C  CB  . LEU A 1 119 ? -2.927  -7.998  0.940   1.00 14.51 ? 1410 LEU A CB  1 
ATOM   812  C  CG  . LEU A 1 119 ? -1.536  -7.556  0.517   1.00 16.11 ? 1410 LEU A CG  1 
ATOM   813  C  CD1 . LEU A 1 119 ? -0.525  -8.662  0.757   1.00 17.07 ? 1410 LEU A CD1 1 
ATOM   814  C  CD2 . LEU A 1 119 ? -1.526  -7.181  -0.934  1.00 15.57 ? 1410 LEU A CD2 1 
ATOM   815  N  N   . SER A 1 120 ? -4.295  -6.354  3.336   1.00 11.32 ? 1411 SER A N   1 
ATOM   816  C  CA  . SER A 1 120 ? -4.448  -5.147  4.141   1.00 11.83 ? 1411 SER A CA  1 
ATOM   817  C  C   . SER A 1 120 ? -4.141  -5.465  5.601   1.00 12.79 ? 1411 SER A C   1 
ATOM   818  O  O   . SER A 1 120 ? -3.475  -4.679  6.263   1.00 12.91 ? 1411 SER A O   1 
ATOM   819  C  CB  . SER A 1 120 ? -5.839  -4.618  3.980   1.00 12.36 ? 1411 SER A CB  1 
ATOM   820  O  OG  . SER A 1 120 ? -6.075  -3.540  4.883   1.00 13.82 ? 1411 SER A OG  1 
ATOM   821  N  N   . ALA A 1 121 ? -4.669  -6.572  6.120   1.00 12.42 ? 1412 ALA A N   1 
ATOM   822  C  CA  . ALA A 1 121 ? -4.401  -6.949  7.524   1.00 13.32 ? 1412 ALA A CA  1 
ATOM   823  C  C   . ALA A 1 121 ? -2.912  -7.132  7.727   1.00 12.75 ? 1412 ALA A C   1 
ATOM   824  O  O   . ALA A 1 121 ? -2.362  -6.671  8.747   1.00 13.47 ? 1412 ALA A O   1 
ATOM   825  C  CB  . ALA A 1 121 ? -5.143  -8.204  7.899   1.00 14.02 ? 1412 ALA A CB  1 
ATOM   826  N  N   . PHE A 1 122 ? -2.255  -7.786  6.786   1.00 13.73 ? 1413 PHE A N   1 
ATOM   827  C  CA  . PHE A 1 122 ? -0.799  -8.033  6.855   1.00 12.58 ? 1413 PHE A CA  1 
ATOM   828  C  C   . PHE A 1 122 ? -0.032  -6.708  6.844   1.00 13.55 ? 1413 PHE A C   1 
ATOM   829  O  O   . PHE A 1 122 ? 0.879   -6.426  7.660   1.00 13.93 ? 1413 PHE A O   1 
ATOM   830  C  CB  . PHE A 1 122 ? -0.396  -8.931  5.708   1.00 14.30 ? 1413 PHE A CB  1 
ATOM   831  C  CG  . PHE A 1 122 ? 1.086   -9.155  5.621   1.00 17.18 ? 1413 PHE A CG  1 
ATOM   832  C  CD1 . PHE A 1 122 ? 1.703   -10.091 6.431   1.00 20.46 ? 1413 PHE A CD1 1 
ATOM   833  C  CD2 . PHE A 1 122 ? 1.870   -8.390  4.784   1.00 17.71 ? 1413 PHE A CD2 1 
ATOM   834  C  CE1 . PHE A 1 122 ? 3.074   -10.285 6.368   1.00 20.44 ? 1413 PHE A CE1 1 
ATOM   835  C  CE2 . PHE A 1 122 ? 3.241   -8.595  4.719   1.00 19.90 ? 1413 PHE A CE2 1 
ATOM   836  C  CZ  . PHE A 1 122 ? 3.840   -9.533  5.514   1.00 20.90 ? 1413 PHE A CZ  1 
ATOM   837  N  N   . PHE A 1 123 ? -0.426  -5.820  5.937   1.00 12.76 ? 1414 PHE A N   1 
ATOM   838  C  CA  . PHE A 1 123 ? 0.220   -4.513  5.816   1.00 13.08 ? 1414 PHE A CA  1 
ATOM   839  C  C   . PHE A 1 123 ? 0.028   -3.702  7.083   1.00 12.43 ? 1414 PHE A C   1 
ATOM   840  O  O   . PHE A 1 123 ? 1.039   -3.181  7.622   1.00 13.64 ? 1414 PHE A O   1 
ATOM   841  C  CB  . PHE A 1 123 ? -0.342  -3.770  4.607   1.00 13.12 ? 1414 PHE A CB  1 
ATOM   842  C  CG  . PHE A 1 123 ? 0.144   -2.343  4.540   1.00 13.35 ? 1414 PHE A CG  1 
ATOM   843  C  CD1 . PHE A 1 123 ? 1.428   -2.058  4.113   1.00 13.07 ? 1414 PHE A CD1 1 
ATOM   844  C  CD2 . PHE A 1 123 ? -0.678  -1.283  4.939   1.00 13.15 ? 1414 PHE A CD2 1 
ATOM   845  C  CE1 . PHE A 1 123 ? 1.879   -0.739  4.105   1.00 13.81 ? 1414 PHE A CE1 1 
ATOM   846  C  CE2 . PHE A 1 123 ? -0.221  0.026   4.898   1.00 13.61 ? 1414 PHE A CE2 1 
ATOM   847  C  CZ  . PHE A 1 123 ? 1.065   0.270   4.526   1.00 13.13 ? 1414 PHE A CZ  1 
ATOM   848  N  N   . GLU A 1 124 ? -1.187  -3.605  7.597   1.00 12.90 ? 1415 GLU A N   1 
ATOM   849  C  CA  . GLU A 1 124 ? -1.454  -2.798  8.801   1.00 13.69 ? 1415 GLU A CA  1 
ATOM   850  C  C   . GLU A 1 124 ? -0.685  -3.367  9.990   1.00 14.75 ? 1415 GLU A C   1 
ATOM   851  O  O   . GLU A 1 124 ? -0.157  -2.581  10.779  1.00 16.63 ? 1415 GLU A O   1 
ATOM   852  C  CB  . GLU A 1 124 ? -2.943  -2.763  9.080   1.00 14.65 ? 1415 GLU A CB  1 
ATOM   853  C  CG  . GLU A 1 124 ? -3.683  -1.958  8.023   1.00 16.07 ? 1415 GLU A CG  1 
ATOM   854  C  CD  . GLU A 1 124 ? -3.354  -0.484  7.888   1.00 16.98 ? 1415 GLU A CD  1 
ATOM   855  O  OE1 . GLU A 1 124 ? -2.900  0.092   8.884   1.00 19.10 ? 1415 GLU A OE1 1 
ATOM   856  O  OE2 . GLU A 1 124 ? -3.545  0.074   6.791   1.00 16.40 ? 1415 GLU A OE2 1 
ATOM   857  N  N   . GLU A 1 125 ? -0.574  -4.699  10.081  1.00 14.65 ? 1416 GLU A N   1 
ATOM   858  C  CA  . GLU A 1 125 ? 0.142   -5.342  11.209  1.00 15.63 ? 1416 GLU A CA  1 
ATOM   859  C  C   . GLU A 1 125 ? 1.588   -4.911  11.166  1.00 15.81 ? 1416 GLU A C   1 
ATOM   860  O  O   . GLU A 1 125 ? 2.150   -4.681  12.242  1.00 17.28 ? 1416 GLU A O   1 
ATOM   861  C  CB  . GLU A 1 125 ? -0.029  -6.850  11.059  1.00 16.45 ? 1416 GLU A CB  1 
ATOM   862  C  CG  . GLU A 1 125 ? 0.759   -7.764  11.966  1.00 18.98 ? 1416 GLU A CG  1 
ATOM   863  C  CD  . GLU A 1 125 ? 0.424   -9.218  11.643  1.00 19.66 ? 1416 GLU A CD  1 
ATOM   864  O  OE1 . GLU A 1 125 ? -0.775  -9.561  11.859  1.00 20.77 ? 1416 GLU A OE1 1 
ATOM   865  O  OE2 . GLU A 1 125 ? 1.266   -9.923  11.038  1.00 20.75 ? 1416 GLU A OE2 1 
ATOM   866  N  N   . HIS A 1 126 ? 2.172   -4.775  9.994   1.00 16.16 ? 1417 HIS A N   1 
ATOM   867  C  CA  . HIS A 1 126 ? 3.613   -4.500  9.795   1.00 17.32 ? 1417 HIS A CA  1 
ATOM   868  C  C   . HIS A 1 126 ? 3.890   -2.991  9.766   1.00 17.15 ? 1417 HIS A C   1 
ATOM   869  O  O   . HIS A 1 126 ? 4.993   -2.592  10.260  1.00 19.40 ? 1417 HIS A O   1 
ATOM   870  C  CB  . HIS A 1 126 ? 4.148   -5.231  8.567   1.00 18.20 ? 1417 HIS A CB  1 
ATOM   871  C  CG  . HIS A 1 126 ? 4.286   -6.690  8.768   1.00 22.53 ? 1417 HIS A CG  1 
ATOM   872  N  ND1 . HIS A 1 126 ? 3.207   -7.518  8.881   1.00 24.09 ? 1417 HIS A ND1 1 
ATOM   873  C  CD2 . HIS A 1 126 ? 5.388   -7.450  8.930   1.00 25.78 ? 1417 HIS A CD2 1 
ATOM   874  C  CE1 . HIS A 1 126 ? 3.631   -8.738  9.148   1.00 27.48 ? 1417 HIS A CE1 1 
ATOM   875  N  NE2 . HIS A 1 126 ? 4.956   -8.730  9.122   1.00 29.63 ? 1417 HIS A NE2 1 
ATOM   876  N  N   . ILE A 1 127 ? 2.976   -2.159  9.261   1.00 15.22 ? 1418 ILE A N   1 
ATOM   877  C  CA  . ILE A 1 127 ? 3.290   -0.715  9.131   1.00 15.59 ? 1418 ILE A CA  1 
ATOM   878  C  C   . ILE A 1 127 ? 3.173   0.014   10.458  1.00 15.95 ? 1418 ILE A C   1 
ATOM   879  O  O   . ILE A 1 127 ? 3.748   1.047   10.612  1.00 15.21 ? 1418 ILE A O   1 
ATOM   880  C  CB  . ILE A 1 127 ? 2.395   -0.058  8.065   1.00 15.22 ? 1418 ILE A CB  1 
ATOM   881  C  CG1 . ILE A 1 127 ? 3.052   1.204   7.473   1.00 17.41 ? 1418 ILE A CG1 1 
ATOM   882  C  CG2 . ILE A 1 127 ? 1.013   0.228   8.584   1.00 15.33 ? 1418 ILE A CG2 1 
ATOM   883  C  CD1 . ILE A 1 127 ? 4.355   0.949   6.782   1.00 18.90 ? 1418 ILE A CD1 1 
ATOM   884  N  N   A SER A 1 128 ? 2.406   -0.520  11.404  0.25 15.61 ? 1419 SER A N   1 
ATOM   885  N  N   B SER A 1 128 ? 2.398   -0.542  11.391  0.25 16.13 ? 1419 SER A N   1 
ATOM   886  C  CA  A SER A 1 128 ? 2.113   0.186   12.674  0.25 15.70 ? 1419 SER A CA  1 
ATOM   887  C  CA  B SER A 1 128 ? 2.119   0.062   12.718  0.25 16.54 ? 1419 SER A CA  1 
ATOM   888  C  C   A SER A 1 128 ? 3.430   0.579   13.377  0.25 15.65 ? 1419 SER A C   1 
ATOM   889  C  C   B SER A 1 128 ? 3.426   0.561   13.354  0.25 16.11 ? 1419 SER A C   1 
ATOM   890  O  O   A SER A 1 128 ? 3.550   1.760   13.773  0.25 15.29 ? 1419 SER A O   1 
ATOM   891  O  O   B SER A 1 128 ? 3.520   1.766   13.689  0.25 15.89 ? 1419 SER A O   1 
ATOM   892  C  CB  A SER A 1 128 ? 1.208   -0.656  13.524  0.25 15.87 ? 1419 SER A CB  1 
ATOM   893  C  CB  B SER A 1 128 ? 1.413   -0.933  13.604  0.25 17.28 ? 1419 SER A CB  1 
ATOM   894  O  OG  A SER A 1 128 ? 1.796   -1.923  13.734  0.25 17.13 ? 1419 SER A OG  1 
ATOM   895  O  OG  B SER A 1 128 ? 1.283   -0.415  14.917  0.25 20.02 ? 1419 SER A OG  1 
ATOM   896  N  N   . SER A 1 129 ? 4.411   -0.319  13.481  1.00 15.41 ? 1420 SER A N   1 
ATOM   897  C  CA  . SER A 1 129 ? 5.696   -0.013  14.176  1.00 17.19 ? 1420 SER A CA  1 
ATOM   898  C  C   . SER A 1 129 ? 6.472   1.014   13.348  1.00 16.30 ? 1420 SER A C   1 
ATOM   899  O  O   . SER A 1 129 ? 7.152   1.862   13.915  1.00 17.41 ? 1420 SER A O   1 
ATOM   900  C  CB  . SER A 1 129 ? 6.532   -1.221  14.446  1.00 18.65 ? 1420 SER A CB  1 
ATOM   901  O  OG  . SER A 1 129 ? 6.875   -1.907  13.262  1.00 25.10 ? 1420 SER A OG  1 
ATOM   902  N  N   . VAL A 1 130 ? 6.385   0.896   12.017  1.00 15.34 ? 1421 VAL A N   1 
ATOM   903  C  CA  . VAL A 1 130 ? 7.128   1.843   11.149  1.00 15.47 ? 1421 VAL A CA  1 
ATOM   904  C  C   . VAL A 1 130 ? 6.595   3.244   11.399  1.00 15.18 ? 1421 VAL A C   1 
ATOM   905  O  O   . VAL A 1 130 ? 7.427   4.199   11.575  1.00 15.65 ? 1421 VAL A O   1 
ATOM   906  C  CB  . VAL A 1 130 ? 6.970   1.449   9.691   1.00 13.90 ? 1421 VAL A CB  1 
ATOM   907  C  CG1 . VAL A 1 130 ? 7.674   2.481   8.794   1.00 14.77 ? 1421 VAL A CG1 1 
ATOM   908  C  CG2 . VAL A 1 130 ? 7.524   0.094   9.417   1.00 15.17 ? 1421 VAL A CG2 1 
ATOM   909  N  N   . LEU A 1 131 ? 5.285   3.433   11.442  1.00 14.41 ? 1422 LEU A N   1 
ATOM   910  C  CA  . LEU A 1 131 ? 4.688   4.742   11.700  1.00 14.48 ? 1422 LEU A CA  1 
ATOM   911  C  C   . LEU A 1 131 ? 5.038   5.204   13.100  1.00 15.50 ? 1422 LEU A C   1 
ATOM   912  O  O   . LEU A 1 131 ? 5.431   6.342   13.256  1.00 15.07 ? 1422 LEU A O   1 
ATOM   913  C  CB  . LEU A 1 131 ? 3.173   4.656   11.519  1.00 15.67 ? 1422 LEU A CB  1 
ATOM   914  C  CG  . LEU A 1 131 ? 2.707   4.354   10.093  1.00 15.43 ? 1422 LEU A CG  1 
ATOM   915  C  CD1 . LEU A 1 131 ? 1.240   4.012   10.085  1.00 17.29 ? 1422 LEU A CD1 1 
ATOM   916  C  CD2 . LEU A 1 131 ? 3.004   5.547   9.185   1.00 16.94 ? 1422 LEU A CD2 1 
ATOM   917  N  N   . SER A 1 132 ? 4.845   4.331   14.078  1.00 15.37 ? 1423 SER A N   1 
ATOM   918  C  CA  . SER A 1 132 ? 5.124   4.717   15.472  1.00 15.12 ? 1423 SER A CA  1 
ATOM   919  C  C   . SER A 1 132 ? 6.570   5.174   15.603  1.00 15.39 ? 1423 SER A C   1 
ATOM   920  O  O   . SER A 1 132 ? 6.803   6.204   16.245  1.00 16.27 ? 1423 SER A O   1 
ATOM   921  C  CB  . SER A 1 132 ? 4.830   3.572   16.410  1.00 16.52 ? 1423 SER A CB  1 
ATOM   922  O  OG  . SER A 1 132 ? 3.460   3.317   16.404  1.00 19.94 ? 1423 SER A OG  1 
ATOM   923  N  N   . ASP A 1 133 ? 7.517   4.398   15.078  1.00 14.35 ? 1424 ASP A N   1 
ATOM   924  C  CA  . ASP A 1 133 ? 8.944   4.717   15.258  1.00 14.92 ? 1424 ASP A CA  1 
ATOM   925  C  C   . ASP A 1 133 ? 9.269   6.020   14.553  1.00 15.58 ? 1424 ASP A C   1 
ATOM   926  O  O   . ASP A 1 133 ? 9.987   6.885   15.098  1.00 16.18 ? 1424 ASP A O   1 
ATOM   927  C  CB  . ASP A 1 133 ? 9.872   3.646   14.743  1.00 15.78 ? 1424 ASP A CB  1 
ATOM   928  C  CG  . ASP A 1 133 ? 9.940   2.371   15.559  1.00 20.48 ? 1424 ASP A CG  1 
ATOM   929  O  OD1 . ASP A 1 133 ? 9.261   2.287   16.620  1.00 23.04 ? 1424 ASP A OD1 1 
ATOM   930  O  OD2 . ASP A 1 133 ? 10.646  1.448   15.100  1.00 26.64 ? 1424 ASP A OD2 1 
ATOM   931  N  N   . TYR A 1 134 ? 8.734   6.228   13.357  1.00 14.74 ? 1425 TYR A N   1 
ATOM   932  C  CA  . TYR A 1 134 ? 8.983   7.502   12.652  1.00 14.73 ? 1425 TYR A CA  1 
ATOM   933  C  C   . TYR A 1 134 ? 8.449   8.662   13.471  1.00 15.44 ? 1425 TYR A C   1 
ATOM   934  O  O   . TYR A 1 134 ? 9.144   9.700   13.624  1.00 14.56 ? 1425 TYR A O   1 
ATOM   935  C  CB  . TYR A 1 134 ? 8.382   7.485   11.233  1.00 13.92 ? 1425 TYR A CB  1 
ATOM   936  C  CG  . TYR A 1 134 ? 8.513   8.778   10.500  1.00 14.22 ? 1425 TYR A CG  1 
ATOM   937  C  CD1 . TYR A 1 134 ? 9.715   9.124   9.906   1.00 15.10 ? 1425 TYR A CD1 1 
ATOM   938  C  CD2 . TYR A 1 134 ? 7.477   9.677   10.504  1.00 15.49 ? 1425 TYR A CD2 1 
ATOM   939  C  CE1 . TYR A 1 134 ? 9.841   10.332  9.245   1.00 16.76 ? 1425 TYR A CE1 1 
ATOM   940  C  CE2 . TYR A 1 134 ? 7.582   10.867  9.827   1.00 15.24 ? 1425 TYR A CE2 1 
ATOM   941  C  CZ  . TYR A 1 134 ? 8.777   11.204  9.222   1.00 16.29 ? 1425 TYR A CZ  1 
ATOM   942  O  OH  . TYR A 1 134 ? 8.924   12.396  8.592   1.00 20.96 ? 1425 TYR A OH  1 
ATOM   943  N  N   . LYS A 1 135 ? 7.203   8.595   13.935  1.00 14.68 ? 1426 LYS A N   1 
ATOM   944  C  CA  . LYS A 1 135 ? 6.592   9.754   14.577  1.00 15.37 ? 1426 LYS A CA  1 
ATOM   945  C  C   . LYS A 1 135 ? 7.326   10.019  15.895  1.00 13.97 ? 1426 LYS A C   1 
ATOM   946  O  O   . LYS A 1 135 ? 7.509   11.151  16.229  1.00 14.24 ? 1426 LYS A O   1 
ATOM   947  C  CB  . LYS A 1 135 ? 5.110   9.484   14.823  1.00 16.72 ? 1426 LYS A CB  1 
ATOM   948  C  CG  . LYS A 1 135 ? 4.334   9.329   13.516  1.00 17.74 ? 1426 LYS A CG  1 
ATOM   949  C  CD  . LYS A 1 135 ? 2.870   9.042   13.780  1.00 20.17 ? 1426 LYS A CD  1 
ATOM   950  C  CE  . LYS A 1 135 ? 2.114   8.706   12.512  1.00 24.02 ? 1426 LYS A CE  1 
ATOM   951  N  NZ  . LYS A 1 135 ? 0.771   8.188   12.833  1.00 27.72 ? 1426 LYS A NZ  1 
ATOM   952  N  N   . SER A 1 136 ? 7.764   8.979   16.559  1.00 15.32 ? 1427 SER A N   1 
ATOM   953  C  CA  . SER A 1 136 ? 8.557   9.110   17.803  1.00 16.13 ? 1427 SER A CA  1 
ATOM   954  C  C   . SER A 1 136 ? 9.893   9.773   17.501  1.00 15.84 ? 1427 SER A C   1 
ATOM   955  O  O   . SER A 1 136 ? 10.315  10.678  18.237  1.00 14.80 ? 1427 SER A O   1 
ATOM   956  C  CB  . SER A 1 136 ? 8.796   7.764   18.394  1.00 19.63 ? 1427 SER A CB  1 
ATOM   957  O  OG  . SER A 1 136 ? 9.743   7.857   19.428  1.00 26.75 ? 1427 SER A OG  1 
ATOM   958  N  N   . ALA A 1 137 ? 10.570  9.350   16.454  1.00 16.14 ? 1428 ALA A N   1 
ATOM   959  C  CA  . ALA A 1 137 ? 11.888  9.893   16.078  1.00 16.41 ? 1428 ALA A CA  1 
ATOM   960  C  C   . ALA A 1 137 ? 11.724  11.352  15.735  1.00 15.94 ? 1428 ALA A C   1 
ATOM   961  O  O   . ALA A 1 137 ? 12.567  12.201  16.069  1.00 16.81 ? 1428 ALA A O   1 
ATOM   962  C  CB  . ALA A 1 137 ? 12.464  9.136   14.900  1.00 17.83 ? 1428 ALA A CB  1 
ATOM   963  N  N   . LEU A 1 138 ? 10.650  11.696  15.035  0.50 16.64 ? 1429 LEU A N   1 
ATOM   964  C  CA  . LEU A 1 138 ? 10.436  13.092  14.620  0.50 17.88 ? 1429 LEU A CA  1 
ATOM   965  C  C   . LEU A 1 138 ? 10.087  13.935  15.849  0.50 16.55 ? 1429 LEU A C   1 
ATOM   966  O  O   . LEU A 1 138 ? 10.572  15.072  15.935  0.50 17.34 ? 1429 LEU A O   1 
ATOM   967  C  CB  . LEU A 1 138 ? 9.373   13.132  13.525  0.50 20.02 ? 1429 LEU A CB  1 
ATOM   968  C  CG  . LEU A 1 138 ? 9.513   14.302  12.560  0.50 20.54 ? 1429 LEU A CG  1 
ATOM   969  C  CD1 . LEU A 1 138 ? 10.838  14.260  11.809  0.50 20.91 ? 1429 LEU A CD1 1 
ATOM   970  C  CD2 . LEU A 1 138 ? 8.343   14.304  11.594  0.50 21.03 ? 1429 LEU A CD2 1 
ATOM   971  N  N   . ARG A 1 139 ? 9.299   13.404  16.793  1.00 15.71 ? 1430 ARG A N   1 
ATOM   972  C  CA  . ARG A 1 139 ? 9.028   14.158  18.043  1.00 15.94 ? 1430 ARG A CA  1 
ATOM   973  C  C   . ARG A 1 139 ? 10.360  14.414  18.771  1.00 13.84 ? 1430 ARG A C   1 
ATOM   974  O  O   . ARG A 1 139 ? 10.559  15.513  19.279  1.00 15.93 ? 1430 ARG A O   1 
ATOM   975  C  CB  . ARG A 1 139 ? 8.037   13.434  18.951  1.00 15.46 ? 1430 ARG A CB  1 
ATOM   976  C  CG  . ARG A 1 139 ? 6.603   13.429  18.438  1.00 16.78 ? 1430 ARG A CG  1 
ATOM   977  C  CD  . ARG A 1 139 ? 5.636   12.869  19.452  1.00 17.40 ? 1430 ARG A CD  1 
ATOM   978  N  NE  . ARG A 1 139 ? 5.766   11.468  19.707  1.00 18.42 ? 1430 ARG A NE  1 
ATOM   979  C  CZ  . ARG A 1 139 ? 5.121   10.453  19.111  1.00 16.87 ? 1430 ARG A CZ  1 
ATOM   980  N  NH1 . ARG A 1 139 ? 4.300   10.662  18.097  1.00 19.85 ? 1430 ARG A NH1 1 
ATOM   981  N  NH2 . ARG A 1 139 ? 5.252   9.242   19.580  1.00 17.30 ? 1430 ARG A NH2 1 
ATOM   982  N  N   . PHE A 1 140 ? 11.227  13.418  18.824  1.00 13.84 ? 1431 PHE A N   1 
ATOM   983  C  CA  . PHE A 1 140 ? 12.513  13.583  19.514  1.00 14.97 ? 1431 PHE A CA  1 
ATOM   984  C  C   . PHE A 1 140 ? 13.332  14.653  18.811  1.00 14.95 ? 1431 PHE A C   1 
ATOM   985  O  O   . PHE A 1 140 ? 13.931  15.487  19.433  1.00 15.42 ? 1431 PHE A O   1 
ATOM   986  C  CB  . PHE A 1 140 ? 13.231  12.248  19.553  1.00 14.53 ? 1431 PHE A CB  1 
ATOM   987  C  CG  . PHE A 1 140 ? 14.490  12.302  20.365  1.00 16.22 ? 1431 PHE A CG  1 
ATOM   988  C  CD1 . PHE A 1 140 ? 14.417  12.302  21.758  1.00 19.14 ? 1431 PHE A CD1 1 
ATOM   989  C  CD2 . PHE A 1 140 ? 15.724  12.393  19.772  1.00 16.45 ? 1431 PHE A CD2 1 
ATOM   990  C  CE1 . PHE A 1 140 ? 15.571  12.382  22.526  1.00 18.19 ? 1431 PHE A CE1 1 
ATOM   991  C  CE2 . PHE A 1 140 ? 16.879  12.477  20.544  1.00 19.31 ? 1431 PHE A CE2 1 
ATOM   992  C  CZ  . PHE A 1 140 ? 16.797  12.447  21.914  1.00 19.02 ? 1431 PHE A CZ  1 
ATOM   993  N  N   . HIS A 1 141 ? 13.290  14.627  17.487  1.00 17.36 ? 1432 HIS A N   1 
ATOM   994  C  CA  . HIS A 1 141 ? 14.049  15.604  16.682  1.00 17.78 ? 1432 HIS A CA  1 
ATOM   995  C  C   . HIS A 1 141 ? 13.602  17.015  17.026  1.00 21.36 ? 1432 HIS A C   1 
ATOM   996  O  O   . HIS A 1 141 ? 14.461  17.928  17.078  1.00 25.66 ? 1432 HIS A O   1 
ATOM   997  C  CB  . HIS A 1 141 ? 13.861  15.319  15.205  1.00 18.35 ? 1432 HIS A CB  1 
ATOM   998  C  CG  . HIS A 1 141 ? 14.740  16.213  14.413  1.00 18.84 ? 1432 HIS A CG  1 
ATOM   999  N  ND1 . HIS A 1 141 ? 16.091  15.997  14.357  1.00 17.83 ? 1432 HIS A ND1 1 
ATOM   1000 C  CD2 . HIS A 1 141 ? 14.456  17.242  13.588  1.00 20.68 ? 1432 HIS A CD2 1 
ATOM   1001 C  CE1 . HIS A 1 141 ? 16.639  16.932  13.593  1.00 19.38 ? 1432 HIS A CE1 1 
ATOM   1002 N  NE2 . HIS A 1 141 ? 15.660  17.699  13.099  1.00 20.45 ? 1432 HIS A NE2 1 
ATOM   1003 N  N   . LYS A 1 142 ? 12.303  17.211  17.218  1.00 20.99 ? 1433 LYS A N   1 
ATOM   1004 C  CA  . LYS A 1 142 ? 11.696  18.538  17.444  1.00 25.82 ? 1433 LYS A CA  1 
ATOM   1005 C  C   . LYS A 1 142 ? 11.622  18.885  18.923  1.00 28.83 ? 1433 LYS A C   1 
ATOM   1006 O  O   . LYS A 1 142 ? 11.108  19.956  19.208  1.00 37.90 ? 1433 LYS A O   1 
ATOM   1007 C  CB  . LYS A 1 142 ? 10.301  18.549  16.807  1.00 31.05 ? 1433 LYS A CB  1 
ATOM   1008 C  CG  . LYS A 1 142 ? 10.272  18.327  15.302  1.00 35.57 ? 1433 LYS A CG  1 
ATOM   1009 C  CD  . LYS A 1 142 ? 8.849   18.178  14.777  1.00 40.93 ? 1433 LYS A CD  1 
ATOM   1010 C  CE  . LYS A 1 142 ? 8.717   17.777  13.321  1.00 46.06 ? 1433 LYS A CE  1 
ATOM   1011 N  NZ  . LYS A 1 142 ? 10.018  17.739  12.610  1.00 52.43 ? 1433 LYS A NZ  1 
ATOM   1012 N  N   . ARG A 1 143 ? 12.123  18.043  19.830  1.00 25.71 ? 1434 ARG A N   1 
ATOM   1013 C  CA  . ARG A 1 143 ? 11.956  18.212  21.303  1.00 24.00 ? 1434 ARG A CA  1 
ATOM   1014 C  C   . ARG A 1 143 ? 12.512  19.553  21.813  1.00 26.67 ? 1434 ARG A C   1 
ATOM   1015 O  O   . ARG A 1 143 ? 13.389  20.085  21.150  1.00 35.11 ? 1434 ARG A O   1 
ATOM   1016 C  CB  . ARG A 1 143 ? 12.601  17.055  22.058  1.00 23.61 ? 1434 ARG A CB  1 
ATOM   1017 C  CG  . ARG A 1 143 ? 14.124  17.107  22.035  1.00 22.88 ? 1434 ARG A CG  1 
ATOM   1018 C  CD  . ARG A 1 143 ? 14.721  15.799  22.460  1.00 24.19 ? 1434 ARG A CD  1 
ATOM   1019 N  NE  . ARG A 1 143 ? 16.143  15.910  22.577  1.00 23.06 ? 1434 ARG A NE  1 
ATOM   1020 C  CZ  . ARG A 1 143 ? 17.023  15.893  21.608  1.00 23.32 ? 1434 ARG A CZ  1 
ATOM   1021 N  NH1 . ARG A 1 143 ? 16.649  15.828  20.347  1.00 21.37 ? 1434 ARG A NH1 1 
ATOM   1022 N  NH2 . ARG A 1 143 ? 18.320  15.970  21.902  1.00 26.17 ? 1434 ARG A NH2 1 
HETATM 1023 N  N1  . XZV B 2 .   ? -7.178  -5.914  -10.799 0.42 22.57 ? 1501 XZV A N1  1 
HETATM 1024 C  C4  . XZV B 2 .   ? -1.544  -6.748  -13.065 0.42 27.50 ? 1501 XZV A C4  1 
HETATM 1025 C  C5  . XZV B 2 .   ? -8.623  -6.140  -10.966 0.42 21.60 ? 1501 XZV A C5  1 
HETATM 1026 C  C6  . XZV B 2 .   ? -9.411  -5.024  -10.310 0.42 21.47 ? 1501 XZV A C6  1 
HETATM 1027 C  C7  . XZV B 2 .   ? -9.777  -5.119  -7.806  0.42 19.79 ? 1501 XZV A C7  1 
HETATM 1028 C  C8  . XZV B 2 .   ? -11.032 -5.909  -7.824  0.42 20.17 ? 1501 XZV A C8  1 
HETATM 1029 C  C10 . XZV B 2 .   ? -12.827 -7.079  -7.269  0.42 19.50 ? 1501 XZV A C10 1 
HETATM 1030 C  C13 . XZV B 2 .   ? -6.784  -5.748  -9.393  0.42 21.45 ? 1501 XZV A C13 1 
HETATM 1031 N  N   . XZV B 2 .   ? -5.012  -6.354  -11.494 0.42 24.43 ? 1501 XZV A N   1 
HETATM 1032 C  C   . XZV B 2 .   ? -6.308  -6.225  -11.806 0.42 23.81 ? 1501 XZV A C   1 
HETATM 1033 O  O   . XZV B 2 .   ? -6.687  -6.385  -12.958 0.42 23.56 ? 1501 XZV A O   1 
HETATM 1034 C  C1  . XZV B 2 .   ? -3.955  -6.006  -12.437 0.42 26.22 ? 1501 XZV A C1  1 
HETATM 1035 C  C11 . XZV B 2 .   ? -12.469 -7.405  -8.510  0.42 20.57 ? 1501 XZV A C11 1 
HETATM 1036 C  C12 . XZV B 2 .   ? -7.600  -4.658  -8.736  0.42 22.31 ? 1501 XZV A C12 1 
HETATM 1037 C  C2  . XZV B 2 .   ? -2.877  -7.072  -12.483 0.42 26.86 ? 1501 XZV A C2  1 
HETATM 1038 C  C3  . XZV B 2 .   ? -1.701  -6.885  -11.591 0.42 27.16 ? 1501 XZV A C3  1 
HETATM 1039 C  C9  . XZV B 2 .   ? -11.920 -6.113  -6.820  0.42 19.71 ? 1501 XZV A C9  1 
HETATM 1040 N  N2  . XZV B 2 .   ? -9.031  -4.931  -8.898  0.42 21.28 ? 1501 XZV A N2  1 
HETATM 1041 O  O1  . XZV B 2 .   ? -9.409  -4.707  -6.727  0.42 20.08 ? 1501 XZV A O1  1 
HETATM 1042 O  O2  . XZV B 2 .   ? -11.360 -6.689  -8.915  0.42 18.92 ? 1501 XZV A O2  1 
HETATM 1043 CL CL  . XZV B 2 .   ? -13.076 -8.504  -9.530  0.42 23.17 ? 1501 XZV A CL  1 
HETATM 1044 O  O   . HOH C 3 .   ? -5.118  -9.688  -19.672 1.00 47.61 ? 1601 HOH A O   1 
HETATM 1045 O  O   . HOH C 3 .   ? -9.097  -15.100 -1.977  1.00 31.52 ? 1602 HOH A O   1 
HETATM 1046 O  O   . HOH C 3 .   ? 6.942   -3.794  10.981  1.00 34.06 ? 1603 HOH A O   1 
HETATM 1047 O  O   . HOH C 3 .   ? 10.745  12.820  7.061   1.00 32.14 ? 1604 HOH A O   1 
HETATM 1048 O  O   . HOH C 3 .   ? -13.759 5.049   -18.217 1.00 42.22 ? 1605 HOH A O   1 
HETATM 1049 O  O   . HOH C 3 .   ? -19.301 -1.389  2.278   1.00 32.16 ? 1606 HOH A O   1 
HETATM 1050 O  O   . HOH C 3 .   ? 9.542   19.109  4.948   1.00 35.65 ? 1607 HOH A O   1 
HETATM 1051 O  O   . HOH C 3 .   ? -5.120  -7.311  -21.297 1.00 42.01 ? 1608 HOH A O   1 
HETATM 1052 O  O   . HOH C 3 .   ? 7.558   -16.196 -4.062  1.00 20.62 ? 1609 HOH A O   1 
HETATM 1053 O  O   . HOH C 3 .   ? 11.522  6.834   23.103  1.00 44.31 ? 1610 HOH A O   1 
HETATM 1054 O  O   . HOH C 3 .   ? -19.409 -0.260  -14.448 1.00 24.48 ? 1611 HOH A O   1 
HETATM 1055 O  O   . HOH C 3 .   ? -18.133 1.375   -5.818  1.00 20.91 ? 1612 HOH A O   1 
HETATM 1056 O  O   . HOH C 3 .   ? 13.914  -7.502  1.514   1.00 36.84 ? 1613 HOH A O   1 
HETATM 1057 O  O   . HOH C 3 .   ? 5.567   -7.357  -10.119 1.00 43.81 ? 1614 HOH A O   1 
HETATM 1058 O  O   . HOH C 3 .   ? 1.379   4.432   -11.607 1.00 34.58 ? 1615 HOH A O   1 
HETATM 1059 O  O   . HOH C 3 .   ? -2.443  -8.500  13.525  1.00 29.73 ? 1616 HOH A O   1 
HETATM 1060 O  O   . HOH C 3 .   ? 4.044   13.290  6.184   1.00 30.14 ? 1617 HOH A O   1 
HETATM 1061 O  O   . HOH C 3 .   ? -18.288 -2.407  -4.260  1.00 19.08 ? 1618 HOH A O   1 
HETATM 1062 O  O   . HOH C 3 .   ? -18.322 -4.025  -14.918 1.00 34.68 ? 1619 HOH A O   1 
HETATM 1063 O  O   . HOH C 3 .   ? 2.070   9.354   -4.187  1.00 36.54 ? 1620 HOH A O   1 
HETATM 1064 O  O   . HOH C 3 .   ? -8.955  -2.082  -7.471  1.00 16.22 ? 1621 HOH A O   1 
HETATM 1065 O  O   . HOH C 3 .   ? -2.728  7.164   -9.899  1.00 30.16 ? 1622 HOH A O   1 
HETATM 1066 O  O   . HOH C 3 .   ? -2.166  1.832   -10.489 1.00 17.93 ? 1623 HOH A O   1 
HETATM 1067 O  O   . HOH C 3 .   ? -12.445 1.113   -21.192 1.00 27.01 ? 1624 HOH A O   1 
HETATM 1068 O  O   . HOH C 3 .   ? -1.009  -3.375  -15.950 1.00 35.80 ? 1625 HOH A O   1 
HETATM 1069 O  O   . HOH C 3 .   ? -15.403 -4.646  -15.863 1.00 55.27 ? 1626 HOH A O   1 
HETATM 1070 O  O   . HOH C 3 .   ? -4.841  -1.046  4.774   1.00 17.18 ? 1627 HOH A O   1 
HETATM 1071 O  O   . HOH C 3 .   ? 3.916   -0.860  -13.137 1.00 42.22 ? 1628 HOH A O   1 
HETATM 1072 O  O   . HOH C 3 .   ? -11.403 8.129   -13.562 1.00 32.90 ? 1629 HOH A O   1 
HETATM 1073 O  O   . HOH C 3 .   ? -12.591 2.810   -17.633 1.00 31.36 ? 1630 HOH A O   1 
HETATM 1074 O  O   . HOH C 3 .   ? -1.513  -0.198  11.132  1.00 19.86 ? 1631 HOH A O   1 
HETATM 1075 O  O   . HOH C 3 .   ? -1.428  -12.147 -13.664 1.00 40.84 ? 1632 HOH A O   1 
HETATM 1076 O  O   . HOH C 3 .   ? 15.815  7.062   -3.412  1.00 19.02 ? 1633 HOH A O   1 
HETATM 1077 O  O   . HOH C 3 .   ? -14.561 -14.333 0.136   1.00 34.72 ? 1634 HOH A O   1 
HETATM 1078 O  O   . HOH C 3 .   ? -16.968 -4.085  4.553   1.00 29.56 ? 1635 HOH A O   1 
HETATM 1079 O  O   . HOH C 3 .   ? 4.732   -16.053 -4.036  1.00 27.46 ? 1636 HOH A O   1 
HETATM 1080 O  O   . HOH C 3 .   ? -17.042 5.375   -7.687  1.00 50.62 ? 1637 HOH A O   1 
HETATM 1081 O  O   . HOH C 3 .   ? -22.702 -7.675  -4.081  1.00 19.17 ? 1638 HOH A O   1 
HETATM 1082 O  O   . HOH C 3 .   ? 6.927   14.168  8.334   1.00 26.19 ? 1639 HOH A O   1 
HETATM 1083 O  O   . HOH C 3 .   ? -10.489 4.219   -3.238  1.00 19.18 ? 1640 HOH A O   1 
HETATM 1084 O  O   . HOH C 3 .   ? -4.423  -1.956  -7.564  1.00 20.22 ? 1641 HOH A O   1 
HETATM 1085 O  O   . HOH C 3 .   ? 15.286  11.880  16.220  1.00 17.79 ? 1642 HOH A O   1 
HETATM 1086 O  O   . HOH C 3 .   ? 16.980  13.954  15.868  1.00 16.19 ? 1643 HOH A O   1 
HETATM 1087 O  O   . HOH C 3 .   ? -8.694  11.132  -11.750 1.00 40.57 ? 1644 HOH A O   1 
HETATM 1088 O  O   . HOH C 3 .   ? 6.315   -10.791 -6.755  1.00 30.15 ? 1645 HOH A O   1 
HETATM 1089 O  O   . HOH C 3 .   ? -11.840 -10.803 -12.063 1.00 40.54 ? 1646 HOH A O   1 
HETATM 1090 O  O   . HOH C 3 .   ? 16.032  3.893   5.665   1.00 15.18 ? 1647 HOH A O   1 
HETATM 1091 O  O   . HOH C 3 .   ? -9.870  -3.732  0.408   1.00 15.56 ? 1648 HOH A O   1 
HETATM 1092 O  O   . HOH C 3 .   ? 3.254   -10.213 12.849  1.00 29.82 ? 1649 HOH A O   1 
HETATM 1093 O  O   . HOH C 3 .   ? -15.221 -10.591 2.679   1.00 29.76 ? 1650 HOH A O   1 
HETATM 1094 O  O   . HOH C 3 .   ? -6.019  0.645   -8.394  1.00 16.39 ? 1651 HOH A O   1 
HETATM 1095 O  O   . HOH C 3 .   ? 17.121  18.330  16.758  1.00 43.87 ? 1652 HOH A O   1 
HETATM 1096 O  O   . HOH C 3 .   ? -3.089  -11.600 6.136   1.00 22.77 ? 1653 HOH A O   1 
HETATM 1097 O  O   . HOH C 3 .   ? 15.760  1.090   8.499   1.00 25.82 ? 1654 HOH A O   1 
HETATM 1098 O  O   . HOH C 3 .   ? 0.109   -11.707 9.348   1.00 18.87 ? 1655 HOH A O   1 
HETATM 1099 O  O   . HOH C 3 .   ? -8.435  -6.476  6.477   1.00 24.59 ? 1656 HOH A O   1 
HETATM 1100 O  O   . HOH C 3 .   ? 8.707   17.002  20.606  1.00 35.87 ? 1657 HOH A O   1 
HETATM 1101 O  O   . HOH C 3 .   ? 9.938   -9.842  -2.900  1.00 25.38 ? 1658 HOH A O   1 
HETATM 1102 O  O   . HOH C 3 .   ? 9.950   -3.728  7.522   1.00 28.01 ? 1659 HOH A O   1 
HETATM 1103 O  O   . HOH C 3 .   ? 11.797  4.946   -8.893  1.00 29.42 ? 1660 HOH A O   1 
HETATM 1104 O  O   . HOH C 3 .   ? -5.706  6.492   0.987   1.00 16.98 ? 1661 HOH A O   1 
HETATM 1105 O  O   . HOH C 3 .   ? -8.023  5.251   0.569   1.00 18.31 ? 1662 HOH A O   1 
HETATM 1106 O  O   . HOH C 3 .   ? -3.744  -3.604  -9.512  1.00 16.49 ? 1663 HOH A O   1 
HETATM 1107 O  O   . HOH C 3 .   ? -1.220  8.026   6.199   1.00 22.61 ? 1664 HOH A O   1 
HETATM 1108 O  O   . HOH C 3 .   ? -7.282  -9.856  -13.393 1.00 21.91 ? 1665 HOH A O   1 
HETATM 1109 O  O   . HOH C 3 .   ? -19.494 2.086   -16.099 1.00 30.78 ? 1666 HOH A O   1 
HETATM 1110 O  O   . HOH C 3 .   ? 14.341  10.310  -8.317  1.00 27.48 ? 1667 HOH A O   1 
HETATM 1111 O  O   . HOH C 3 .   ? -8.729  -2.831  4.800   1.00 27.21 ? 1668 HOH A O   1 
HETATM 1112 O  O   . HOH C 3 .   ? 5.933   13.033  14.979  1.00 22.48 ? 1669 HOH A O   1 
HETATM 1113 O  O   . HOH C 3 .   ? 7.548   11.160  21.791  1.00 20.99 ? 1670 HOH A O   1 
HETATM 1114 O  O   . HOH C 3 .   ? -4.004  -6.050  10.875  1.00 28.49 ? 1671 HOH A O   1 
HETATM 1115 O  O   . HOH C 3 .   ? -16.176 -11.323 -8.354  1.00 40.65 ? 1672 HOH A O   1 
HETATM 1116 O  O   . HOH C 3 .   ? 3.100   0.663   17.079  1.00 21.82 ? 1673 HOH A O   1 
HETATM 1117 O  O   . HOH C 3 .   ? -8.104  1.446   2.596   1.00 15.33 ? 1674 HOH A O   1 
HETATM 1118 O  O   . HOH C 3 .   ? -6.630  -1.903  -6.149  1.00 20.33 ? 1675 HOH A O   1 
HETATM 1119 O  O   . HOH C 3 .   ? 0.985   -5.237  14.696  1.00 32.07 ? 1676 HOH A O   1 
HETATM 1120 O  O   . HOH C 3 .   ? -13.715 -14.034 1.576   1.00 34.88 ? 1677 HOH A O   1 
HETATM 1121 O  O   . HOH C 3 .   ? -2.356  5.827   9.903   1.00 36.03 ? 1678 HOH A O   1 
HETATM 1122 O  O   . HOH C 3 .   ? 0.564   9.668   -0.527  1.00 22.88 ? 1679 HOH A O   1 
HETATM 1123 O  O   . HOH C 3 .   ? 10.779  8.051   -0.935  1.00 13.88 ? 1680 HOH A O   1 
HETATM 1124 O  O   . HOH C 3 .   ? -6.099  12.054  2.271   1.00 30.19 ? 1681 HOH A O   1 
HETATM 1125 O  O   . HOH C 3 .   ? -4.498  -15.944 -2.909  1.00 30.33 ? 1682 HOH A O   1 
HETATM 1126 O  O   . HOH C 3 .   ? 1.165   3.081   14.367  1.00 21.85 ? 1683 HOH A O   1 
HETATM 1127 O  O   . HOH C 3 .   ? 4.218   -3.279  13.491  1.00 24.04 ? 1684 HOH A O   1 
HETATM 1128 O  O   . HOH C 3 .   ? 10.877  -2.976  -2.014  1.00 29.37 ? 1685 HOH A O   1 
HETATM 1129 O  O   . HOH C 3 .   ? 13.135  5.203   13.767  1.00 23.43 ? 1686 HOH A O   1 
HETATM 1130 O  O   . HOH C 3 .   ? -3.291  -9.984  -11.817 1.00 30.27 ? 1687 HOH A O   1 
HETATM 1131 O  O   . HOH C 3 .   ? 2.632   6.970   -5.828  1.00 28.97 ? 1688 HOH A O   1 
HETATM 1132 O  O   . HOH C 3 .   ? 10.299  4.086   11.213  1.00 15.01 ? 1689 HOH A O   1 
HETATM 1133 O  O   . HOH C 3 .   ? -3.189  8.689   -2.230  1.00 29.65 ? 1690 HOH A O   1 
HETATM 1134 O  O   . HOH C 3 .   ? -9.829  -14.716 3.796   1.00 17.35 ? 1691 HOH A O   1 
HETATM 1135 O  O   . HOH C 3 .   ? -13.499 1.793   -0.738  1.00 23.26 ? 1692 HOH A O   1 
HETATM 1136 O  O   . HOH C 3 .   ? 13.193  -6.519  -4.190  1.00 37.56 ? 1693 HOH A O   1 
HETATM 1137 O  O   . HOH C 3 .   ? -5.242  0.977   -13.501 1.00 24.72 ? 1694 HOH A O   1 
HETATM 1138 O  O   . HOH C 3 .   ? -10.370 -12.041 3.170   1.00 18.02 ? 1695 HOH A O   1 
HETATM 1139 O  O   . HOH C 3 .   ? 1.994   -14.567 -6.648  1.00 55.57 ? 1696 HOH A O   1 
HETATM 1140 O  O   . HOH C 3 .   ? 11.284  15.525  6.247   0.50 29.59 ? 1697 HOH A O   1 
HETATM 1141 O  O   . HOH C 3 .   ? -3.140  -17.886 -3.720  1.00 38.17 ? 1698 HOH A O   1 
HETATM 1142 O  O   . HOH C 3 .   ? 4.377   11.108  -3.319  1.00 26.58 ? 1699 HOH A O   1 
HETATM 1143 O  O   . HOH C 3 .   ? 7.723   8.718   -8.242  1.00 50.88 ? 1700 HOH A O   1 
HETATM 1144 O  O   . HOH C 3 .   ? 17.566  7.109   0.296   1.00 21.20 ? 1701 HOH A O   1 
HETATM 1145 O  O   . HOH C 3 .   ? -4.424  0.377   -10.817 1.00 19.05 ? 1702 HOH A O   1 
HETATM 1146 O  O   . HOH C 3 .   ? 6.334   6.681   -9.001  1.00 34.10 ? 1703 HOH A O   1 
HETATM 1147 O  O   . HOH C 3 .   ? 3.134   8.260   -6.938  1.00 30.45 ? 1704 HOH A O   1 
HETATM 1148 O  O   . HOH C 3 .   ? -2.057  -14.950 -6.577  1.00 24.58 ? 1705 HOH A O   1 
HETATM 1149 O  O   . HOH C 3 .   ? 5.895   -12.617 2.247   1.00 32.89 ? 1706 HOH A O   1 
HETATM 1150 O  O   . HOH C 3 .   ? -9.681  6.153   -6.360  1.00 19.40 ? 1707 HOH A O   1 
HETATM 1151 O  O   . HOH C 3 .   ? 15.766  8.371   25.003  1.00 43.85 ? 1708 HOH A O   1 
HETATM 1152 O  O   . HOH C 3 .   ? -6.588  12.875  -0.363  1.00 30.75 ? 1709 HOH A O   1 
HETATM 1153 O  O   . HOH C 3 .   ? 9.700   0.077   12.768  1.00 28.86 ? 1710 HOH A O   1 
HETATM 1154 O  O   . HOH C 3 .   ? 3.685   12.998  16.552  1.00 24.20 ? 1711 HOH A O   1 
HETATM 1155 O  O   . HOH C 3 .   ? 12.794  2.516   13.529  1.00 24.56 ? 1712 HOH A O   1 
HETATM 1156 O  O   . HOH C 3 .   ? 10.026  10.959  21.078  1.00 16.79 ? 1713 HOH A O   1 
HETATM 1157 O  O   . HOH C 3 .   ? 16.180  4.414   15.608  1.00 30.35 ? 1714 HOH A O   1 
HETATM 1158 O  O   . HOH C 3 .   ? 3.769   -18.408 -5.184  1.00 22.73 ? 1715 HOH A O   1 
HETATM 1159 O  O   . HOH C 3 .   ? -6.861  -4.283  7.544   1.00 22.38 ? 1716 HOH A O   1 
HETATM 1160 O  O   . HOH C 3 .   ? 12.900  -1.546  -2.820  1.00 37.69 ? 1717 HOH A O   1 
HETATM 1161 O  O   . HOH C 3 .   ? -2.024  -11.662 2.812   1.00 23.60 ? 1718 HOH A O   1 
HETATM 1162 O  O   . HOH C 3 .   ? 16.168  5.875   -7.643  1.00 39.63 ? 1719 HOH A O   1 
HETATM 1163 O  O   . HOH C 3 .   ? -12.693 -3.079  4.356   1.00 26.71 ? 1720 HOH A O   1 
HETATM 1164 O  O   . HOH C 3 .   ? -12.416 -11.381 -7.978  1.00 18.02 ? 1721 HOH A O   1 
HETATM 1165 O  O   . HOH C 3 .   ? 11.772  -8.343  2.997   1.00 27.14 ? 1722 HOH A O   1 
HETATM 1166 O  O   . HOH C 3 .   ? 14.737  13.202  6.609   1.00 23.95 ? 1723 HOH A O   1 
HETATM 1167 O  O   . HOH C 3 .   ? 3.927   -14.700 -5.652  1.00 35.38 ? 1724 HOH A O   1 
HETATM 1168 O  O   . HOH C 3 .   ? 11.936  6.348   10.629  1.00 15.08 ? 1725 HOH A O   1 
HETATM 1169 O  O   . HOH C 3 .   ? 4.077   -10.841 -10.446 1.00 28.07 ? 1726 HOH A O   1 
HETATM 1170 O  O   . HOH C 3 .   ? 4.037   1.324   -11.920 1.00 43.97 ? 1727 HOH A O   1 
HETATM 1171 O  O   . HOH C 3 .   ? -2.471  4.043   11.340  1.00 27.90 ? 1728 HOH A O   1 
HETATM 1172 O  O   . HOH C 3 .   ? -1.513  9.230   -4.793  1.00 39.68 ? 1729 HOH A O   1 
HETATM 1173 O  O   . HOH C 3 .   ? 2.262   -16.265 -0.275  1.00 31.32 ? 1730 HOH A O   1 
HETATM 1174 O  O   . HOH C 3 .   ? 0.910   -8.608  -11.835 1.00 37.26 ? 1731 HOH A O   1 
HETATM 1175 O  O   . HOH C 3 .   ? -14.399 -6.968  -16.454 1.00 46.20 ? 1732 HOH A O   1 
HETATM 1176 O  O   . HOH C 3 .   ? 16.769  3.305   1.081   1.00 37.52 ? 1733 HOH A O   1 
HETATM 1177 O  O   . HOH C 3 .   ? 16.013  -2.651  1.270   1.00 42.76 ? 1734 HOH A O   1 
HETATM 1178 O  O   . HOH C 3 .   ? 14.760  7.980   4.581   1.00 17.28 ? 1735 HOH A O   1 
HETATM 1179 O  O   . HOH C 3 .   ? 8.136   -3.583  -8.649  1.00 32.78 ? 1736 HOH A O   1 
HETATM 1180 O  O   . HOH C 3 .   ? 13.585  10.312  5.502   1.00 25.02 ? 1737 HOH A O   1 
HETATM 1181 O  O   . HOH C 3 .   ? -12.437 6.365   -6.682  1.00 27.67 ? 1738 HOH A O   1 
HETATM 1182 O  O   . HOH C 3 .   ? -3.702  6.879   5.416   1.00 17.89 ? 1739 HOH A O   1 
HETATM 1183 O  O   . HOH C 3 .   ? 3.307   -2.381  16.323  1.00 31.29 ? 1740 HOH A O   1 
HETATM 1184 O  O   . HOH C 3 .   ? -5.850  -19.557 -7.048  1.00 30.44 ? 1741 HOH A O   1 
HETATM 1185 O  O   . HOH C 3 .   ? 17.930  5.109   8.179   1.00 20.44 ? 1742 HOH A O   1 
HETATM 1186 O  O   . HOH C 3 .   ? 12.592  5.360   16.763  1.00 46.53 ? 1743 HOH A O   1 
HETATM 1187 O  O   . HOH C 3 .   ? -5.535  -20.073 -4.075  1.00 42.97 ? 1744 HOH A O   1 
HETATM 1188 O  O   . HOH C 3 .   ? -17.159 -3.603  -0.927  1.00 29.95 ? 1745 HOH A O   1 
HETATM 1189 O  O   . HOH C 3 .   ? 8.747   -16.120 0.140   1.00 41.37 ? 1746 HOH A O   1 
HETATM 1190 O  O   . HOH C 3 .   ? -15.736 -6.509  3.742   1.00 32.47 ? 1747 HOH A O   1 
HETATM 1191 O  O   . HOH C 3 .   ? 8.537   -0.914  -8.748  1.00 33.25 ? 1748 HOH A O   1 
HETATM 1192 O  O   . HOH C 3 .   ? -4.222  -0.545  -17.962 1.00 50.83 ? 1749 HOH A O   1 
HETATM 1193 O  O   . HOH C 3 .   ? 2.423   -12.613 -11.751 1.00 47.80 ? 1750 HOH A O   1 
HETATM 1194 O  O   . HOH C 3 .   ? 3.917   -8.272  -11.286 1.00 34.39 ? 1751 HOH A O   1 
HETATM 1195 O  O   . HOH C 3 .   ? -0.731  9.722   10.441  1.00 35.96 ? 1752 HOH A O   1 
HETATM 1196 O  O   . HOH C 3 .   ? -19.510 6.173   -14.047 1.00 38.00 ? 1753 HOH A O   1 
HETATM 1197 O  O   . HOH C 3 .   ? -3.236  -17.002 -5.731  1.00 37.97 ? 1754 HOH A O   1 
HETATM 1198 O  O   . HOH C 3 .   ? 6.227   -13.509 -7.143  1.00 30.90 ? 1755 HOH A O   1 
HETATM 1199 O  O   . HOH C 3 .   ? -10.451 0.085   2.204   1.00 16.46 ? 1756 HOH A O   1 
HETATM 1200 O  O   . HOH C 3 .   ? 5.957   -13.083 -9.653  1.00 32.38 ? 1757 HOH A O   1 
HETATM 1201 O  O   . HOH C 3 .   ? 0.197   11.428  4.627   1.00 33.90 ? 1758 HOH A O   1 
HETATM 1202 O  O   . HOH C 3 .   ? 10.928  13.374  22.373  1.00 18.06 ? 1759 HOH A O   1 
HETATM 1203 O  O   . HOH C 3 .   ? 7.037   15.527  14.988  1.00 34.71 ? 1760 HOH A O   1 
HETATM 1204 O  O   . HOH C 3 .   ? -1.673  -16.416 0.220   1.00 32.53 ? 1761 HOH A O   1 
HETATM 1205 O  O   . HOH C 3 .   ? -13.047 -12.021 3.160   1.00 25.14 ? 1762 HOH A O   1 
HETATM 1206 O  O   . HOH C 3 .   ? -7.800  -10.675 7.171   1.00 26.44 ? 1763 HOH A O   1 
HETATM 1207 O  O   . HOH C 3 .   ? 9.193   15.627  22.874  1.00 35.76 ? 1764 HOH A O   1 
HETATM 1208 O  O   . HOH C 3 .   ? -16.194 1.391   -0.969  1.00 30.70 ? 1765 HOH A O   1 
HETATM 1209 O  O   . HOH C 3 .   ? -17.226 3.919   -5.889  1.00 47.59 ? 1766 HOH A O   1 
HETATM 1210 O  O   . HOH C 3 .   ? -7.207  0.215   4.849   1.00 22.58 ? 1767 HOH A O   1 
HETATM 1211 O  O   . HOH C 3 .   ? 14.255  -9.736  -1.067  1.00 31.21 ? 1768 HOH A O   1 
HETATM 1212 O  O   . HOH C 3 .   ? -19.866 6.111   -16.641 1.00 38.51 ? 1769 HOH A O   1 
HETATM 1213 O  O   . HOH C 3 .   ? -0.571  7.127   8.615   1.00 31.27 ? 1770 HOH A O   1 
HETATM 1214 O  O   . HOH C 3 .   ? -7.526  10.712  0.200   1.00 32.84 ? 1771 HOH A O   1 
HETATM 1215 O  O   . HOH C 3 .   ? -0.884  2.085   12.597  1.00 19.44 ? 1772 HOH A O   1 
HETATM 1216 O  O   . HOH C 3 .   ? -15.915 -8.730  4.059   1.00 36.60 ? 1773 HOH A O   1 
HETATM 1217 O  O   . HOH C 3 .   ? 17.228  4.452   3.226   1.00 24.59 ? 1774 HOH A O   1 
HETATM 1218 O  O   . HOH C 3 .   ? -0.113  -15.249 -8.006  1.00 54.91 ? 1775 HOH A O   1 
HETATM 1219 O  O   . HOH C 3 .   ? -10.010 -10.926 5.794   1.00 26.99 ? 1776 HOH A O   1 
HETATM 1220 O  O   . HOH C 3 .   ? 17.832  2.428   7.422   1.00 29.16 ? 1777 HOH A O   1 
HETATM 1221 O  O   . HOH C 3 .   ? -1.610  3.682   -12.480 1.00 31.28 ? 1778 HOH A O   1 
HETATM 1222 O  O   . HOH C 3 .   ? -5.876  8.577   -0.806  1.00 27.00 ? 1779 HOH A O   1 
HETATM 1223 O  O   . HOH C 3 .   ? -10.489 -2.634  2.805   1.00 16.30 ? 1780 HOH A O   1 
HETATM 1224 O  O   . HOH C 3 .   ? -3.904  2.815   -14.590 1.00 39.31 ? 1781 HOH A O   1 
HETATM 1225 O  O   . HOH C 3 .   ? -13.090 -4.765  6.173   1.00 37.45 ? 1782 HOH A O   1 
HETATM 1226 O  O   . HOH C 3 .   ? 6.803   17.163  17.295  1.00 40.52 ? 1783 HOH A O   1 
HETATM 1227 O  O   . HOH C 3 .   ? 4.701   15.091  22.232  1.00 37.40 ? 1784 HOH A O   1 
HETATM 1228 O  O   . HOH C 3 .   ? 1.495   8.028   -8.305  1.00 39.43 ? 1785 HOH A O   1 
HETATM 1229 O  O   . HOH C 3 .   ? 5.248   14.665  10.331  1.00 27.61 ? 1786 HOH A O   1 
HETATM 1230 O  O   . HOH C 3 .   ? 17.574  7.696   3.486   0.50 13.66 ? 1787 HOH A O   1 
HETATM 1231 O  O   . HOH C 3 .   ? 3.461   15.249  17.970  1.00 42.44 ? 1788 HOH A O   1 
HETATM 1232 O  O   . HOH C 3 .   ? -6.269  -4.210  10.014  1.00 31.80 ? 1789 HOH A O   1 
HETATM 1233 O  O   . HOH C 3 .   ? -10.929 -6.501  7.118   1.00 34.76 ? 1790 HOH A O   1 
HETATM 1234 O  O   . HOH C 3 .   ? 4.966   12.659  12.210  1.00 26.92 ? 1791 HOH A O   1 
# 
